data_2W6T
#
_entry.id   2W6T
#
_cell.length_a   194.557
_cell.length_b   129.126
_cell.length_c   141.817
_cell.angle_alpha   90.00
_cell.angle_beta   131.65
_cell.angle_gamma   90.00
#
_symmetry.space_group_name_H-M   'C 1 2 1'
#
loop_
_entity.id
_entity.type
_entity.pdbx_description
1 polymer 'FERRIPYOVERDINE RECEPTOR'
2 polymer PYOVERDINE
3 non-polymer 3,6,9,12,15-PENTAOXATRICOSAN-1-OL
4 non-polymer 'PHOSPHATE ION'
5 non-polymer (1S)-1-CARBOXY-5-[(3-CARBOXYPROPANOYL)AMINO]-8,9-DIHYDROXY-1,2,3,4-TETRAHYDROPYRIMIDO[1,2-A]QUINOLIN-11-IUM
6 non-polymer 'FE (III) ION'
#
loop_
_entity_poly.entity_id
_entity_poly.type
_entity_poly.pdbx_seq_one_letter_code
_entity_poly.pdbx_strand_id
1 'polypeptide(L)'
;QEVEFDIPPQALGSALQEFGRQADIQVLYRPEEVRNKRSSAIKGKLEPNQAITELLRGTGASVDFQGNAITISVAEAADS
SVDLGATMITSNQLGTITEDSGSYTPGTIATATRLVLTPRETPQSITVVTRQNMDDFGLNNIDDVMRHTPGITVSAYDTD
RNNYYARGFSINNFQYDGIPSTARNVGYSAGNTLSDMAIYDRVEVLKGATGLLTGAGSLGATINLIRKKPTHEFKGHVEL
GAGSWDNYRSELDVSGPLTESGNVRGRAVAAYQDKHSFMDHYERKTSVYYGILEFDLNPDTMLTVGADYQDNDPKGSGWS
GSFPLFDSQGNRNDVSRSFNNGAKWSSWEQYTRTVFANLEHNFANGWVGKVQLDHKINGYHAPLGAIMGDWPAPDNSAKI
VAQKYTGETKSNSLDIYLTGPFQFLGREHELVVGTSASFSHWEGKSYWNLRNYDNTTDDFINWDGDIGKPDWGTPSQYID
DKTRQLGSYMTARFNVTDDLNLFLGGRVVDYRVTGLNPTIRESGRFIPYVGAVYDLNDTYSVYASYTDIFMPQDSWYRDS
SNKLLEPDEGQNYEIGIKGEYLDGRLNTSLAYFEIHEENRAEEDALYNSKPTNPAITYAYKGIKAKTKGYEAEISGELAP
GWQVQAGYTHKIIRDDSGKKVSTWEPQDQLSLYTSYKFKGALDKLTVGGGARWQGKSWQMVYNNPRSRWEKFSQEDYWLV
DLMARYQITDKLSASVNVNNVFDKTYYTNIGFYTSASYGDPRNLMFSTRWDF
;
A,B
2 'polypeptide(L)' (DSN)KG(FHO)S(DSN)G(ORN)(FH7)S C
#
loop_
_chem_comp.id
_chem_comp.type
_chem_comp.name
_chem_comp.formula
FE non-polymer 'FE (III) ION' 'Fe 3'
N8E non-polymer 3,6,9,12,15-PENTAOXATRICOSAN-1-OL 'C18 H38 O6'
PO4 non-polymer 'PHOSPHATE ION' 'O4 P -3'
PVE non-polymer (1S)-1-CARBOXY-5-[(3-CARBOXYPROPANOYL)AMINO]-8,9-DIHYDROXY-1,2,3,4-TETRAHYDROPYRIMIDO[1,2-A]QUINOLIN-11-IUM 'C17 H18 N3 O7 1'
#
# COMPACT_ATOMS: atom_id res chain seq x y z
N GLN A 1 -21.66 14.50 0.88
CA GLN A 1 -22.98 13.77 0.88
C GLN A 1 -23.93 14.13 2.07
N GLU A 2 -25.09 13.46 2.08
CA GLU A 2 -26.18 13.69 3.02
C GLU A 2 -25.84 13.83 4.52
N VAL A 3 -26.42 14.83 5.14
CA VAL A 3 -26.14 15.24 6.53
C VAL A 3 -27.48 15.36 7.27
N GLU A 4 -27.47 15.04 8.57
CA GLU A 4 -28.62 15.24 9.48
C GLU A 4 -28.84 16.73 9.92
N PHE A 5 -29.95 17.35 9.52
CA PHE A 5 -30.15 18.76 9.83
C PHE A 5 -31.38 19.00 10.71
N ASP A 6 -31.34 20.04 11.53
CA ASP A 6 -32.50 20.46 12.30
C ASP A 6 -32.29 21.88 12.78
N ILE A 7 -32.61 22.84 11.91
CA ILE A 7 -32.51 24.26 12.24
C ILE A 7 -33.88 24.91 12.08
N PRO A 8 -34.47 25.38 13.20
CA PRO A 8 -35.80 25.98 13.07
C PRO A 8 -35.71 27.44 12.63
N PRO A 9 -36.87 28.04 12.26
CA PRO A 9 -36.90 29.41 11.73
C PRO A 9 -36.56 30.38 12.84
N GLN A 10 -35.53 31.18 12.61
CA GLN A 10 -34.99 32.09 13.64
C GLN A 10 -34.36 33.25 12.87
N ALA A 11 -33.62 34.12 13.55
CA ALA A 11 -32.80 35.11 12.90
C ALA A 11 -31.85 34.50 11.82
N LEU A 12 -31.71 35.13 10.64
CA LEU A 12 -30.86 34.56 9.61
C LEU A 12 -29.42 34.37 10.08
N GLY A 13 -28.88 35.35 10.83
CA GLY A 13 -27.61 35.19 11.53
C GLY A 13 -27.48 33.86 12.27
N SER A 14 -28.27 33.64 13.34
CA SER A 14 -28.21 32.36 14.08
C SER A 14 -28.30 31.14 13.19
N ALA A 15 -29.20 31.20 12.21
CA ALA A 15 -29.52 30.05 11.41
C ALA A 15 -28.23 29.68 10.64
N LEU A 16 -27.62 30.69 10.03
CA LEU A 16 -26.39 30.53 9.34
C LEU A 16 -25.27 30.00 10.22
N GLN A 17 -25.20 30.44 11.45
CA GLN A 17 -24.18 29.91 12.33
C GLN A 17 -24.46 28.45 12.67
N GLU A 18 -25.70 28.12 13.01
CA GLU A 18 -26.14 26.76 13.35
C GLU A 18 -25.93 25.91 12.10
N PHE A 19 -26.01 26.50 10.91
CA PHE A 19 -25.77 25.71 9.69
C PHE A 19 -24.33 25.21 9.55
N GLY A 20 -23.38 26.14 9.59
CA GLY A 20 -21.97 25.81 9.43
C GLY A 20 -21.60 24.74 10.44
N ARG A 21 -22.28 24.83 11.59
CA ARG A 21 -22.00 23.95 12.67
C ARG A 21 -22.49 22.59 12.28
N GLN A 22 -23.75 22.53 11.86
CA GLN A 22 -24.38 21.25 11.60
C GLN A 22 -23.80 20.59 10.36
N ALA A 23 -23.12 21.39 9.56
CA ALA A 23 -22.77 20.94 8.24
C ALA A 23 -21.27 20.69 8.08
N ASP A 24 -20.52 21.01 9.13
CA ASP A 24 -19.06 21.04 9.09
C ASP A 24 -18.57 21.91 7.93
N ILE A 25 -19.02 23.17 7.89
CA ILE A 25 -18.68 24.06 6.79
C ILE A 25 -18.54 25.51 7.27
N GLN A 26 -17.58 26.27 6.71
CA GLN A 26 -17.53 27.68 7.07
C GLN A 26 -18.51 28.47 6.27
N VAL A 27 -19.30 29.28 6.99
CA VAL A 27 -20.35 30.09 6.35
C VAL A 27 -20.01 31.56 6.51
N LEU A 28 -19.80 32.30 5.42
CA LEU A 28 -19.47 33.74 5.53
C LEU A 28 -20.62 34.60 4.99
N TYR A 29 -21.01 35.58 5.81
CA TYR A 29 -22.15 36.45 5.49
C TYR A 29 -21.91 37.87 6.02
N ARG A 30 -22.57 38.81 5.38
CA ARG A 30 -22.47 40.22 5.68
C ARG A 30 -23.53 40.60 6.71
N PRO A 31 -23.08 41.02 7.90
CA PRO A 31 -23.97 41.45 8.99
C PRO A 31 -25.17 42.34 8.52
N GLU A 32 -24.89 43.46 7.85
CA GLU A 32 -25.93 44.38 7.42
C GLU A 32 -26.88 43.81 6.36
N GLU A 33 -26.57 42.64 5.81
CA GLU A 33 -27.47 42.00 4.84
C GLU A 33 -28.43 41.02 5.48
N VAL A 34 -27.99 40.26 6.49
CA VAL A 34 -28.92 39.34 7.16
C VAL A 34 -29.73 39.93 8.34
N ARG A 35 -29.48 41.20 8.66
CA ARG A 35 -30.18 41.87 9.76
C ARG A 35 -31.64 41.82 9.40
N ASN A 36 -32.45 41.26 10.29
CA ASN A 36 -33.93 41.34 10.17
C ASN A 36 -34.47 40.36 9.16
N LYS A 37 -33.73 39.29 8.93
CA LYS A 37 -34.19 38.31 7.98
C LYS A 37 -34.42 37.01 8.71
N ARG A 38 -35.32 36.18 8.21
CA ARG A 38 -35.68 34.91 8.82
C ARG A 38 -35.24 33.78 7.92
N SER A 39 -34.59 32.78 8.50
CA SER A 39 -34.34 31.50 7.88
C SER A 39 -35.64 30.74 7.79
N SER A 40 -35.86 30.02 6.71
CA SER A 40 -36.99 29.10 6.71
C SER A 40 -36.59 27.69 7.27
N ALA A 41 -37.54 26.85 7.68
CA ALA A 41 -37.20 25.67 8.54
C ALA A 41 -36.64 24.49 7.78
N ILE A 42 -35.66 23.77 8.33
CA ILE A 42 -35.14 22.55 7.66
C ILE A 42 -35.01 21.38 8.65
N LYS A 43 -35.33 20.16 8.24
CA LYS A 43 -35.43 19.05 9.18
C LYS A 43 -35.25 17.65 8.56
N GLY A 44 -34.07 17.05 8.68
CA GLY A 44 -33.87 15.65 8.25
C GLY A 44 -32.60 15.39 7.46
N LYS A 45 -32.52 14.21 6.86
CA LYS A 45 -31.35 13.78 6.09
C LYS A 45 -31.25 14.58 4.77
N LEU A 46 -30.37 15.56 4.71
CA LEU A 46 -30.30 16.42 3.52
C LEU A 46 -28.92 16.54 2.97
N GLU A 47 -28.84 16.69 1.64
CA GLU A 47 -27.59 17.09 1.02
C GLU A 47 -27.40 18.60 1.25
N PRO A 48 -26.18 19.00 1.66
CA PRO A 48 -25.93 20.35 2.18
C PRO A 48 -26.31 21.47 1.19
N ASN A 49 -26.16 21.23 -0.11
CA ASN A 49 -26.59 22.18 -1.11
C ASN A 49 -28.12 22.30 -1.11
N GLN A 50 -28.81 21.18 -0.93
CA GLN A 50 -30.26 21.20 -0.89
C GLN A 50 -30.68 21.86 0.42
N ALA A 51 -29.94 21.59 1.49
CA ALA A 51 -30.30 22.11 2.80
C ALA A 51 -30.13 23.64 2.96
N ILE A 52 -29.07 24.19 2.35
CA ILE A 52 -28.89 25.61 2.50
C ILE A 52 -29.91 26.35 1.67
N THR A 53 -30.28 25.76 0.52
CA THR A 53 -31.23 26.47 -0.37
C THR A 53 -32.62 26.60 0.28
N GLU A 54 -33.13 25.49 0.83
CA GLU A 54 -34.34 25.47 1.68
C GLU A 54 -34.30 26.56 2.76
N LEU A 55 -33.27 26.50 3.62
CA LEU A 55 -33.01 27.45 4.70
C LEU A 55 -33.12 28.93 4.27
N LEU A 56 -32.59 29.23 3.08
CA LEU A 56 -32.60 30.60 2.56
C LEU A 56 -33.87 31.02 1.87
N ARG A 57 -34.77 30.07 1.63
CA ARG A 57 -36.05 30.29 0.98
C ARG A 57 -36.65 31.50 1.69
N GLY A 58 -37.17 32.46 0.93
CA GLY A 58 -37.70 33.67 1.56
C GLY A 58 -36.72 34.79 1.86
N THR A 59 -35.45 34.48 2.00
CA THR A 59 -34.48 35.51 2.43
C THR A 59 -33.97 36.39 1.32
N GLY A 60 -34.22 36.03 0.07
CA GLY A 60 -33.64 36.75 -1.08
C GLY A 60 -32.14 36.67 -1.18
N ALA A 61 -31.55 35.56 -0.71
CA ALA A 61 -30.12 35.43 -0.54
C ALA A 61 -29.55 34.42 -1.52
N SER A 62 -28.30 34.60 -1.93
CA SER A 62 -27.61 33.69 -2.86
C SER A 62 -26.44 32.92 -2.21
N VAL A 63 -26.17 31.70 -2.68
CA VAL A 63 -25.06 30.95 -2.12
C VAL A 63 -23.99 30.82 -3.20
N ASP A 64 -22.74 31.06 -2.77
CA ASP A 64 -21.55 30.81 -3.55
C ASP A 64 -20.87 29.54 -2.96
N PHE A 65 -20.91 28.41 -3.66
CA PHE A 65 -20.28 27.23 -3.11
C PHE A 65 -18.80 27.36 -3.38
N GLN A 66 -18.00 27.35 -2.30
CA GLN A 66 -16.55 27.39 -2.41
C GLN A 66 -15.83 26.37 -1.54
N GLY A 67 -16.06 25.10 -1.84
CA GLY A 67 -15.32 23.99 -1.20
C GLY A 67 -15.77 23.80 0.22
N ASN A 68 -14.86 23.91 1.19
CA ASN A 68 -15.32 23.82 2.57
C ASN A 68 -15.96 25.15 3.10
N ALA A 69 -16.21 26.11 2.21
CA ALA A 69 -16.86 27.33 2.62
C ALA A 69 -17.96 27.68 1.65
N ILE A 70 -19.05 28.23 2.18
CA ILE A 70 -20.08 28.89 1.38
C ILE A 70 -20.14 30.39 1.80
N THR A 71 -19.99 31.29 0.83
CA THR A 71 -20.45 32.65 1.09
C THR A 71 -21.86 33.01 0.58
N ILE A 72 -22.60 33.68 1.45
CA ILE A 72 -24.00 34.08 1.29
C ILE A 72 -24.02 35.54 0.86
N SER A 73 -24.88 35.90 -0.08
CA SER A 73 -24.96 37.31 -0.53
C SER A 73 -26.38 37.64 -0.82
N VAL A 74 -26.70 38.94 -0.81
CA VAL A 74 -28.08 39.43 -1.02
C VAL A 74 -28.05 40.48 -2.14
N ALA A 75 -28.06 39.99 -3.37
CA ALA A 75 -28.15 40.87 -4.55
C ALA A 75 -29.37 41.84 -4.50
N GLU A 76 -29.07 43.10 -4.84
CA GLU A 76 -30.00 44.24 -5.04
C GLU A 76 -30.11 44.55 -6.53
N ALA A 77 -31.27 45.07 -6.93
CA ALA A 77 -31.49 45.60 -8.27
C ALA A 77 -30.65 46.85 -8.46
N ALA A 78 -30.49 47.62 -7.38
CA ALA A 78 -29.63 48.82 -7.36
C ALA A 78 -28.10 48.59 -7.62
N ASP A 79 -27.44 47.74 -6.80
CA ASP A 79 -25.96 47.45 -6.82
C ASP A 79 -25.07 48.29 -7.75
N SER A 80 -24.45 49.33 -7.18
CA SER A 80 -23.86 50.48 -7.90
C SER A 80 -22.30 50.54 -7.92
N SER A 81 -21.69 49.61 -7.18
CA SER A 81 -20.27 49.22 -7.28
C SER A 81 -20.04 48.13 -6.22
N VAL A 82 -18.89 47.49 -6.25
CA VAL A 82 -18.70 46.24 -5.56
C VAL A 82 -17.67 46.30 -4.43
N ASP A 83 -18.09 45.99 -3.21
CA ASP A 83 -17.24 45.94 -2.02
C ASP A 83 -16.61 44.54 -1.85
N LEU A 84 -15.42 44.30 -2.38
CA LEU A 84 -14.88 42.92 -2.32
C LEU A 84 -14.47 42.51 -0.93
N GLY A 85 -13.83 43.42 -0.19
CA GLY A 85 -13.56 43.18 1.22
C GLY A 85 -14.64 43.70 2.17
N ALA A 86 -15.91 43.42 1.87
CA ALA A 86 -16.96 43.85 2.77
C ALA A 86 -16.81 43.06 4.05
N THR A 87 -17.03 43.76 5.18
CA THR A 87 -17.05 43.12 6.49
C THR A 87 -17.98 41.92 6.46
N MET A 88 -17.48 40.79 6.94
CA MET A 88 -18.15 39.49 6.79
C MET A 88 -17.94 38.71 8.03
N ILE A 89 -19.04 38.32 8.65
CA ILE A 89 -19.00 37.50 9.85
C ILE A 89 -18.76 36.08 9.43
N THR A 90 -18.06 35.33 10.26
CA THR A 90 -17.69 33.97 9.92
C THR A 90 -18.27 32.96 10.92
N SER A 91 -18.39 31.70 10.53
CA SER A 91 -18.92 30.69 11.48
C SER A 91 -17.84 29.82 12.16
N ASN A 92 -16.69 29.68 11.51
CA ASN A 92 -15.54 29.05 12.11
C ASN A 92 -14.41 30.04 12.44
N GLN A 93 -14.25 30.37 13.72
CA GLN A 93 -13.25 31.32 14.17
C GLN A 93 -11.87 31.08 13.67
N LEU A 94 -11.48 29.83 13.44
CA LEU A 94 -10.10 29.54 13.02
C LEU A 94 -9.81 29.67 11.51
N GLY A 95 -10.88 29.59 10.72
CA GLY A 95 -10.82 29.72 9.28
C GLY A 95 -11.55 28.59 8.58
N THR A 96 -11.21 28.42 7.29
CA THR A 96 -11.73 27.29 6.52
C THR A 96 -10.92 26.02 6.70
N ILE A 97 -11.55 24.94 7.14
CA ILE A 97 -10.85 23.67 7.23
C ILE A 97 -10.30 23.33 5.82
N THR A 98 -9.10 22.75 5.76
CA THR A 98 -8.50 22.40 4.48
C THR A 98 -8.68 20.93 4.12
N GLU A 99 -9.03 20.12 5.10
CA GLU A 99 -9.28 18.69 4.89
C GLU A 99 -10.46 18.44 3.90
N ASP A 100 -10.21 17.60 2.89
CA ASP A 100 -11.14 17.27 1.75
C ASP A 100 -11.37 18.41 0.75
N SER A 101 -10.57 19.44 0.82
CA SER A 101 -10.72 20.53 -0.11
C SER A 101 -10.03 20.21 -1.41
N GLY A 102 -9.29 19.13 -1.49
CA GLY A 102 -8.53 18.90 -2.74
C GLY A 102 -7.56 20.02 -3.17
N SER A 103 -7.25 20.98 -2.31
CA SER A 103 -6.53 22.18 -2.69
C SER A 103 -5.17 22.47 -1.95
N TYR A 104 -4.28 23.27 -2.52
CA TYR A 104 -3.01 23.56 -1.84
C TYR A 104 -3.05 24.98 -1.36
N THR A 105 -4.19 25.60 -1.60
CA THR A 105 -4.42 26.96 -1.19
C THR A 105 -5.49 26.97 -0.09
N PRO A 106 -5.39 27.92 0.84
CA PRO A 106 -6.32 27.87 1.93
C PRO A 106 -7.53 28.69 1.55
N GLY A 107 -8.53 28.74 2.43
CA GLY A 107 -9.74 29.55 2.26
C GLY A 107 -9.59 30.80 3.10
N THR A 108 -10.00 30.78 4.36
CA THR A 108 -9.91 31.91 5.24
C THR A 108 -9.04 31.46 6.38
N ILE A 109 -8.61 32.41 7.19
CA ILE A 109 -7.46 32.32 8.06
C ILE A 109 -7.57 33.47 9.06
N ALA A 110 -7.26 33.25 10.33
CA ALA A 110 -7.22 34.36 11.28
C ALA A 110 -5.79 34.55 11.83
N THR A 111 -4.79 34.25 11.03
CA THR A 111 -3.49 34.14 11.60
C THR A 111 -3.01 35.54 11.99
N ALA A 112 -3.33 36.54 11.19
CA ALA A 112 -2.81 37.88 11.43
C ALA A 112 -3.52 38.62 12.55
N THR A 113 -4.83 38.74 12.55
CA THR A 113 -5.39 39.71 13.49
C THR A 113 -6.51 39.14 14.29
N ARG A 114 -6.66 37.82 14.21
CA ARG A 114 -7.76 37.09 14.82
C ARG A 114 -9.10 37.43 14.12
N LEU A 115 -9.07 38.30 13.10
CA LEU A 115 -10.25 38.45 12.25
C LEU A 115 -10.18 37.35 11.19
N VAL A 116 -11.27 36.62 10.99
CA VAL A 116 -11.30 35.69 9.89
C VAL A 116 -11.31 36.36 8.51
N LEU A 117 -10.16 36.39 7.85
CA LEU A 117 -10.06 36.97 6.53
C LEU A 117 -9.43 36.01 5.53
N THR A 118 -9.47 36.36 4.25
CA THR A 118 -8.88 35.53 3.20
C THR A 118 -7.48 36.05 2.97
N PRO A 119 -6.57 35.22 2.37
CA PRO A 119 -5.20 35.68 1.97
C PRO A 119 -5.28 37.07 1.31
N ARG A 120 -6.23 37.19 0.36
CA ARG A 120 -6.30 38.46 -0.35
C ARG A 120 -6.59 39.66 0.58
N GLU A 121 -7.42 39.49 1.61
CA GLU A 121 -7.74 40.58 2.53
C GLU A 121 -6.72 40.80 3.67
N THR A 122 -5.65 40.02 3.73
CA THR A 122 -4.74 40.03 4.88
C THR A 122 -3.52 40.88 4.49
N PRO A 123 -3.25 42.01 5.17
CA PRO A 123 -2.16 42.85 4.69
C PRO A 123 -0.77 42.42 5.18
N GLN A 124 -0.46 41.14 4.97
CA GLN A 124 0.80 40.51 5.42
C GLN A 124 1.08 39.26 4.59
N SER A 125 2.36 38.88 4.52
CA SER A 125 2.72 37.68 3.78
C SER A 125 2.20 36.52 4.59
N ILE A 126 1.28 35.76 4.05
CA ILE A 126 0.78 34.58 4.74
C ILE A 126 0.83 33.34 3.81
N THR A 127 1.71 32.40 4.10
CA THR A 127 1.73 31.12 3.36
C THR A 127 1.00 30.01 4.12
N VAL A 128 0.19 29.19 3.45
CA VAL A 128 -0.33 28.00 4.14
C VAL A 128 0.04 26.62 3.52
N VAL A 129 0.37 25.64 4.36
CA VAL A 129 0.53 24.27 3.87
C VAL A 129 -0.74 23.51 4.23
N THR A 130 -1.51 23.11 3.22
CA THR A 130 -2.82 22.50 3.48
C THR A 130 -2.74 20.98 3.61
N ARG A 131 -3.76 20.46 4.27
CA ARG A 131 -3.92 19.05 4.53
C ARG A 131 -3.71 18.21 3.27
N GLN A 132 -4.20 18.65 2.10
CA GLN A 132 -3.94 17.84 0.89
C GLN A 132 -2.47 17.82 0.46
N ASN A 133 -1.79 18.95 0.67
CA ASN A 133 -0.34 19.06 0.46
C ASN A 133 0.40 18.04 1.34
N MET A 134 -0.04 17.92 2.58
CA MET A 134 0.71 17.10 3.50
C MET A 134 0.53 15.63 3.13
N ASP A 135 -0.69 15.33 2.70
CA ASP A 135 -1.10 14.01 2.32
C ASP A 135 -0.32 13.57 1.10
N ASP A 136 -0.37 14.37 0.04
CA ASP A 136 0.23 14.03 -1.26
C ASP A 136 1.73 13.86 -1.20
N PHE A 137 2.44 14.75 -0.53
CA PHE A 137 3.89 14.61 -0.45
C PHE A 137 4.47 13.90 0.78
N GLY A 138 3.64 13.31 1.61
CA GLY A 138 4.16 12.55 2.73
C GLY A 138 4.76 13.37 3.86
N LEU A 139 4.53 14.67 3.87
CA LEU A 139 4.95 15.48 4.97
C LEU A 139 4.31 15.02 6.28
N ASN A 140 5.00 14.13 7.00
CA ASN A 140 4.46 13.57 8.22
C ASN A 140 4.87 14.29 9.50
N ASN A 141 5.73 15.27 9.39
CA ASN A 141 5.99 16.07 10.58
C ASN A 141 6.38 17.54 10.29
N ILE A 142 6.54 18.32 11.35
CA ILE A 142 6.75 19.74 11.14
C ILE A 142 8.08 20.05 10.45
N ASP A 143 9.09 19.21 10.63
CA ASP A 143 10.29 19.39 9.81
C ASP A 143 9.98 19.20 8.31
N ASP A 144 9.18 18.16 7.98
CA ASP A 144 8.75 17.91 6.59
C ASP A 144 7.95 19.06 5.99
N VAL A 145 6.93 19.55 6.70
CA VAL A 145 6.16 20.74 6.27
C VAL A 145 7.05 21.98 6.00
N MET A 146 7.90 22.33 6.98
CA MET A 146 8.89 23.40 6.80
C MET A 146 9.76 23.23 5.56
N ARG A 147 10.39 22.08 5.36
CA ARG A 147 11.17 21.91 4.11
C ARG A 147 10.36 22.26 2.85
N HIS A 148 9.04 21.95 2.84
CA HIS A 148 8.15 22.23 1.69
C HIS A 148 7.46 23.57 1.74
N THR A 149 7.87 24.43 2.67
CA THR A 149 7.20 25.73 2.83
C THR A 149 7.94 26.80 2.06
N PRO A 150 7.23 27.43 1.14
CA PRO A 150 7.82 28.56 0.47
C PRO A 150 8.32 29.60 1.46
N GLY A 151 9.60 29.98 1.36
CA GLY A 151 10.16 31.09 2.13
C GLY A 151 11.05 30.64 3.25
N ILE A 152 11.05 29.33 3.49
CA ILE A 152 11.60 28.78 4.71
C ILE A 152 12.81 27.94 4.45
N THR A 153 13.84 28.17 5.25
CA THR A 153 15.04 27.40 5.11
C THR A 153 15.18 26.66 6.42
N VAL A 154 15.24 25.33 6.33
CA VAL A 154 15.46 24.45 7.44
C VAL A 154 16.91 24.04 7.49
N SER A 155 17.63 24.39 8.55
CA SER A 155 19.00 23.87 8.72
C SER A 155 19.10 23.08 10.02
N ALA A 156 20.15 22.24 10.15
CA ALA A 156 20.29 21.35 11.33
C ALA A 156 21.18 21.92 12.43
N TYR A 157 20.75 21.66 13.69
CA TYR A 157 21.63 21.70 14.86
C TYR A 157 22.18 20.29 15.12
N ASP A 158 21.29 19.30 15.11
CA ASP A 158 21.71 17.92 15.35
C ASP A 158 20.58 17.00 14.97
N THR A 159 20.78 15.71 15.25
CA THR A 159 19.85 14.73 14.76
C THR A 159 18.42 14.95 15.26
N ASP A 160 18.23 15.86 16.24
CA ASP A 160 16.93 15.99 16.89
C ASP A 160 16.48 17.45 17.09
N ARG A 161 17.10 18.36 16.33
CA ARG A 161 16.66 19.74 16.27
C ARG A 161 17.07 20.49 15.03
N ASN A 162 16.09 20.94 14.29
CA ASN A 162 16.36 21.78 13.17
C ASN A 162 16.07 23.21 13.47
N ASN A 163 16.32 24.06 12.48
CA ASN A 163 16.24 25.48 12.69
C ASN A 163 15.48 26.01 11.53
N TYR A 164 14.60 26.98 11.71
CA TYR A 164 13.84 27.39 10.56
C TYR A 164 14.10 28.85 10.35
N TYR A 165 14.53 29.25 9.17
CA TYR A 165 14.65 30.68 8.96
C TYR A 165 13.60 31.25 8.04
N ALA A 166 13.20 32.48 8.32
CA ALA A 166 12.50 33.32 7.36
C ALA A 166 13.16 34.69 7.45
N ARG A 167 13.37 35.36 6.32
CA ARG A 167 13.67 36.80 6.29
C ARG A 167 14.84 37.32 7.13
N GLY A 168 15.77 36.43 7.46
CA GLY A 168 16.96 36.80 8.18
C GLY A 168 17.01 36.22 9.57
N PHE A 169 15.95 35.49 9.94
CA PHE A 169 15.72 35.21 11.36
C PHE A 169 15.38 33.77 11.70
N SER A 170 15.95 33.20 12.77
CA SER A 170 15.40 31.91 13.24
C SER A 170 13.98 32.14 13.74
N ILE A 171 13.08 31.23 13.39
CA ILE A 171 11.71 31.26 13.90
C ILE A 171 11.68 30.60 15.27
N ASN A 172 11.06 31.27 16.22
CA ASN A 172 10.94 30.75 17.55
C ASN A 172 9.57 31.10 18.05
N ASN A 173 8.61 31.19 17.15
CA ASN A 173 7.25 31.47 17.56
C ASN A 173 6.38 30.34 17.09
N PHE A 174 5.78 29.64 18.03
CA PHE A 174 4.88 28.56 17.68
C PHE A 174 3.56 28.76 18.33
N GLN A 175 2.48 28.46 17.61
CA GLN A 175 1.16 28.45 18.21
C GLN A 175 0.40 27.23 17.83
N TYR A 176 -0.50 26.86 18.74
CA TYR A 176 -1.38 25.76 18.52
C TYR A 176 -2.81 26.30 18.63
N ASP A 177 -3.65 25.95 17.66
CA ASP A 177 -4.99 26.52 17.52
C ASP A 177 -5.02 27.99 17.94
N GLY A 178 -3.97 28.73 17.61
CA GLY A 178 -3.95 30.15 17.85
C GLY A 178 -3.47 30.53 19.23
N ILE A 179 -2.96 29.58 20.01
CA ILE A 179 -2.40 29.91 21.32
C ILE A 179 -0.89 29.78 21.27
N PRO A 180 -0.12 30.91 21.49
CA PRO A 180 1.36 30.90 21.54
C PRO A 180 1.88 30.02 22.62
N SER A 181 2.97 29.37 22.36
CA SER A 181 3.70 28.67 23.38
C SER A 181 4.85 29.59 23.89
N THR A 182 5.44 29.31 25.04
CA THR A 182 6.69 30.01 25.40
C THR A 182 7.86 29.27 24.75
N ALA A 183 8.67 29.99 23.96
CA ALA A 183 9.88 29.32 23.45
C ALA A 183 11.20 30.05 23.66
N ARG A 184 11.32 30.80 24.75
CA ARG A 184 12.56 31.50 25.09
C ARG A 184 13.87 30.84 24.70
N ASN A 185 14.00 29.57 25.00
CA ASN A 185 15.14 28.77 24.69
C ASN A 185 14.58 27.38 24.50
N VAL A 186 15.49 26.41 24.37
CA VAL A 186 15.17 25.03 24.04
C VAL A 186 14.65 24.17 25.24
N GLY A 187 14.75 24.72 26.45
CA GLY A 187 14.18 24.04 27.62
C GLY A 187 12.67 24.12 27.61
N TYR A 188 12.16 25.32 27.36
CA TYR A 188 10.76 25.59 27.23
C TYR A 188 10.14 24.91 25.96
N SER A 189 11.02 24.61 25.01
CA SER A 189 10.70 24.40 23.62
C SER A 189 10.82 22.93 23.17
N ALA A 190 11.21 22.01 24.06
CA ALA A 190 11.21 20.55 23.80
C ALA A 190 10.12 20.05 22.86
N GLY A 191 10.49 19.38 21.75
CA GLY A 191 9.50 18.84 20.81
C GLY A 191 8.88 19.75 19.75
N ASN A 192 9.09 21.05 19.81
CA ASN A 192 8.51 21.98 18.84
C ASN A 192 8.94 21.76 17.40
N THR A 193 10.22 21.50 17.22
CA THR A 193 10.82 21.03 15.98
C THR A 193 10.31 19.63 15.53
N LEU A 194 9.56 18.89 16.37
CA LEU A 194 9.12 17.50 16.00
C LEU A 194 7.61 17.10 15.88
N SER A 195 6.71 18.09 15.87
CA SER A 195 5.25 17.83 15.98
C SER A 195 4.81 16.97 14.84
N ASP A 196 4.19 15.83 15.15
CA ASP A 196 3.67 14.93 14.11
C ASP A 196 2.39 15.52 13.48
N MET A 197 2.26 15.43 12.17
CA MET A 197 1.16 16.07 11.50
C MET A 197 -0.18 15.33 11.64
N ALA A 198 -0.19 14.13 12.22
CA ALA A 198 -1.37 13.29 12.15
C ALA A 198 -2.60 13.98 12.74
N ILE A 199 -2.37 15.01 13.56
CA ILE A 199 -3.46 15.56 14.36
C ILE A 199 -3.84 16.93 13.86
N TYR A 200 -3.14 17.40 12.84
CA TYR A 200 -3.41 18.76 12.32
C TYR A 200 -4.12 18.79 10.98
N ASP A 201 -4.97 19.81 10.84
CA ASP A 201 -5.56 20.12 9.59
C ASP A 201 -4.63 20.86 8.64
N ARG A 202 -3.90 21.87 9.12
CA ARG A 202 -2.91 22.55 8.27
C ARG A 202 -1.83 23.21 9.11
N VAL A 203 -0.80 23.73 8.51
CA VAL A 203 0.04 24.57 9.31
C VAL A 203 0.11 25.86 8.58
N GLU A 204 -0.13 26.96 9.32
CA GLU A 204 -0.20 28.30 8.73
C GLU A 204 0.91 29.25 9.22
N VAL A 205 1.67 29.80 8.28
CA VAL A 205 2.86 30.60 8.60
C VAL A 205 2.84 32.09 8.23
N LEU A 206 2.86 32.93 9.25
CA LEU A 206 2.72 34.36 9.01
C LEU A 206 4.13 34.92 9.07
N LYS A 207 4.51 35.70 8.07
CA LYS A 207 5.92 36.05 7.90
C LYS A 207 6.09 37.52 8.04
N GLY A 208 6.99 37.92 8.92
CA GLY A 208 7.32 39.33 9.09
C GLY A 208 7.62 39.58 10.52
N ALA A 209 6.81 40.41 11.16
CA ALA A 209 6.94 40.70 12.60
C ALA A 209 5.56 40.48 13.14
N THR A 210 5.41 39.57 14.08
CA THR A 210 4.09 39.11 14.40
C THR A 210 3.71 39.36 15.84
N GLY A 211 4.06 40.56 16.31
CA GLY A 211 3.81 40.96 17.69
C GLY A 211 2.34 40.91 18.10
N LEU A 212 1.48 41.35 17.18
CA LEU A 212 0.09 41.55 17.49
C LEU A 212 -0.62 40.35 18.13
N LEU A 213 -0.33 39.11 17.71
CA LEU A 213 -0.93 37.95 18.43
C LEU A 213 0.00 36.97 19.05
N THR A 214 1.30 37.20 18.92
CA THR A 214 2.26 36.25 19.44
C THR A 214 2.71 36.80 20.75
N GLY A 215 2.63 38.13 20.84
CA GLY A 215 3.16 38.85 21.97
C GLY A 215 4.66 38.97 21.84
N ALA A 216 5.38 38.83 22.95
CA ALA A 216 6.84 38.79 22.87
C ALA A 216 7.20 37.57 22.04
N GLY A 217 8.22 37.70 21.21
CA GLY A 217 8.52 36.67 20.25
C GLY A 217 9.62 37.08 19.29
N SER A 218 10.14 36.13 18.51
CA SER A 218 11.29 36.36 17.59
C SER A 218 10.88 37.20 16.39
N LEU A 219 11.81 37.69 15.55
CA LEU A 219 11.41 38.25 14.23
C LEU A 219 11.20 37.15 13.15
N GLY A 220 10.58 37.48 12.02
CA GLY A 220 10.65 36.60 10.84
C GLY A 220 9.36 35.87 10.49
N ALA A 221 8.79 35.11 11.42
CA ALA A 221 7.63 34.33 11.10
C ALA A 221 6.90 33.84 12.37
N THR A 222 5.64 33.41 12.26
CA THR A 222 5.01 32.62 13.33
C THR A 222 4.57 31.32 12.69
N ILE A 223 4.78 30.20 13.38
CA ILE A 223 4.21 28.95 12.91
C ILE A 223 2.95 28.57 13.71
N ASN A 224 1.78 28.62 13.09
CA ASN A 224 0.48 28.33 13.76
C ASN A 224 -0.08 26.98 13.26
N LEU A 225 -0.27 26.05 14.16
CA LEU A 225 -0.65 24.70 13.84
C LEU A 225 -2.12 24.58 14.23
N ILE A 226 -2.92 23.99 13.36
CA ILE A 226 -4.35 24.05 13.58
C ILE A 226 -4.76 22.64 13.77
N ARG A 227 -5.38 22.30 14.90
CA ARG A 227 -5.74 20.89 15.19
C ARG A 227 -6.96 20.38 14.37
N LYS A 228 -6.98 19.08 14.07
CA LYS A 228 -8.16 18.43 13.48
C LYS A 228 -9.35 18.57 14.45
N LYS A 229 -10.57 18.61 13.91
CA LYS A 229 -11.78 18.80 14.75
C LYS A 229 -12.83 17.72 14.52
N PRO A 230 -13.72 17.49 15.50
CA PRO A 230 -14.69 16.45 15.27
C PRO A 230 -15.75 16.91 14.25
N THR A 231 -16.42 15.92 13.65
CA THR A 231 -17.34 16.07 12.54
C THR A 231 -18.70 15.50 12.90
N HIS A 232 -19.70 15.88 12.10
CA HIS A 232 -21.08 15.47 12.34
C HIS A 232 -21.51 14.16 11.75
N GLU A 233 -20.74 13.69 10.77
CA GLU A 233 -20.90 12.43 10.08
C GLU A 233 -19.73 11.54 10.57
N PHE A 234 -19.97 10.23 10.69
CA PHE A 234 -18.91 9.28 10.99
C PHE A 234 -17.94 9.13 9.82
N LYS A 235 -16.66 9.28 10.09
CA LYS A 235 -15.63 9.10 9.09
C LYS A 235 -14.28 8.86 9.72
N GLY A 236 -13.52 7.90 9.18
CA GLY A 236 -12.15 7.70 9.64
C GLY A 236 -11.24 7.07 8.61
N HIS A 237 -9.95 6.91 8.96
CA HIS A 237 -9.05 6.13 8.12
C HIS A 237 -7.92 5.40 8.88
N VAL A 238 -7.32 4.40 8.24
CA VAL A 238 -6.15 3.78 8.76
C VAL A 238 -5.16 3.96 7.65
N GLU A 239 -3.91 4.29 8.02
CA GLU A 239 -2.85 4.49 7.04
C GLU A 239 -1.65 3.66 7.44
N LEU A 240 -0.94 3.09 6.50
CA LEU A 240 0.19 2.21 6.80
C LEU A 240 1.27 2.61 5.81
N GLY A 241 2.51 2.70 6.30
CA GLY A 241 3.58 3.22 5.47
C GLY A 241 4.88 2.53 5.72
N ALA A 242 5.63 2.27 4.64
CA ALA A 242 6.97 1.65 4.68
C ALA A 242 8.05 2.27 3.70
N GLY A 243 9.23 2.59 4.24
CA GLY A 243 10.22 3.42 3.56
C GLY A 243 11.71 3.09 3.78
N SER A 244 12.55 3.63 2.89
CA SER A 244 13.99 3.67 3.08
C SER A 244 14.27 3.60 4.52
N TRP A 245 15.19 2.66 4.83
CA TRP A 245 15.85 2.46 6.15
C TRP A 245 14.87 2.12 7.27
N ASP A 246 14.03 1.10 7.01
CA ASP A 246 13.12 0.54 8.03
C ASP A 246 12.35 1.59 8.78
N ASN A 247 11.80 2.51 7.99
CA ASN A 247 10.85 3.50 8.41
C ASN A 247 9.42 2.90 8.29
N TYR A 248 8.77 2.63 9.42
CA TYR A 248 7.39 2.13 9.40
C TYR A 248 6.52 3.13 10.13
N ARG A 249 5.44 3.51 9.47
CA ARG A 249 4.56 4.49 10.09
C ARG A 249 3.21 3.80 10.09
N SER A 250 2.43 3.92 11.16
CA SER A 250 0.99 3.62 11.08
C SER A 250 0.17 4.75 11.69
N GLU A 251 -1.11 4.85 11.32
CA GLU A 251 -1.98 5.97 11.71
C GLU A 251 -3.49 5.66 11.65
N LEU A 252 -4.21 6.00 12.75
CA LEU A 252 -5.65 5.81 12.99
C LEU A 252 -6.23 7.17 13.28
N ASP A 253 -7.40 7.48 12.71
CA ASP A 253 -8.06 8.81 12.80
C ASP A 253 -9.58 8.52 12.74
N VAL A 254 -10.32 8.70 13.84
CA VAL A 254 -11.79 8.47 13.86
C VAL A 254 -12.59 9.69 14.30
N SER A 255 -13.68 9.92 13.60
CA SER A 255 -14.46 11.10 13.85
C SER A 255 -15.99 10.89 13.77
N GLY A 256 -16.72 11.37 14.78
CA GLY A 256 -18.16 11.33 14.66
C GLY A 256 -19.02 11.81 15.82
N PRO A 257 -20.35 11.77 15.62
CA PRO A 257 -21.33 12.07 16.66
C PRO A 257 -21.32 10.86 17.57
N LEU A 258 -21.47 11.11 18.87
CA LEU A 258 -21.34 10.09 19.89
C LEU A 258 -22.68 9.92 20.61
N THR A 259 -23.70 10.62 20.14
CA THR A 259 -25.08 10.55 20.67
C THR A 259 -26.06 10.68 19.50
N GLU A 260 -27.15 9.91 19.53
CA GLU A 260 -28.23 10.02 18.50
C GLU A 260 -28.45 11.45 17.91
N SER A 261 -28.60 12.47 18.76
CA SER A 261 -28.77 13.85 18.27
C SER A 261 -27.53 14.44 17.68
N GLY A 262 -26.39 13.79 17.88
CA GLY A 262 -25.10 14.44 17.64
C GLY A 262 -24.86 15.83 18.27
N ASN A 263 -25.22 16.01 19.55
CA ASN A 263 -24.91 17.24 20.29
C ASN A 263 -23.66 17.04 21.14
N VAL A 264 -23.17 15.81 21.16
CA VAL A 264 -21.81 15.60 21.57
C VAL A 264 -21.19 14.86 20.40
N ARG A 265 -19.90 15.13 20.17
CA ARG A 265 -19.15 14.76 18.99
C ARG A 265 -17.70 14.62 19.41
N GLY A 266 -16.95 13.84 18.64
CA GLY A 266 -15.62 13.48 19.07
C GLY A 266 -14.71 13.11 17.92
N ARG A 267 -13.41 13.34 18.14
CA ARG A 267 -12.40 12.89 17.21
C ARG A 267 -11.20 12.28 17.95
N ALA A 268 -10.67 11.17 17.46
CA ALA A 268 -9.53 10.52 18.11
C ALA A 268 -8.50 10.18 17.05
N VAL A 269 -7.23 10.47 17.34
CA VAL A 269 -6.14 9.97 16.50
C VAL A 269 -4.96 9.41 17.30
N ALA A 270 -4.31 8.42 16.69
CA ALA A 270 -3.10 7.78 17.20
C ALA A 270 -2.21 7.55 15.96
N ALA A 271 -0.90 7.56 16.18
CA ALA A 271 0.06 7.36 15.12
C ALA A 271 1.34 6.92 15.80
N TYR A 272 2.02 5.98 15.17
CA TYR A 272 3.27 5.41 15.69
C TYR A 272 4.22 5.30 14.48
N GLN A 273 5.51 5.52 14.75
CA GLN A 273 6.53 5.50 13.71
C GLN A 273 7.86 5.02 14.34
N ASP A 274 8.49 4.05 13.72
CA ASP A 274 9.75 3.55 14.16
C ASP A 274 10.58 3.53 12.89
N LYS A 275 11.78 4.11 12.97
CA LYS A 275 12.55 4.36 11.78
C LYS A 275 14.03 4.37 12.10
N HIS A 276 14.83 3.76 11.23
CA HIS A 276 16.24 3.95 11.30
C HIS A 276 16.55 5.09 10.34
N SER A 277 17.74 5.16 9.77
CA SER A 277 18.12 6.37 9.04
C SER A 277 19.27 6.06 8.08
N PHE A 278 19.59 6.97 7.17
CA PHE A 278 20.78 6.79 6.39
C PHE A 278 21.95 6.94 7.37
N MET A 279 21.74 7.68 8.47
CA MET A 279 22.82 7.88 9.43
C MET A 279 22.99 6.63 10.25
N ASP A 280 24.24 6.24 10.40
CA ASP A 280 24.58 5.05 11.09
C ASP A 280 24.08 5.10 12.52
N HIS A 281 23.69 3.93 13.01
CA HIS A 281 23.16 3.68 14.36
C HIS A 281 22.25 4.76 15.00
N TYR A 282 21.50 5.49 14.17
CA TYR A 282 20.42 6.39 14.63
C TYR A 282 19.06 5.71 14.40
N GLU A 283 18.23 5.70 15.43
CA GLU A 283 16.87 5.25 15.28
C GLU A 283 15.89 6.09 16.14
N ARG A 284 14.63 6.15 15.72
CA ARG A 284 13.65 6.99 16.39
C ARG A 284 12.22 6.41 16.38
N LYS A 285 11.66 6.26 17.59
CA LYS A 285 10.29 5.82 17.79
C LYS A 285 9.44 7.02 18.08
N THR A 286 8.37 7.27 17.33
CA THR A 286 7.56 8.37 17.75
C THR A 286 6.10 8.00 17.96
N SER A 287 5.46 8.55 19.01
CA SER A 287 4.09 8.18 19.44
C SER A 287 3.25 9.38 19.69
N VAL A 288 2.04 9.39 19.11
CA VAL A 288 1.14 10.51 19.30
C VAL A 288 -0.28 10.04 19.49
N TYR A 289 -0.97 10.61 20.47
CA TYR A 289 -2.38 10.33 20.73
C TYR A 289 -3.03 11.67 20.84
N TYR A 290 -4.26 11.76 20.34
CA TYR A 290 -5.05 12.99 20.35
C TYR A 290 -6.49 12.61 20.51
N GLY A 291 -7.16 13.30 21.44
CA GLY A 291 -8.58 13.10 21.66
C GLY A 291 -9.22 14.44 21.91
N ILE A 292 -10.42 14.67 21.34
CA ILE A 292 -11.15 15.94 21.52
C ILE A 292 -12.67 15.67 21.54
N LEU A 293 -13.40 16.36 22.41
CA LEU A 293 -14.84 16.15 22.52
C LEU A 293 -15.56 17.53 22.39
N GLU A 294 -16.67 17.57 21.66
CA GLU A 294 -17.43 18.79 21.54
C GLU A 294 -18.80 18.60 22.17
N PHE A 295 -19.10 19.44 23.16
CA PHE A 295 -20.45 19.44 23.73
C PHE A 295 -21.15 20.74 23.33
N ASP A 296 -22.34 20.61 22.72
CA ASP A 296 -23.26 21.75 22.51
C ASP A 296 -24.12 21.93 23.74
N LEU A 297 -23.81 22.93 24.54
CA LEU A 297 -24.62 23.23 25.70
C LEU A 297 -26.00 23.66 25.21
N ASN A 298 -26.04 24.45 24.15
CA ASN A 298 -27.25 24.70 23.40
C ASN A 298 -26.91 25.21 21.99
N PRO A 299 -27.92 25.54 21.16
CA PRO A 299 -27.65 26.13 19.83
C PRO A 299 -26.58 27.25 19.73
N ASP A 300 -26.21 27.96 20.77
CA ASP A 300 -25.12 28.93 20.52
C ASP A 300 -23.93 28.97 21.46
N THR A 301 -23.74 27.90 22.21
CA THR A 301 -22.64 27.85 23.13
C THR A 301 -22.06 26.46 23.05
N MET A 302 -20.78 26.36 22.78
CA MET A 302 -20.19 25.05 22.69
C MET A 302 -18.97 25.00 23.57
N LEU A 303 -18.94 23.91 24.35
CA LEU A 303 -17.81 23.56 25.21
C LEU A 303 -17.03 22.52 24.46
N THR A 304 -15.71 22.71 24.43
CA THR A 304 -14.79 21.74 23.86
C THR A 304 -13.70 21.42 24.89
N VAL A 305 -13.35 20.15 25.00
CA VAL A 305 -12.21 19.78 25.85
C VAL A 305 -11.40 18.81 25.04
N GLY A 306 -10.09 18.80 25.22
CA GLY A 306 -9.29 17.90 24.44
C GLY A 306 -7.92 17.75 25.02
N ALA A 307 -7.20 16.75 24.55
CA ALA A 307 -5.88 16.43 25.07
C ALA A 307 -5.00 15.88 23.94
N ASP A 308 -3.69 16.21 23.98
CA ASP A 308 -2.80 15.61 23.00
C ASP A 308 -1.48 15.19 23.64
N TYR A 309 -0.69 14.38 22.95
CA TYR A 309 0.47 13.74 23.54
C TYR A 309 1.40 13.35 22.41
N GLN A 310 2.69 13.57 22.60
CA GLN A 310 3.68 13.11 21.64
C GLN A 310 5.02 12.73 22.29
N ASP A 311 5.51 11.55 22.01
CA ASP A 311 6.82 11.16 22.54
C ASP A 311 7.80 10.94 21.39
N ASN A 312 8.97 11.55 21.51
CA ASN A 312 9.98 11.53 20.48
C ASN A 312 11.19 10.90 21.15
N ASP A 313 11.56 9.69 20.74
CA ASP A 313 12.44 8.76 21.52
C ASP A 313 13.59 8.18 20.69
N PRO A 314 14.74 8.88 20.62
CA PRO A 314 15.79 8.45 19.70
C PRO A 314 16.96 7.70 20.40
N LYS A 315 17.87 7.14 19.59
CA LYS A 315 19.12 6.48 20.01
C LYS A 315 20.14 6.91 18.98
N GLY A 316 21.36 7.22 19.37
CA GLY A 316 22.35 7.71 18.40
C GLY A 316 22.20 9.20 18.13
N SER A 317 21.56 9.88 19.07
CA SER A 317 21.50 11.32 19.06
C SER A 317 22.89 11.98 19.09
N GLY A 318 23.03 13.11 18.43
CA GLY A 318 24.23 13.85 18.57
C GLY A 318 23.95 15.17 19.22
N TRP A 319 24.97 15.79 19.80
N TRP A 319 25.03 15.71 19.78
CA TRP A 319 24.77 17.10 20.40
CA TRP A 319 25.11 17.00 20.43
C TRP A 319 24.79 18.16 19.28
C TRP A 319 24.89 18.11 19.38
N SER A 320 25.87 18.17 18.46
CA SER A 320 26.04 19.21 17.46
C SER A 320 26.51 18.66 16.13
N GLY A 321 25.63 18.54 15.14
CA GLY A 321 26.01 18.07 13.81
C GLY A 321 26.47 16.62 13.76
N SER A 322 26.75 16.12 12.56
CA SER A 322 27.01 14.69 12.36
C SER A 322 28.48 14.26 12.43
N PHE A 323 29.39 15.25 12.41
CA PHE A 323 30.83 14.95 12.46
C PHE A 323 31.62 16.25 12.50
N PRO A 324 32.90 16.20 12.95
CA PRO A 324 33.69 17.41 13.09
C PRO A 324 34.39 17.85 11.78
N LEU A 325 34.22 19.12 11.43
CA LEU A 325 34.79 19.67 10.22
C LEU A 325 36.27 19.38 10.08
N PHE A 326 37.07 19.71 11.10
CA PHE A 326 38.53 19.59 10.98
C PHE A 326 39.05 18.48 11.83
N ASP A 327 40.13 17.84 11.40
CA ASP A 327 40.75 16.80 12.19
C ASP A 327 41.81 17.41 13.16
N SER A 328 42.54 16.58 13.91
CA SER A 328 43.42 17.11 14.96
C SER A 328 44.50 18.11 14.48
N GLN A 329 45.01 17.94 13.27
CA GLN A 329 46.06 18.85 12.73
C GLN A 329 45.47 19.89 11.77
N GLY A 330 44.18 19.74 11.47
CA GLY A 330 43.40 20.87 11.00
C GLY A 330 43.12 20.84 9.54
N ASN A 331 43.27 19.65 8.93
CA ASN A 331 42.72 19.36 7.61
C ASN A 331 41.22 19.16 7.70
N ARG A 332 40.53 19.25 6.59
CA ARG A 332 39.08 19.01 6.61
C ARG A 332 38.85 17.53 6.47
N ASN A 333 37.97 17.00 7.30
CA ASN A 333 37.50 15.62 7.25
C ASN A 333 36.60 15.30 6.07
N ASP A 334 36.93 14.21 5.37
CA ASP A 334 36.02 13.57 4.41
C ASP A 334 35.31 12.33 5.00
N VAL A 335 33.99 12.34 5.17
CA VAL A 335 33.33 11.13 5.67
C VAL A 335 32.08 10.77 4.94
N SER A 336 31.82 9.47 4.86
CA SER A 336 30.52 8.97 4.37
C SER A 336 29.35 9.76 4.92
N ARG A 337 28.28 9.85 4.14
CA ARG A 337 27.08 10.52 4.63
C ARG A 337 26.44 9.74 5.77
N SER A 338 26.73 8.46 5.86
CA SER A 338 26.26 7.67 6.98
C SER A 338 26.90 7.98 8.30
N PHE A 339 28.03 8.69 8.32
CA PHE A 339 28.76 8.90 9.58
C PHE A 339 27.88 9.55 10.69
N ASN A 340 27.84 9.00 11.91
CA ASN A 340 27.08 9.58 13.04
C ASN A 340 27.92 9.75 14.28
N ASN A 341 28.35 10.97 14.57
CA ASN A 341 29.18 11.18 15.75
C ASN A 341 28.48 10.83 17.07
N GLY A 342 27.16 10.57 17.04
CA GLY A 342 26.49 10.08 18.23
C GLY A 342 26.96 8.72 18.74
N ALA A 343 26.89 8.55 20.08
CA ALA A 343 27.11 7.26 20.76
C ALA A 343 25.87 6.40 20.64
N LYS A 344 26.03 5.09 20.64
CA LYS A 344 24.86 4.20 20.53
C LYS A 344 23.73 4.60 21.49
N TRP A 345 24.00 4.65 22.80
CA TRP A 345 23.08 5.06 23.88
C TRP A 345 22.64 6.55 23.96
N SER A 346 23.20 7.40 23.12
CA SER A 346 22.91 8.81 23.28
C SER A 346 21.51 9.16 22.79
N SER A 347 20.81 10.01 23.53
CA SER A 347 19.40 10.19 23.28
C SER A 347 18.94 11.58 23.67
N TRP A 348 18.28 12.30 22.78
CA TRP A 348 17.66 13.53 23.16
C TRP A 348 16.13 13.35 23.04
N GLU A 349 15.55 12.46 23.83
CA GLU A 349 14.09 12.34 23.79
C GLU A 349 13.34 13.62 24.27
N GLN A 350 12.29 14.01 23.53
CA GLN A 350 11.58 15.25 23.80
C GLN A 350 10.16 14.82 23.81
N TYR A 351 9.44 15.19 24.87
CA TYR A 351 8.00 14.95 24.90
C TYR A 351 7.11 16.22 25.11
N THR A 352 5.84 16.17 24.66
CA THR A 352 4.88 17.28 24.75
C THR A 352 3.53 16.69 25.06
N ARG A 353 2.78 17.30 25.95
CA ARG A 353 1.36 16.98 26.10
C ARG A 353 0.49 18.20 26.46
N THR A 354 -0.73 18.26 25.93
CA THR A 354 -1.59 19.39 26.22
C THR A 354 -2.91 18.92 26.74
N VAL A 355 -3.45 19.67 27.68
CA VAL A 355 -4.85 19.52 27.97
C VAL A 355 -5.47 20.89 27.84
N PHE A 356 -6.62 20.93 27.14
CA PHE A 356 -7.25 22.22 26.88
C PHE A 356 -8.68 22.21 26.95
N ALA A 357 -9.23 23.36 27.33
CA ALA A 357 -10.67 23.58 27.26
C ALA A 357 -11.03 24.92 26.57
N ASN A 358 -12.14 24.96 25.85
CA ASN A 358 -12.63 26.25 25.33
C ASN A 358 -14.13 26.33 25.45
N LEU A 359 -14.62 27.56 25.30
CA LEU A 359 -16.01 27.82 25.44
C LEU A 359 -16.28 28.91 24.44
N GLU A 360 -17.32 28.73 23.64
CA GLU A 360 -17.62 29.68 22.59
C GLU A 360 -19.07 30.00 22.60
N HIS A 361 -19.36 31.27 22.43
CA HIS A 361 -20.71 31.73 22.50
C HIS A 361 -21.02 32.76 21.43
N ASN A 362 -22.10 32.51 20.70
CA ASN A 362 -22.67 33.44 19.77
C ASN A 362 -23.60 34.37 20.48
N PHE A 363 -23.23 35.63 20.62
CA PHE A 363 -24.18 36.64 21.07
C PHE A 363 -25.11 36.93 19.91
N ALA A 364 -26.33 37.36 20.21
CA ALA A 364 -27.28 37.77 19.17
C ALA A 364 -26.73 38.96 18.35
N ASN A 365 -25.98 39.82 19.00
CA ASN A 365 -25.18 40.83 18.31
C ASN A 365 -24.75 40.46 16.88
N GLY A 366 -24.52 39.17 16.65
CA GLY A 366 -23.70 38.75 15.54
C GLY A 366 -22.27 38.59 16.04
N TRP A 367 -22.07 38.90 17.33
CA TRP A 367 -20.77 38.79 17.96
C TRP A 367 -20.57 37.37 18.48
N VAL A 368 -19.31 36.94 18.49
CA VAL A 368 -18.97 35.67 19.07
C VAL A 368 -17.86 35.97 20.07
N GLY A 369 -17.87 35.22 21.20
CA GLY A 369 -16.82 35.23 22.20
C GLY A 369 -16.29 33.83 22.53
N LYS A 370 -15.09 33.76 23.08
CA LYS A 370 -14.41 32.48 23.24
C LYS A 370 -13.32 32.60 24.27
N VAL A 371 -13.36 31.71 25.26
CA VAL A 371 -12.38 31.58 26.33
C VAL A 371 -11.59 30.28 26.08
N GLN A 372 -10.25 30.36 26.07
CA GLN A 372 -9.38 29.18 25.88
C GLN A 372 -8.45 28.93 27.07
N LEU A 373 -8.60 27.76 27.70
CA LEU A 373 -7.74 27.31 28.82
C LEU A 373 -6.82 26.22 28.36
N ASP A 374 -5.55 26.31 28.74
CA ASP A 374 -4.56 25.35 28.34
C ASP A 374 -3.61 25.03 29.39
N HIS A 375 -3.31 23.74 29.53
CA HIS A 375 -2.24 23.21 30.37
C HIS A 375 -1.35 22.51 29.40
N LYS A 376 -0.13 22.99 29.26
CA LYS A 376 0.82 22.31 28.40
C LYS A 376 2.13 21.92 29.07
N ILE A 377 2.69 20.78 28.60
CA ILE A 377 3.99 20.28 29.04
C ILE A 377 5.00 20.04 27.91
N ASN A 378 6.22 20.54 28.05
CA ASN A 378 7.29 20.29 27.09
C ASN A 378 8.41 19.69 27.92
N GLY A 379 8.63 18.38 27.78
CA GLY A 379 9.59 17.65 28.59
C GLY A 379 10.70 17.08 27.74
N TYR A 380 11.81 16.70 28.40
CA TYR A 380 13.01 16.19 27.76
C TYR A 380 13.84 15.30 28.71
N HIS A 381 14.57 14.34 28.12
CA HIS A 381 15.43 13.38 28.78
C HIS A 381 16.65 13.15 27.88
N ALA A 382 17.72 13.87 28.19
CA ALA A 382 18.80 14.00 27.23
C ALA A 382 20.17 13.56 27.73
N PRO A 383 20.43 12.26 27.83
CA PRO A 383 21.81 11.83 27.95
C PRO A 383 22.54 11.87 26.57
N LEU A 384 23.26 12.91 26.28
CA LEU A 384 23.87 12.99 25.01
C LEU A 384 25.31 12.54 25.11
N GLY A 385 25.80 11.74 24.15
CA GLY A 385 27.24 11.41 24.06
C GLY A 385 27.70 11.38 22.63
N ALA A 386 28.77 12.07 22.30
CA ALA A 386 29.07 12.29 20.90
C ALA A 386 30.52 12.67 20.71
N ILE A 387 31.14 12.28 19.59
CA ILE A 387 32.51 12.67 19.25
C ILE A 387 32.51 14.18 18.99
N MET A 388 33.44 14.91 19.61
CA MET A 388 33.47 16.37 19.54
C MET A 388 34.90 16.88 19.74
N GLY A 389 35.27 17.87 18.94
CA GLY A 389 36.60 18.39 18.93
C GLY A 389 37.31 18.16 17.60
N ASP A 390 38.57 18.61 17.52
CA ASP A 390 39.32 18.44 16.27
C ASP A 390 39.89 17.02 16.27
N TRP A 391 39.09 16.11 15.69
CA TRP A 391 39.42 14.67 15.67
C TRP A 391 39.19 14.19 14.28
N PRO A 392 39.82 13.06 13.87
CA PRO A 392 40.77 12.18 14.54
C PRO A 392 42.12 12.77 14.79
N ALA A 393 42.83 12.17 15.72
CA ALA A 393 44.24 12.44 15.84
C ALA A 393 44.94 11.50 14.90
N PRO A 394 46.23 11.74 14.65
CA PRO A 394 46.95 11.01 13.64
C PRO A 394 46.81 9.50 13.81
N ASP A 395 46.50 9.03 15.00
CA ASP A 395 46.41 7.59 15.16
C ASP A 395 44.96 7.08 15.13
N ASN A 396 44.04 7.95 14.71
CA ASN A 396 42.66 7.54 14.52
C ASN A 396 41.79 7.47 15.85
N SER A 397 42.35 7.94 16.97
CA SER A 397 41.52 8.09 18.17
C SER A 397 40.69 9.38 18.14
N ALA A 398 39.69 9.46 19.02
CA ALA A 398 38.99 10.71 19.20
C ALA A 398 38.38 10.73 20.59
N LYS A 399 37.77 11.86 20.94
CA LYS A 399 37.26 12.07 22.30
C LYS A 399 35.81 12.49 22.31
N ILE A 400 35.07 11.92 23.25
CA ILE A 400 33.63 12.13 23.41
C ILE A 400 33.40 13.14 24.51
N VAL A 401 32.50 14.06 24.24
CA VAL A 401 31.85 14.87 25.28
C VAL A 401 30.55 14.15 25.58
N ALA A 402 30.27 13.95 26.86
CA ALA A 402 29.00 13.42 27.35
C ALA A 402 28.46 14.29 28.52
N GLN A 403 27.17 14.64 28.43
CA GLN A 403 26.48 15.45 29.44
C GLN A 403 25.04 15.00 29.44
N LYS A 404 24.41 15.07 30.61
CA LYS A 404 23.02 14.67 30.79
C LYS A 404 22.18 15.86 31.25
N TYR A 405 21.09 16.15 30.54
CA TYR A 405 20.09 17.15 30.97
C TYR A 405 18.73 16.50 30.94
N THR A 406 18.03 16.50 32.08
CA THR A 406 16.61 16.09 32.16
C THR A 406 15.77 17.30 32.63
N GLY A 407 14.52 17.41 32.23
CA GLY A 407 13.77 18.52 32.76
C GLY A 407 12.37 18.61 32.23
N GLU A 408 11.61 19.57 32.73
CA GLU A 408 10.21 19.69 32.33
C GLU A 408 9.71 21.12 32.39
N THR A 409 8.86 21.52 31.46
CA THR A 409 8.20 22.82 31.54
C THR A 409 6.68 22.68 31.62
N LYS A 410 6.06 23.27 32.62
CA LYS A 410 4.58 23.30 32.70
C LYS A 410 4.05 24.70 32.40
N SER A 411 3.05 24.80 31.53
CA SER A 411 2.54 26.07 31.05
C SER A 411 1.06 26.20 31.22
N ASN A 412 0.58 27.26 31.84
CA ASN A 412 -0.87 27.52 31.83
C ASN A 412 -1.29 28.79 31.07
N SER A 413 -2.27 28.65 30.18
CA SER A 413 -2.78 29.78 29.38
C SER A 413 -4.24 30.10 29.61
N LEU A 414 -4.54 31.40 29.68
CA LEU A 414 -5.91 31.87 29.64
C LEU A 414 -5.91 32.78 28.45
N ASP A 415 -6.83 32.54 27.52
CA ASP A 415 -7.07 33.52 26.48
C ASP A 415 -8.53 33.89 26.31
N ILE A 416 -8.87 35.18 26.34
CA ILE A 416 -10.28 35.55 26.12
C ILE A 416 -10.45 36.67 25.09
N TYR A 417 -11.36 36.47 24.11
CA TYR A 417 -11.60 37.48 23.07
C TYR A 417 -13.06 37.62 22.63
N LEU A 418 -13.38 38.80 22.10
CA LEU A 418 -14.71 39.20 21.63
C LEU A 418 -14.49 39.76 20.27
N THR A 419 -15.27 39.28 19.32
CA THR A 419 -15.16 39.74 17.95
C THR A 419 -16.56 39.96 17.38
N GLY A 420 -16.68 41.00 16.55
CA GLY A 420 -17.97 41.43 16.01
C GLY A 420 -17.98 42.62 15.07
N PRO A 421 -19.06 42.77 14.31
CA PRO A 421 -19.30 43.89 13.43
C PRO A 421 -19.83 45.15 14.10
N PHE A 422 -19.57 46.31 13.49
CA PHE A 422 -20.18 47.51 13.97
C PHE A 422 -20.26 48.56 12.89
N GLN A 423 -21.18 49.51 13.10
CA GLN A 423 -21.45 50.58 12.15
C GLN A 423 -20.77 51.90 12.56
N PHE A 424 -20.05 52.55 11.66
CA PHE A 424 -19.60 53.89 11.97
C PHE A 424 -20.19 54.98 11.05
N LEU A 425 -19.77 55.09 9.80
CA LEU A 425 -20.34 56.24 9.06
C LEU A 425 -21.27 55.83 7.92
N GLY A 426 -22.37 55.19 8.29
CA GLY A 426 -23.13 54.35 7.39
C GLY A 426 -22.36 53.17 6.78
N ARG A 427 -21.25 52.68 7.36
CA ARG A 427 -20.65 51.46 6.80
C ARG A 427 -20.24 50.48 7.89
N GLU A 428 -19.98 49.23 7.49
CA GLU A 428 -19.78 48.14 8.44
C GLU A 428 -18.32 47.86 8.65
N HIS A 429 -17.94 47.63 9.89
CA HIS A 429 -16.58 47.29 10.19
C HIS A 429 -16.65 46.12 11.18
N GLU A 430 -15.50 45.56 11.54
CA GLU A 430 -15.42 44.60 12.64
C GLU A 430 -14.30 45.00 13.63
N LEU A 431 -14.36 44.48 14.88
CA LEU A 431 -13.40 44.64 15.99
C LEU A 431 -13.03 43.28 16.60
N VAL A 432 -11.82 43.15 17.17
CA VAL A 432 -11.48 42.05 18.10
C VAL A 432 -10.88 42.72 19.32
N VAL A 433 -11.30 42.29 20.49
CA VAL A 433 -10.72 42.77 21.69
C VAL A 433 -10.46 41.49 22.44
N GLY A 434 -9.23 41.33 22.90
CA GLY A 434 -8.88 40.12 23.60
C GLY A 434 -7.83 40.41 24.65
N THR A 435 -7.76 39.53 25.63
CA THR A 435 -6.78 39.65 26.67
C THR A 435 -6.22 38.26 26.93
N SER A 436 -4.95 38.18 27.30
CA SER A 436 -4.29 36.89 27.52
C SER A 436 -3.32 36.88 28.72
N ALA A 437 -3.11 35.69 29.30
CA ALA A 437 -2.19 35.51 30.42
C ALA A 437 -1.57 34.14 30.28
N SER A 438 -0.23 34.08 30.39
CA SER A 438 0.45 32.78 30.51
C SER A 438 1.53 32.76 31.56
N PHE A 439 1.59 31.62 32.25
CA PHE A 439 2.54 31.32 33.31
C PHE A 439 3.17 30.04 32.87
N SER A 440 4.49 30.03 32.76
CA SER A 440 5.21 28.78 32.50
C SER A 440 6.47 28.62 33.33
N HIS A 441 6.69 27.37 33.77
CA HIS A 441 7.67 27.05 34.78
C HIS A 441 8.56 25.93 34.25
N TRP A 442 9.86 26.22 34.16
CA TRP A 442 10.81 25.26 33.63
C TRP A 442 11.58 24.78 34.79
N GLU A 443 11.64 23.47 34.95
CA GLU A 443 12.42 22.85 36.02
C GLU A 443 13.36 21.82 35.41
N GLY A 444 14.52 21.59 36.04
CA GLY A 444 15.50 20.67 35.50
C GLY A 444 16.75 20.36 36.30
N LYS A 445 17.40 19.29 35.90
CA LYS A 445 18.69 18.85 36.45
C LYS A 445 19.70 18.77 35.30
N SER A 446 20.92 19.17 35.59
CA SER A 446 21.99 18.90 34.66
C SER A 446 23.07 17.98 35.27
N TYR A 447 23.69 17.11 34.46
CA TYR A 447 24.82 16.25 34.91
C TYR A 447 25.95 16.49 33.98
N TRP A 448 27.02 17.08 34.50
CA TRP A 448 28.19 17.21 33.72
C TRP A 448 29.41 16.75 34.47
N ASN A 449 29.28 16.44 35.76
CA ASN A 449 30.44 15.98 36.51
C ASN A 449 30.63 14.48 36.48
N LEU A 450 31.14 13.99 35.36
CA LEU A 450 31.26 12.55 35.13
C LEU A 450 32.31 11.94 36.05
N ARG A 451 32.03 10.76 36.60
CA ARG A 451 32.88 10.18 37.58
C ARG A 451 33.55 9.02 36.89
N ASN A 452 34.89 9.04 36.90
CA ASN A 452 35.72 7.98 36.28
C ASN A 452 35.47 7.54 34.83
N TYR A 453 35.20 8.52 33.98
CA TYR A 453 34.99 8.23 32.56
C TYR A 453 36.24 8.26 31.66
N ASP A 454 36.34 7.26 30.78
CA ASP A 454 37.35 7.30 29.72
C ASP A 454 36.74 7.74 28.38
N ASN A 455 36.83 9.04 28.07
CA ASN A 455 36.12 9.58 26.90
C ASN A 455 36.81 9.38 25.56
N THR A 456 37.77 8.45 25.48
CA THR A 456 38.43 8.18 24.19
C THR A 456 38.01 6.90 23.44
N THR A 457 37.74 7.04 22.16
CA THR A 457 37.44 5.94 21.24
C THR A 457 38.65 5.74 20.35
N ASP A 458 39.03 4.50 20.06
CA ASP A 458 40.34 4.21 19.36
C ASP A 458 40.27 4.12 17.81
N ASP A 459 39.09 4.39 17.26
CA ASP A 459 38.84 4.24 15.83
C ASP A 459 37.84 5.25 15.35
N PHE A 460 38.31 6.36 14.79
CA PHE A 460 37.43 7.33 14.20
C PHE A 460 36.78 6.86 12.89
N ILE A 461 37.58 6.31 11.98
CA ILE A 461 37.10 6.00 10.62
C ILE A 461 35.96 5.00 10.67
N ASN A 462 35.95 4.11 11.66
CA ASN A 462 34.93 3.09 11.77
C ASN A 462 34.06 3.24 12.97
N TRP A 463 33.99 4.48 13.45
CA TRP A 463 33.14 4.78 14.58
C TRP A 463 31.71 4.32 14.35
N ASP A 464 31.05 4.00 15.43
CA ASP A 464 29.95 3.09 15.43
C ASP A 464 28.95 3.51 16.56
N GLY A 465 29.41 4.46 17.41
CA GLY A 465 28.75 4.81 18.66
C GLY A 465 28.99 3.76 19.74
N ASP A 466 29.89 2.82 19.48
CA ASP A 466 30.13 1.79 20.45
C ASP A 466 31.20 2.17 21.46
N ILE A 467 30.75 2.94 22.43
CA ILE A 467 31.56 3.45 23.52
C ILE A 467 30.73 3.26 24.77
N GLY A 468 31.36 2.95 25.90
CA GLY A 468 30.63 2.96 27.17
C GLY A 468 29.86 4.24 27.50
N LYS A 469 28.92 4.11 28.45
CA LYS A 469 28.14 5.19 29.10
C LYS A 469 28.76 5.63 30.39
N PRO A 470 28.79 6.92 30.70
CA PRO A 470 29.52 7.26 31.93
C PRO A 470 28.73 7.10 33.29
N ASP A 471 29.43 7.10 34.42
CA ASP A 471 28.72 7.41 35.64
C ASP A 471 28.47 8.93 35.61
N TRP A 472 27.20 9.35 35.66
CA TRP A 472 26.87 10.80 35.48
C TRP A 472 27.19 11.61 36.71
N GLY A 473 27.42 10.92 37.83
CA GLY A 473 27.67 11.58 39.12
C GLY A 473 26.37 12.16 39.61
N THR A 474 26.46 13.12 40.51
CA THR A 474 25.32 13.82 41.14
C THR A 474 25.00 15.10 40.37
N PRO A 475 23.83 15.67 40.57
CA PRO A 475 23.53 16.78 39.66
C PRO A 475 24.47 17.96 39.87
N SER A 476 24.68 18.67 38.77
CA SER A 476 25.60 19.76 38.72
C SER A 476 24.89 21.06 38.97
N GLN A 477 23.58 21.06 38.72
CA GLN A 477 22.80 22.27 38.60
C GLN A 477 21.30 21.94 38.65
N TYR A 478 20.50 22.80 39.29
CA TYR A 478 19.03 22.63 39.18
C TYR A 478 18.51 23.88 38.58
N ILE A 479 17.66 23.74 37.57
CA ILE A 479 17.07 24.89 36.87
C ILE A 479 15.76 25.33 37.49
N ASP A 480 15.50 26.62 37.49
CA ASP A 480 14.19 27.19 37.90
C ASP A 480 13.89 28.58 37.19
N ASP A 481 13.26 28.50 36.03
CA ASP A 481 12.88 29.64 35.28
C ASP A 481 11.33 29.75 35.30
N LYS A 482 10.84 30.96 35.60
CA LYS A 482 9.45 31.24 35.57
C LYS A 482 9.20 32.37 34.56
N THR A 483 8.41 32.12 33.55
CA THR A 483 8.01 33.21 32.63
C THR A 483 6.52 33.56 32.74
N ARG A 484 6.21 34.84 32.68
CA ARG A 484 4.84 35.26 32.83
C ARG A 484 4.59 36.35 31.79
N GLN A 485 3.69 36.05 30.86
CA GLN A 485 3.30 37.00 29.79
C GLN A 485 1.91 37.49 30.12
N LEU A 486 1.67 38.79 29.98
CA LEU A 486 0.30 39.26 30.03
C LEU A 486 0.07 40.12 28.81
N GLY A 487 -1.01 39.86 28.04
CA GLY A 487 -1.36 40.65 26.87
C GLY A 487 -2.77 41.19 26.84
N SER A 488 -2.97 42.36 26.22
CA SER A 488 -4.31 42.96 25.90
C SER A 488 -4.26 43.59 24.52
N TYR A 489 -5.17 43.21 23.64
CA TYR A 489 -5.05 43.56 22.23
C TYR A 489 -6.35 43.95 21.56
N MET A 490 -6.25 44.69 20.46
CA MET A 490 -7.39 45.28 19.78
C MET A 490 -7.05 45.58 18.33
N THR A 491 -7.86 45.06 17.42
CA THR A 491 -7.73 45.37 16.02
C THR A 491 -9.08 45.69 15.37
N ALA A 492 -9.22 46.91 14.83
CA ALA A 492 -10.40 47.28 14.06
C ALA A 492 -10.06 47.18 12.56
N ARG A 493 -10.99 46.57 11.78
CA ARG A 493 -10.91 46.64 10.34
C ARG A 493 -12.01 47.54 9.77
N PHE A 494 -11.64 48.75 9.38
CA PHE A 494 -12.59 49.67 8.80
C PHE A 494 -12.72 49.50 7.30
N ASN A 495 -13.97 49.40 6.87
CA ASN A 495 -14.26 49.36 5.48
C ASN A 495 -14.50 50.83 5.06
N VAL A 496 -13.42 51.56 4.78
CA VAL A 496 -13.49 53.00 4.53
C VAL A 496 -14.27 53.36 3.26
N THR A 497 -13.89 52.77 2.12
CA THR A 497 -14.70 52.88 0.88
C THR A 497 -14.96 51.47 0.32
N ASP A 498 -15.57 51.36 -0.84
CA ASP A 498 -15.69 50.00 -1.42
C ASP A 498 -14.36 49.36 -1.86
N ASP A 499 -13.28 50.13 -1.98
CA ASP A 499 -12.01 49.45 -2.30
C ASP A 499 -10.97 49.56 -1.20
N LEU A 500 -11.22 50.37 -0.17
CA LEU A 500 -10.19 50.58 0.86
C LEU A 500 -10.58 50.01 2.23
N ASN A 501 -9.78 49.08 2.76
CA ASN A 501 -9.93 48.60 4.15
C ASN A 501 -8.72 48.94 4.97
N LEU A 502 -8.96 49.46 6.18
CA LEU A 502 -7.93 50.01 7.05
C LEU A 502 -7.89 49.23 8.38
N PHE A 503 -6.74 48.64 8.69
CA PHE A 503 -6.46 47.95 9.93
C PHE A 503 -5.76 48.88 10.90
N LEU A 504 -6.29 48.99 12.12
CA LEU A 504 -5.69 49.82 13.15
C LEU A 504 -5.80 49.09 14.47
N GLY A 505 -4.64 48.83 15.09
CA GLY A 505 -4.59 48.29 16.41
C GLY A 505 -3.20 48.09 16.97
N GLY A 506 -3.15 47.34 18.05
CA GLY A 506 -1.94 46.89 18.71
C GLY A 506 -2.23 46.01 19.93
N ARG A 507 -1.16 45.65 20.65
CA ARG A 507 -1.18 44.79 21.82
C ARG A 507 -0.39 45.55 22.87
N VAL A 508 -0.86 45.58 24.12
CA VAL A 508 0.03 45.95 25.22
C VAL A 508 0.47 44.71 26.00
N VAL A 509 1.74 44.70 26.42
CA VAL A 509 2.42 43.47 26.85
C VAL A 509 3.21 43.70 28.11
N ASP A 510 3.13 42.73 29.00
CA ASP A 510 3.86 42.74 30.25
C ASP A 510 4.58 41.40 30.39
N TYR A 511 5.91 41.45 30.47
CA TYR A 511 6.70 40.24 30.37
C TYR A 511 7.60 40.15 31.55
N ARG A 512 7.53 39.04 32.27
CA ARG A 512 8.34 38.89 33.49
C ARG A 512 8.99 37.53 33.50
N VAL A 513 10.32 37.52 33.64
CA VAL A 513 11.05 36.26 33.83
C VAL A 513 11.86 36.22 35.08
N THR A 514 11.49 35.27 35.90
CA THR A 514 11.86 35.13 37.31
C THR A 514 12.51 33.79 37.55
N GLY A 515 13.33 33.75 38.60
CA GLY A 515 13.92 32.50 39.04
C GLY A 515 15.37 32.66 39.36
N LEU A 516 16.24 31.81 38.81
CA LEU A 516 17.64 31.79 39.28
C LEU A 516 18.53 32.93 38.72
N ASN A 517 18.31 33.34 37.47
CA ASN A 517 18.90 34.60 36.98
C ASN A 517 18.23 35.86 37.59
N PRO A 518 18.87 37.06 37.49
CA PRO A 518 18.14 38.27 37.97
C PRO A 518 16.85 38.55 37.15
N THR A 519 15.92 39.24 37.78
CA THR A 519 14.56 39.37 37.27
C THR A 519 14.57 40.14 35.94
N ILE A 520 13.83 39.66 34.94
CA ILE A 520 13.68 40.39 33.69
C ILE A 520 12.26 40.91 33.58
N ARG A 521 12.12 42.24 33.49
CA ARG A 521 10.80 42.87 33.51
C ARG A 521 10.58 43.88 32.38
N GLU A 522 9.56 43.66 31.55
CA GLU A 522 9.08 44.74 30.68
C GLU A 522 7.59 45.06 30.97
N SER A 523 7.28 46.32 31.25
CA SER A 523 5.89 46.71 31.51
C SER A 523 5.30 47.68 30.47
N GLY A 524 3.97 47.63 30.30
CA GLY A 524 3.31 48.52 29.35
C GLY A 524 3.98 48.72 27.96
N ARG A 525 4.52 47.66 27.37
CA ARG A 525 5.06 47.71 26.00
C ARG A 525 3.98 47.72 24.90
N PHE A 526 4.08 48.66 23.97
CA PHE A 526 3.08 48.76 22.94
C PHE A 526 3.55 48.30 21.55
N ILE A 527 2.74 47.45 20.91
CA ILE A 527 3.14 46.82 19.71
C ILE A 527 2.11 47.27 18.73
N PRO A 528 2.45 48.26 17.87
CA PRO A 528 1.53 48.82 16.91
C PRO A 528 1.22 47.87 15.78
N TYR A 529 0.08 48.15 15.13
CA TYR A 529 -0.36 47.44 13.94
C TYR A 529 -1.05 48.40 12.95
N VAL A 530 -0.40 48.68 11.81
CA VAL A 530 -0.98 49.51 10.73
C VAL A 530 -0.97 48.77 9.37
N GLY A 531 -2.15 48.70 8.77
CA GLY A 531 -2.32 47.94 7.54
C GLY A 531 -3.38 48.56 6.67
N ALA A 532 -3.21 48.47 5.35
CA ALA A 532 -4.28 48.84 4.45
C ALA A 532 -4.35 47.85 3.28
N VAL A 533 -5.56 47.58 2.80
CA VAL A 533 -5.73 46.83 1.56
C VAL A 533 -6.57 47.61 0.56
N TYR A 534 -5.97 47.91 -0.60
CA TYR A 534 -6.65 48.63 -1.69
C TYR A 534 -6.95 47.82 -2.98
N ASP A 535 -8.24 47.64 -3.29
CA ASP A 535 -8.73 46.86 -4.46
C ASP A 535 -8.58 47.60 -5.78
N LEU A 536 -8.13 46.90 -6.81
CA LEU A 536 -7.92 47.54 -8.11
C LEU A 536 -8.86 46.92 -9.13
N ASN A 537 -9.07 45.61 -9.03
CA ASN A 537 -9.87 44.86 -9.99
C ASN A 537 -10.72 43.96 -9.20
N ASP A 538 -11.56 43.20 -9.91
CA ASP A 538 -12.11 41.99 -9.38
C ASP A 538 -10.95 41.07 -9.04
N THR A 539 -9.79 41.25 -9.67
CA THR A 539 -8.64 40.33 -9.47
C THR A 539 -7.55 40.71 -8.45
N TYR A 540 -7.11 41.95 -8.51
CA TYR A 540 -5.88 42.33 -7.84
C TYR A 540 -6.16 43.36 -6.79
N SER A 541 -5.45 43.26 -5.66
CA SER A 541 -5.38 44.35 -4.67
C SER A 541 -3.93 44.65 -4.23
N VAL A 542 -3.62 45.91 -4.02
CA VAL A 542 -2.37 46.23 -3.36
C VAL A 542 -2.66 46.38 -1.89
N TYR A 543 -1.60 46.21 -1.08
CA TYR A 543 -1.59 46.36 0.39
C TYR A 543 -0.26 46.90 0.94
N ALA A 544 -0.37 47.55 2.09
CA ALA A 544 0.81 48.01 2.81
C ALA A 544 0.57 47.66 4.26
N SER A 545 1.64 47.34 5.00
CA SER A 545 1.51 47.19 6.46
C SER A 545 2.79 47.63 7.18
N TYR A 546 2.63 47.94 8.48
CA TYR A 546 3.72 48.25 9.40
C TYR A 546 3.46 47.41 10.67
N THR A 547 4.30 46.42 10.95
CA THR A 547 4.04 45.51 12.03
C THR A 547 5.28 45.42 12.91
N ASP A 548 5.16 44.90 14.15
CA ASP A 548 6.25 44.99 15.17
C ASP A 548 6.38 43.77 16.12
N ILE A 549 7.51 43.67 16.81
CA ILE A 549 7.70 42.63 17.82
C ILE A 549 8.97 42.85 18.62
N PHE A 550 8.96 42.35 19.84
CA PHE A 550 10.16 42.32 20.68
C PHE A 550 10.30 41.05 21.51
N MET A 551 11.46 40.88 22.08
CA MET A 551 11.71 39.72 22.88
C MET A 551 12.69 40.17 23.95
N PRO A 552 12.25 40.22 25.21
CA PRO A 552 13.25 40.51 26.18
C PRO A 552 14.33 39.46 26.10
N GLN A 553 15.55 39.92 26.32
CA GLN A 553 16.74 39.20 25.91
C GLN A 553 17.03 38.06 26.89
N ASP A 554 17.75 36.99 26.52
CA ASP A 554 18.17 36.03 27.58
C ASP A 554 19.16 36.58 28.59
N SER A 555 19.25 35.90 29.71
CA SER A 555 19.92 36.43 30.84
C SER A 555 21.41 36.63 30.59
N TRP A 556 21.92 35.98 29.56
CA TRP A 556 23.36 35.95 29.41
C TRP A 556 23.84 37.07 28.51
N TYR A 557 22.87 37.72 27.89
CA TYR A 557 23.13 38.77 26.96
C TYR A 557 23.24 40.11 27.68
N ARG A 558 24.28 40.23 28.51
CA ARG A 558 24.56 41.43 29.26
C ARG A 558 25.74 42.16 28.61
N ASP A 559 25.96 43.41 29.02
CA ASP A 559 26.96 44.28 28.42
C ASP A 559 28.18 44.50 29.29
N SER A 560 29.10 45.33 28.77
CA SER A 560 30.28 45.87 29.45
C SER A 560 29.99 45.81 30.90
N SER A 561 28.90 46.46 31.32
CA SER A 561 28.69 46.93 32.72
C SER A 561 27.80 46.00 33.48
N ASN A 562 27.51 44.86 32.85
CA ASN A 562 26.66 43.85 33.46
C ASN A 562 25.21 44.30 33.50
N LYS A 563 24.78 45.13 32.56
CA LYS A 563 23.34 45.38 32.41
C LYS A 563 22.85 44.56 31.25
N LEU A 564 21.67 43.95 31.39
CA LEU A 564 21.04 43.25 30.28
C LEU A 564 20.76 44.18 29.09
N LEU A 565 20.83 43.66 27.88
CA LEU A 565 20.50 44.51 26.75
C LEU A 565 19.01 44.83 26.73
N GLU A 566 18.65 45.95 26.12
CA GLU A 566 17.23 46.17 25.85
C GLU A 566 16.62 45.16 24.87
N PRO A 567 15.29 44.96 24.89
CA PRO A 567 14.78 43.78 24.16
C PRO A 567 15.07 43.78 22.66
N ASP A 568 15.28 42.58 22.12
CA ASP A 568 15.54 42.44 20.71
C ASP A 568 14.24 42.70 19.94
N GLU A 569 14.21 43.81 19.24
CA GLU A 569 13.00 44.42 18.68
C GLU A 569 13.16 44.48 17.16
N GLY A 570 12.07 44.31 16.42
CA GLY A 570 12.06 44.66 14.99
C GLY A 570 10.77 45.21 14.36
N GLN A 571 10.90 46.00 13.30
CA GLN A 571 9.71 46.39 12.58
C GLN A 571 9.79 45.91 11.15
N ASN A 572 8.67 45.31 10.68
CA ASN A 572 8.50 44.83 9.30
C ASN A 572 7.74 45.86 8.50
N TYR A 573 8.32 46.32 7.40
CA TYR A 573 7.69 47.26 6.42
C TYR A 573 7.32 46.55 5.12
N GLU A 574 6.08 46.59 4.68
CA GLU A 574 5.77 45.72 3.59
C GLU A 574 4.80 46.39 2.63
N ILE A 575 5.10 46.33 1.33
CA ILE A 575 4.21 46.82 0.29
C ILE A 575 4.04 45.68 -0.78
N GLY A 576 2.83 45.53 -1.34
CA GLY A 576 2.55 44.25 -2.03
C GLY A 576 1.32 44.20 -2.93
N ILE A 577 1.20 43.16 -3.74
CA ILE A 577 0.00 42.96 -4.54
C ILE A 577 -0.39 41.52 -4.41
N LYS A 578 -1.68 41.28 -4.31
CA LYS A 578 -2.17 39.92 -4.21
C LYS A 578 -3.25 39.78 -5.26
N GLY A 579 -3.34 38.58 -5.83
CA GLY A 579 -4.33 38.33 -6.87
C GLY A 579 -5.17 37.14 -6.52
N GLU A 580 -6.38 37.15 -7.00
CA GLU A 580 -7.30 36.11 -6.63
C GLU A 580 -7.97 35.62 -7.88
N TYR A 581 -7.92 34.34 -8.16
CA TYR A 581 -8.55 33.89 -9.39
C TYR A 581 -9.54 32.77 -9.12
N LEU A 582 -10.45 32.57 -10.08
CA LEU A 582 -11.35 31.42 -10.13
C LEU A 582 -12.14 31.29 -8.85
N ASP A 583 -12.79 32.37 -8.41
CA ASP A 583 -13.59 32.33 -7.15
C ASP A 583 -12.82 31.81 -5.93
N GLY A 584 -11.55 32.26 -5.73
CA GLY A 584 -10.74 31.90 -4.57
C GLY A 584 -9.96 30.59 -4.65
N ARG A 585 -9.97 29.95 -5.81
CA ARG A 585 -9.42 28.61 -5.98
C ARG A 585 -7.94 28.68 -6.30
N LEU A 586 -7.50 29.84 -6.78
CA LEU A 586 -6.10 30.15 -7.06
C LEU A 586 -5.75 31.53 -6.56
N ASN A 587 -4.67 31.61 -5.80
CA ASN A 587 -4.12 32.89 -5.19
C ASN A 587 -2.72 33.23 -5.66
N THR A 588 -2.44 34.49 -5.96
CA THR A 588 -1.06 34.88 -6.19
C THR A 588 -0.68 36.11 -5.41
N SER A 589 0.63 36.21 -5.12
CA SER A 589 1.17 37.35 -4.39
C SER A 589 2.62 37.73 -4.76
N LEU A 590 2.89 39.02 -4.77
CA LEU A 590 4.24 39.55 -4.92
C LEU A 590 4.40 40.67 -3.87
N ALA A 591 5.48 40.61 -3.11
CA ALA A 591 5.67 41.47 -1.94
C ALA A 591 7.07 41.98 -1.84
N TYR A 592 7.16 43.22 -1.37
CA TYR A 592 8.47 43.85 -1.05
C TYR A 592 8.45 44.18 0.42
N PHE A 593 9.51 43.81 1.11
CA PHE A 593 9.53 43.89 2.57
C PHE A 593 10.91 44.22 3.10
N GLU A 594 10.95 44.81 4.28
CA GLU A 594 12.20 45.37 4.83
C GLU A 594 12.14 45.18 6.34
N ILE A 595 13.12 44.53 6.96
CA ILE A 595 12.97 44.40 8.40
C ILE A 595 14.02 45.23 9.10
N HIS A 596 13.59 46.05 10.04
CA HIS A 596 14.52 46.89 10.83
C HIS A 596 14.54 46.32 12.24
N GLU A 597 15.65 45.66 12.56
CA GLU A 597 15.88 45.18 13.88
C GLU A 597 16.69 46.19 14.67
N GLU A 598 16.29 46.48 15.90
CA GLU A 598 17.20 47.17 16.77
C GLU A 598 17.50 46.41 18.09
N ASN A 599 18.64 46.70 18.76
CA ASN A 599 19.18 45.86 19.87
C ASN A 599 19.40 44.36 19.56
N ARG A 600 19.96 44.05 18.41
CA ARG A 600 20.39 42.67 18.17
C ARG A 600 21.66 42.47 19.00
N ALA A 601 21.66 41.41 19.82
CA ALA A 601 22.83 41.01 20.60
C ALA A 601 24.03 40.85 19.73
N GLU A 602 25.11 41.58 20.05
CA GLU A 602 26.39 41.27 19.41
C GLU A 602 27.55 41.20 20.39
N GLU A 603 28.21 40.07 20.33
CA GLU A 603 29.44 39.74 20.99
C GLU A 603 30.30 40.84 21.69
N ASP A 604 30.81 41.85 21.01
CA ASP A 604 31.70 42.75 21.80
C ASP A 604 33.10 42.21 21.96
N ALA A 605 33.87 42.23 20.88
CA ALA A 605 35.13 41.53 20.76
C ALA A 605 36.21 42.18 21.64
N LEU A 606 36.31 43.50 21.58
CA LEU A 606 37.36 44.24 22.26
C LEU A 606 37.33 44.00 23.77
N TYR A 607 36.13 43.97 24.35
CA TYR A 607 35.95 43.61 25.74
C TYR A 607 36.22 42.11 26.01
N ASN A 608 35.41 41.25 25.38
CA ASN A 608 35.69 39.80 25.39
C ASN A 608 37.19 39.34 25.14
N SER A 609 38.06 40.22 24.61
CA SER A 609 39.39 39.80 24.23
C SER A 609 40.29 39.80 25.47
N LYS A 610 39.67 40.04 26.64
CA LYS A 610 40.33 40.31 27.96
C LYS A 610 39.36 41.12 28.89
N PRO A 611 38.33 40.40 29.44
CA PRO A 611 37.25 40.92 30.26
C PRO A 611 37.81 41.64 31.48
N THR A 612 36.99 42.46 32.10
CA THR A 612 37.46 43.32 33.16
C THR A 612 36.49 43.22 34.33
N ASN A 613 35.34 42.61 34.06
CA ASN A 613 34.36 42.34 35.08
C ASN A 613 34.18 40.81 35.15
N PRO A 614 34.72 40.18 36.21
CA PRO A 614 34.51 38.74 36.41
C PRO A 614 33.04 38.38 36.48
N ALA A 615 32.18 39.40 36.52
CA ALA A 615 30.76 39.14 36.56
C ALA A 615 30.20 38.85 35.18
N ILE A 616 30.66 39.58 34.15
CA ILE A 616 30.38 39.21 32.77
C ILE A 616 31.66 38.99 32.03
N THR A 617 31.95 37.73 31.82
CA THR A 617 33.17 37.30 31.22
C THR A 617 33.04 37.43 29.69
N TYR A 618 31.80 37.53 29.24
CA TYR A 618 31.50 37.50 27.83
C TYR A 618 30.37 38.46 27.56
N ALA A 619 30.75 39.69 27.22
CA ALA A 619 29.84 40.85 27.23
C ALA A 619 29.13 40.88 25.92
N TYR A 620 27.93 41.43 25.88
CA TYR A 620 27.38 41.77 24.57
C TYR A 620 27.28 43.27 24.44
N LYS A 621 26.56 43.67 23.38
CA LYS A 621 26.55 44.99 22.77
C LYS A 621 25.34 44.85 21.82
N GLY A 622 24.39 45.76 21.97
CA GLY A 622 23.14 45.72 21.23
C GLY A 622 23.24 46.62 20.02
N ILE A 623 23.06 46.03 18.84
CA ILE A 623 23.25 46.69 17.54
C ILE A 623 22.02 46.54 16.62
N LYS A 624 22.13 47.14 15.44
CA LYS A 624 21.06 47.23 14.45
C LYS A 624 21.21 46.29 13.22
N ALA A 625 20.11 46.01 12.54
CA ALA A 625 20.19 45.21 11.32
C ALA A 625 18.96 45.42 10.46
N LYS A 626 19.18 45.23 9.17
CA LYS A 626 18.17 45.41 8.17
C LYS A 626 18.08 44.19 7.27
N THR A 627 16.87 43.68 7.06
CA THR A 627 16.63 42.71 6.00
C THR A 627 15.93 43.50 4.91
N LYS A 628 16.46 43.43 3.67
CA LYS A 628 15.77 43.86 2.45
C LYS A 628 15.49 42.64 1.56
N GLY A 629 14.36 42.58 0.88
CA GLY A 629 14.00 41.38 0.13
C GLY A 629 12.61 41.40 -0.48
N TYR A 630 12.31 40.34 -1.22
CA TYR A 630 11.01 40.25 -1.89
C TYR A 630 10.64 38.81 -2.05
N GLU A 631 9.35 38.58 -2.27
CA GLU A 631 8.83 37.25 -2.30
C GLU A 631 7.64 37.16 -3.22
N ALA A 632 7.60 36.08 -3.98
CA ALA A 632 6.53 35.77 -4.93
C ALA A 632 5.93 34.41 -4.62
N GLU A 633 4.61 34.30 -4.67
CA GLU A 633 4.04 32.97 -4.50
C GLU A 633 2.73 32.77 -5.19
N ILE A 634 2.41 31.51 -5.42
CA ILE A 634 1.20 31.14 -6.09
C ILE A 634 0.78 29.84 -5.47
N SER A 635 -0.53 29.55 -5.45
CA SER A 635 -1.02 28.27 -4.91
C SER A 635 -2.48 28.02 -5.20
N GLY A 636 -2.80 26.83 -5.69
CA GLY A 636 -4.16 26.50 -5.99
C GLY A 636 -4.37 25.81 -7.33
N GLU A 637 -5.48 26.12 -7.99
CA GLU A 637 -5.83 25.42 -9.18
C GLU A 637 -5.29 26.16 -10.40
N LEU A 638 -4.46 25.46 -11.18
CA LEU A 638 -3.94 25.99 -12.43
C LEU A 638 -4.91 25.67 -13.55
N ALA A 639 -5.57 24.53 -13.42
CA ALA A 639 -6.47 23.96 -14.44
C ALA A 639 -7.28 22.90 -13.66
N PRO A 640 -8.48 22.48 -14.14
CA PRO A 640 -9.25 21.48 -13.35
C PRO A 640 -8.51 20.42 -12.49
N GLY A 641 -7.74 19.49 -13.02
CA GLY A 641 -7.17 18.59 -11.99
C GLY A 641 -5.85 19.03 -11.35
N TRP A 642 -5.42 20.27 -11.53
CA TRP A 642 -4.00 20.56 -11.45
C TRP A 642 -3.74 21.51 -10.31
N GLN A 643 -2.88 21.12 -9.36
CA GLN A 643 -2.62 21.95 -8.20
C GLN A 643 -1.13 22.34 -8.06
N VAL A 644 -0.85 23.58 -7.65
CA VAL A 644 0.54 23.94 -7.30
C VAL A 644 0.60 24.68 -6.03
N GLN A 645 1.79 24.64 -5.42
CA GLN A 645 2.28 25.65 -4.51
C GLN A 645 3.73 25.91 -4.83
N ALA A 646 4.01 27.19 -5.09
CA ALA A 646 5.34 27.63 -5.50
C ALA A 646 5.61 28.99 -4.91
N GLY A 647 6.88 29.25 -4.61
CA GLY A 647 7.30 30.53 -4.06
C GLY A 647 8.70 30.92 -4.56
N TYR A 648 8.97 32.22 -4.57
CA TYR A 648 10.33 32.65 -4.78
C TYR A 648 10.69 33.73 -3.76
N THR A 649 11.79 33.53 -3.04
CA THR A 649 12.21 34.56 -2.09
C THR A 649 13.62 35.03 -2.24
N HIS A 650 13.77 36.34 -2.26
CA HIS A 650 15.09 36.95 -2.19
C HIS A 650 15.32 37.76 -0.89
N LYS A 651 16.48 37.56 -0.22
CA LYS A 651 16.89 38.34 0.97
C LYS A 651 18.38 38.68 1.06
N ILE A 652 18.67 39.82 1.65
CA ILE A 652 19.99 40.06 2.19
C ILE A 652 19.71 40.67 3.56
N ILE A 653 20.23 40.06 4.65
CA ILE A 653 20.23 40.75 5.91
C ILE A 653 21.65 41.27 6.28
N ARG A 654 21.76 42.59 6.43
CA ARG A 654 23.01 43.19 6.94
C ARG A 654 22.85 43.83 8.32
N ASP A 655 23.95 43.90 9.08
CA ASP A 655 24.00 44.78 10.25
C ASP A 655 24.59 46.14 9.84
N ASP A 656 24.13 47.20 10.52
CA ASP A 656 24.53 48.63 10.36
C ASP A 656 25.94 48.96 9.83
N SER A 657 26.93 48.10 10.08
CA SER A 657 28.28 48.23 9.49
C SER A 657 28.30 47.91 8.00
N GLY A 658 27.33 47.13 7.57
CA GLY A 658 27.26 46.67 6.22
C GLY A 658 27.43 45.16 6.09
N LYS A 659 27.84 44.42 7.11
CA LYS A 659 28.23 43.03 6.84
C LYS A 659 27.10 42.01 6.83
N LYS A 660 27.14 41.16 5.82
CA LYS A 660 26.20 40.05 5.73
C LYS A 660 26.10 39.17 6.97
N VAL A 661 24.90 38.68 7.24
CA VAL A 661 24.58 37.93 8.44
C VAL A 661 23.58 36.84 8.05
N SER A 662 23.39 35.82 8.88
CA SER A 662 22.58 34.64 8.48
C SER A 662 22.99 34.20 7.07
N THR A 663 24.28 34.14 6.84
CA THR A 663 24.79 33.81 5.53
C THR A 663 24.61 32.32 5.20
N TRP A 664 24.01 31.53 6.11
CA TRP A 664 23.73 30.11 5.85
C TRP A 664 22.34 29.96 5.30
N GLU A 665 21.54 31.00 5.47
CA GLU A 665 20.26 31.09 4.80
C GLU A 665 20.66 31.52 3.41
N PRO A 666 20.10 30.89 2.38
CA PRO A 666 20.59 31.25 1.05
C PRO A 666 20.00 32.63 0.68
N GLN A 667 20.49 33.33 -0.35
CA GLN A 667 19.98 34.71 -0.60
C GLN A 667 18.83 34.62 -1.56
N ASP A 668 18.69 33.42 -2.12
CA ASP A 668 17.75 33.14 -3.17
C ASP A 668 17.28 31.69 -3.01
N GLN A 669 15.97 31.51 -3.05
CA GLN A 669 15.35 30.20 -2.97
C GLN A 669 14.03 30.20 -3.72
N LEU A 670 13.55 29.00 -3.98
CA LEU A 670 12.52 28.74 -4.94
C LEU A 670 11.96 27.39 -4.56
N SER A 671 10.63 27.26 -4.47
CA SER A 671 9.93 26.00 -4.24
C SER A 671 8.86 25.84 -5.26
N LEU A 672 8.64 24.62 -5.72
CA LEU A 672 7.44 24.32 -6.53
C LEU A 672 7.01 22.88 -6.30
N TYR A 673 5.79 22.72 -5.84
CA TYR A 673 5.27 21.40 -5.78
C TYR A 673 3.97 21.35 -6.52
N THR A 674 3.64 20.19 -7.04
CA THR A 674 2.49 20.14 -7.88
C THR A 674 2.03 18.69 -8.01
N SER A 675 0.72 18.50 -8.05
CA SER A 675 0.14 17.21 -8.47
C SER A 675 -0.94 17.46 -9.48
N TYR A 676 -1.23 16.42 -10.24
CA TYR A 676 -2.25 16.40 -11.31
C TYR A 676 -3.05 15.10 -11.17
N LYS A 677 -4.37 15.22 -11.31
CA LYS A 677 -5.28 14.07 -11.28
C LYS A 677 -5.81 13.96 -12.70
N PHE A 678 -5.54 12.84 -13.37
CA PHE A 678 -6.10 12.61 -14.72
C PHE A 678 -7.61 12.46 -14.64
N LYS A 679 -8.30 12.92 -15.68
CA LYS A 679 -9.71 12.54 -15.88
C LYS A 679 -9.85 11.43 -16.95
N GLY A 680 -11.05 10.88 -17.14
CA GLY A 680 -11.20 9.72 -18.02
C GLY A 680 -10.83 8.36 -17.42
N ALA A 681 -10.36 7.46 -18.28
CA ALA A 681 -9.99 6.10 -17.86
C ALA A 681 -8.90 6.09 -16.77
N LEU A 682 -8.13 7.20 -16.66
CA LEU A 682 -7.08 7.34 -15.65
C LEU A 682 -7.52 8.18 -14.44
N ASP A 683 -8.83 8.40 -14.26
CA ASP A 683 -9.28 9.30 -13.18
C ASP A 683 -9.02 8.84 -11.75
N LYS A 684 -8.42 7.67 -11.60
CA LYS A 684 -8.11 7.14 -10.27
C LYS A 684 -6.61 7.31 -9.96
N LEU A 685 -5.91 7.90 -10.93
CA LEU A 685 -4.48 8.09 -10.83
C LEU A 685 -4.20 9.55 -10.52
N THR A 686 -3.43 9.81 -9.46
CA THR A 686 -2.90 11.17 -9.23
C THR A 686 -1.39 11.21 -9.36
N VAL A 687 -0.89 12.14 -10.18
CA VAL A 687 0.56 12.26 -10.36
C VAL A 687 1.20 13.58 -9.79
N GLY A 688 2.48 13.56 -9.49
CA GLY A 688 3.01 14.76 -8.90
C GLY A 688 4.47 14.84 -8.62
N GLY A 689 5.00 16.03 -8.64
CA GLY A 689 6.37 16.13 -8.21
C GLY A 689 6.70 17.48 -7.65
N GLY A 690 7.98 17.72 -7.48
CA GLY A 690 8.37 18.99 -7.01
C GLY A 690 9.84 19.20 -6.97
N ALA A 691 10.19 20.44 -6.72
CA ALA A 691 11.58 20.81 -6.80
C ALA A 691 11.82 22.00 -5.93
N ARG A 692 12.97 21.96 -5.28
CA ARG A 692 13.36 23.05 -4.44
C ARG A 692 14.75 23.30 -4.84
N TRP A 693 15.02 24.56 -5.14
CA TRP A 693 16.40 25.08 -5.43
C TRP A 693 16.79 26.22 -4.48
N GLN A 694 18.07 26.30 -4.16
CA GLN A 694 18.56 27.46 -3.41
C GLN A 694 19.94 27.80 -3.87
N GLY A 695 20.30 29.08 -3.70
CA GLY A 695 21.60 29.56 -4.12
C GLY A 695 22.71 29.23 -3.16
N LYS A 696 23.91 29.70 -3.48
CA LYS A 696 25.05 29.75 -2.55
C LYS A 696 24.66 30.07 -1.13
N SER A 697 25.27 29.34 -0.18
CA SER A 697 25.31 29.70 1.26
C SER A 697 26.67 29.40 1.95
N TRP A 698 27.02 30.22 2.94
CA TRP A 698 28.28 30.05 3.63
C TRP A 698 28.30 30.31 5.13
N GLN A 699 29.40 29.84 5.72
CA GLN A 699 29.72 30.05 7.11
C GLN A 699 31.16 30.47 7.26
N MET A 700 31.43 31.31 8.27
CA MET A 700 32.85 31.52 8.66
C MET A 700 33.09 30.71 9.93
N VAL A 701 34.04 29.79 9.87
CA VAL A 701 34.31 28.93 11.01
C VAL A 701 35.81 28.93 11.33
N TYR A 702 36.17 28.66 12.58
CA TYR A 702 37.55 28.87 13.01
C TYR A 702 38.33 27.58 13.01
N ASN A 703 39.30 27.47 12.13
CA ASN A 703 40.17 26.32 12.15
C ASN A 703 41.19 26.56 13.27
N ASN A 704 40.93 25.90 14.39
CA ASN A 704 41.72 26.10 15.58
C ASN A 704 43.14 25.40 15.60
N PRO A 705 43.29 24.20 14.99
CA PRO A 705 44.67 23.69 14.81
C PRO A 705 45.58 24.46 13.85
N ARG A 706 45.05 25.39 13.05
CA ARG A 706 45.90 26.14 12.12
C ARG A 706 45.71 27.63 12.31
N SER A 707 44.81 27.98 13.25
CA SER A 707 44.71 29.37 13.75
C SER A 707 44.33 30.33 12.65
N ARG A 708 43.35 29.94 11.83
CA ARG A 708 42.84 30.81 10.77
C ARG A 708 41.36 30.58 10.61
N TRP A 709 40.67 31.61 10.15
CA TRP A 709 39.29 31.45 9.74
C TRP A 709 39.22 30.84 8.34
N GLU A 710 38.17 30.05 8.08
CA GLU A 710 37.92 29.50 6.75
C GLU A 710 36.50 29.86 6.33
N LYS A 711 36.27 30.01 5.03
CA LYS A 711 34.94 30.15 4.45
C LYS A 711 34.45 28.77 3.99
N PHE A 712 33.31 28.31 4.47
CA PHE A 712 32.74 27.05 3.97
C PHE A 712 31.52 27.40 3.14
N SER A 713 31.51 26.94 1.89
CA SER A 713 30.40 27.21 0.95
C SER A 713 29.57 25.96 0.70
N GLN A 714 28.30 26.16 0.38
CA GLN A 714 27.46 25.13 -0.21
C GLN A 714 26.99 25.71 -1.56
N GLU A 715 27.49 25.15 -2.68
CA GLU A 715 27.13 25.60 -4.04
C GLU A 715 25.59 25.48 -4.14
N ASP A 716 24.95 26.32 -4.96
CA ASP A 716 23.49 26.20 -5.20
C ASP A 716 23.19 24.77 -5.58
N TYR A 717 22.02 24.28 -5.19
CA TYR A 717 21.66 22.91 -5.54
C TYR A 717 20.15 22.79 -5.66
N TRP A 718 19.69 21.90 -6.56
CA TRP A 718 18.28 21.51 -6.63
C TRP A 718 18.04 20.21 -5.80
N LEU A 719 16.85 20.11 -5.19
CA LEU A 719 16.28 18.82 -4.80
C LEU A 719 14.95 18.53 -5.54
N VAL A 720 14.81 17.32 -6.08
CA VAL A 720 13.61 16.96 -6.82
C VAL A 720 12.80 15.89 -6.09
N ASP A 721 11.49 16.02 -6.14
CA ASP A 721 10.58 15.03 -5.59
C ASP A 721 9.57 14.53 -6.62
N LEU A 722 9.12 13.30 -6.44
CA LEU A 722 8.09 12.69 -7.29
C LEU A 722 7.12 11.95 -6.41
N MET A 723 5.97 11.59 -6.96
CA MET A 723 4.86 11.16 -6.15
C MET A 723 3.78 10.62 -7.08
N ALA A 724 3.04 9.62 -6.62
CA ALA A 724 1.90 9.10 -7.39
C ALA A 724 0.93 8.36 -6.44
N ARG A 725 -0.37 8.43 -6.71
CA ARG A 725 -1.32 7.72 -5.86
C ARG A 725 -2.27 7.08 -6.79
N TYR A 726 -2.80 5.92 -6.42
CA TYR A 726 -3.88 5.33 -7.23
C TYR A 726 -5.05 4.98 -6.33
N GLN A 727 -6.22 5.51 -6.64
CA GLN A 727 -7.38 5.19 -5.83
C GLN A 727 -7.93 3.88 -6.44
N ILE A 728 -7.50 2.74 -5.91
CA ILE A 728 -7.91 1.42 -6.42
C ILE A 728 -9.41 1.15 -6.24
N THR A 729 -9.98 1.79 -5.22
CA THR A 729 -11.23 1.41 -4.57
C THR A 729 -11.84 2.65 -3.93
N ASP A 730 -13.17 2.69 -3.82
CA ASP A 730 -13.81 3.79 -3.12
C ASP A 730 -13.15 3.95 -1.73
N LYS A 731 -12.78 2.86 -1.09
CA LYS A 731 -12.29 2.93 0.27
C LYS A 731 -10.75 2.82 0.42
N LEU A 732 -10.05 2.28 -0.58
CA LEU A 732 -8.63 1.97 -0.43
C LEU A 732 -7.70 2.52 -1.53
N SER A 733 -6.62 3.20 -1.14
CA SER A 733 -5.67 3.79 -2.10
C SER A 733 -4.19 3.41 -1.81
N ALA A 734 -3.37 3.34 -2.85
CA ALA A 734 -1.94 3.13 -2.72
C ALA A 734 -1.14 4.31 -3.28
N SER A 735 -0.05 4.64 -2.58
CA SER A 735 0.84 5.73 -2.92
C SER A 735 2.33 5.31 -2.91
N VAL A 736 3.16 6.09 -3.60
CA VAL A 736 4.60 5.98 -3.47
C VAL A 736 5.26 7.38 -3.57
N ASN A 737 6.26 7.61 -2.72
CA ASN A 737 6.92 8.91 -2.66
C ASN A 737 8.42 8.69 -2.84
N VAL A 738 8.99 9.37 -3.84
CA VAL A 738 10.42 9.33 -3.99
C VAL A 738 10.99 10.72 -3.69
N ASN A 739 11.91 10.85 -2.74
CA ASN A 739 12.45 12.19 -2.39
C ASN A 739 13.93 12.27 -2.65
N ASN A 740 14.38 13.46 -3.04
CA ASN A 740 15.73 13.69 -3.59
C ASN A 740 16.01 12.71 -4.74
N VAL A 741 15.31 12.87 -5.86
CA VAL A 741 15.38 11.82 -6.91
C VAL A 741 16.80 11.57 -7.47
N PHE A 742 17.54 12.64 -7.74
CA PHE A 742 18.93 12.54 -8.24
C PHE A 742 19.96 12.41 -7.10
N ASP A 743 19.49 12.04 -5.91
CA ASP A 743 20.39 11.70 -4.79
C ASP A 743 21.40 12.80 -4.53
N LYS A 744 20.99 14.05 -4.70
CA LYS A 744 21.94 15.14 -4.52
C LYS A 744 22.57 15.13 -3.12
N THR A 745 23.89 15.06 -3.02
CA THR A 745 24.51 15.04 -1.69
C THR A 745 24.85 16.49 -1.27
N TYR A 746 24.32 16.98 -0.14
CA TYR A 746 24.47 18.42 0.24
C TYR A 746 24.59 18.54 1.76
N TYR A 747 24.70 19.77 2.25
CA TYR A 747 24.84 20.04 3.69
C TYR A 747 23.71 20.87 4.22
N THR A 748 23.17 20.44 5.36
CA THR A 748 22.16 21.21 6.09
C THR A 748 22.73 21.91 7.31
N ASN A 749 24.01 21.71 7.61
CA ASN A 749 24.68 22.46 8.66
C ASN A 749 26.17 22.48 8.41
N ILE A 750 26.74 23.67 8.32
CA ILE A 750 28.19 23.78 8.40
C ILE A 750 28.56 24.85 9.40
N GLY A 751 29.40 24.45 10.35
CA GLY A 751 29.92 25.41 11.30
C GLY A 751 29.27 25.49 12.64
N PHE A 752 28.21 24.70 12.90
CA PHE A 752 27.60 24.74 14.24
C PHE A 752 28.49 23.98 15.19
N TYR A 753 29.23 24.71 16.04
CA TYR A 753 30.30 24.11 16.89
C TYR A 753 31.24 23.33 16.00
N THR A 754 31.59 23.92 14.86
CA THR A 754 32.70 23.42 14.05
C THR A 754 32.43 22.00 13.61
N SER A 755 31.19 21.81 13.15
CA SER A 755 30.66 20.50 12.73
C SER A 755 29.87 20.65 11.43
N ALA A 756 29.50 19.54 10.81
CA ALA A 756 28.59 19.59 9.66
C ALA A 756 27.63 18.46 9.67
N SER A 757 26.64 18.57 8.79
CA SER A 757 25.53 17.59 8.66
C SER A 757 25.07 17.51 7.24
N TYR A 758 24.90 16.28 6.75
CA TYR A 758 24.23 16.00 5.47
C TYR A 758 22.70 16.15 5.48
N GLY A 759 22.09 16.36 4.32
CA GLY A 759 20.65 16.25 4.14
C GLY A 759 20.31 14.84 3.67
N ASP A 760 19.02 14.48 3.72
CA ASP A 760 18.61 13.12 3.35
C ASP A 760 19.07 12.77 1.92
N PRO A 761 19.75 11.63 1.72
CA PRO A 761 19.87 10.98 0.41
C PRO A 761 18.53 10.48 -0.12
N ARG A 762 18.57 9.91 -1.32
CA ARG A 762 17.33 9.48 -2.03
C ARG A 762 16.58 8.53 -1.11
N ASN A 763 15.26 8.70 -1.03
CA ASN A 763 14.51 7.84 -0.15
C ASN A 763 13.10 7.60 -0.64
N LEU A 764 12.62 6.38 -0.42
CA LEU A 764 11.28 6.02 -0.84
C LEU A 764 10.37 5.86 0.36
N MET A 765 9.06 5.85 0.07
CA MET A 765 8.02 5.57 1.03
C MET A 765 6.76 4.99 0.34
N PHE A 766 6.35 3.82 0.76
CA PHE A 766 5.17 3.27 0.18
C PHE A 766 4.04 3.39 1.20
N SER A 767 2.79 3.69 0.77
CA SER A 767 1.60 3.75 1.69
C SER A 767 0.31 3.15 1.16
N THR A 768 -0.54 2.73 2.08
CA THR A 768 -1.91 2.46 1.78
C THR A 768 -2.71 3.26 2.78
N ARG A 769 -3.74 3.93 2.32
CA ARG A 769 -4.70 4.51 3.18
C ARG A 769 -6.08 3.81 2.89
N TRP A 770 -6.78 3.60 4.01
CA TRP A 770 -8.07 2.97 4.04
C TRP A 770 -9.04 3.88 4.81
N ASP A 771 -10.04 4.40 4.09
CA ASP A 771 -11.15 5.23 4.63
C ASP A 771 -12.37 4.36 4.93
N PHE A 772 -12.81 4.34 6.21
CA PHE A 772 -14.12 3.78 6.53
C PHE A 772 -15.14 4.84 6.07
N GLN B 1 25.24 -11.96 3.73
CA GLN B 1 26.57 -11.38 4.10
C GLN B 1 26.75 -11.31 5.66
N GLU B 2 27.80 -10.62 6.14
CA GLU B 2 28.22 -10.63 7.57
C GLU B 2 27.13 -10.15 8.56
N VAL B 3 27.02 -10.78 9.74
CA VAL B 3 25.98 -10.48 10.71
C VAL B 3 26.65 -10.08 12.02
N GLU B 4 26.01 -9.21 12.81
CA GLU B 4 26.53 -8.88 14.15
C GLU B 4 26.12 -9.93 15.20
N PHE B 5 27.06 -10.69 15.76
CA PHE B 5 26.71 -11.58 16.91
C PHE B 5 27.26 -11.08 18.25
N ASP B 6 26.53 -11.41 19.32
CA ASP B 6 26.95 -11.21 20.69
C ASP B 6 26.27 -12.30 21.51
N ILE B 7 26.95 -13.45 21.65
CA ILE B 7 26.47 -14.62 22.38
C ILE B 7 27.62 -15.10 23.27
N PRO B 8 27.57 -14.77 24.57
CA PRO B 8 28.52 -15.20 25.62
C PRO B 8 28.47 -16.71 25.99
N PRO B 9 29.56 -17.29 26.54
CA PRO B 9 29.58 -18.69 26.99
C PRO B 9 28.39 -19.04 27.88
N GLN B 10 27.57 -19.96 27.39
CA GLN B 10 26.41 -20.42 28.11
C GLN B 10 26.08 -21.84 27.76
N ALA B 11 25.05 -22.35 28.41
CA ALA B 11 24.46 -23.62 28.04
C ALA B 11 24.23 -23.70 26.50
N LEU B 12 24.76 -24.74 25.87
CA LEU B 12 24.67 -24.94 24.41
C LEU B 12 23.26 -24.72 23.86
N GLY B 13 22.27 -25.24 24.59
CA GLY B 13 20.87 -25.14 24.27
C GLY B 13 20.48 -23.73 23.95
N SER B 14 20.80 -22.79 24.85
CA SER B 14 20.25 -21.45 24.60
C SER B 14 21.13 -20.58 23.76
N ALA B 15 22.41 -20.93 23.71
CA ALA B 15 23.34 -20.41 22.72
C ALA B 15 22.80 -20.60 21.28
N LEU B 16 22.42 -21.84 20.99
CA LEU B 16 21.88 -22.21 19.69
C LEU B 16 20.59 -21.49 19.28
N GLN B 17 19.65 -21.35 20.21
CA GLN B 17 18.42 -20.61 19.97
C GLN B 17 18.71 -19.14 19.81
N GLU B 18 19.72 -18.66 20.51
CA GLU B 18 20.12 -17.27 20.38
C GLU B 18 20.84 -17.01 19.04
N PHE B 19 21.70 -17.95 18.62
CA PHE B 19 22.25 -17.87 17.29
C PHE B 19 21.14 -17.82 16.24
N GLY B 20 20.00 -18.45 16.56
CA GLY B 20 18.84 -18.48 15.67
C GLY B 20 18.27 -17.09 15.50
N ARG B 21 18.00 -16.46 16.64
CA ARG B 21 17.40 -15.15 16.73
C ARG B 21 18.27 -14.10 16.05
N GLN B 22 19.58 -14.22 16.25
CA GLN B 22 20.51 -13.15 15.89
C GLN B 22 20.83 -13.16 14.40
N ALA B 23 20.85 -14.37 13.83
CA ALA B 23 21.31 -14.61 12.47
C ALA B 23 20.15 -14.70 11.55
N ASP B 24 18.95 -14.82 12.11
CA ASP B 24 17.69 -15.03 11.34
C ASP B 24 17.80 -16.30 10.43
N ILE B 25 18.54 -17.30 10.92
CA ILE B 25 18.67 -18.61 10.26
C ILE B 25 18.25 -19.69 11.31
N GLN B 26 17.37 -20.63 10.92
CA GLN B 26 16.89 -21.71 11.78
C GLN B 26 17.98 -22.69 12.25
N VAL B 27 17.99 -23.09 13.53
CA VAL B 27 18.94 -24.11 13.99
C VAL B 27 18.23 -25.35 14.47
N LEU B 28 18.70 -26.53 14.04
CA LEU B 28 18.10 -27.81 14.46
C LEU B 28 19.10 -28.61 15.25
N TYR B 29 18.66 -29.12 16.42
CA TYR B 29 19.48 -29.96 17.32
C TYR B 29 18.57 -30.88 18.08
N ARG B 30 19.13 -31.98 18.60
CA ARG B 30 18.39 -32.87 19.51
C ARG B 30 18.63 -32.28 20.90
N PRO B 31 17.55 -32.03 21.68
CA PRO B 31 17.71 -31.43 23.02
C PRO B 31 18.65 -32.26 23.90
N GLU B 32 18.47 -33.58 23.87
CA GLU B 32 19.31 -34.53 24.64
C GLU B 32 20.82 -34.50 24.28
N GLU B 33 21.18 -34.11 23.07
CA GLU B 33 22.58 -34.18 22.66
C GLU B 33 23.35 -32.95 22.99
N VAL B 34 22.64 -31.87 23.27
CA VAL B 34 23.31 -30.64 23.72
C VAL B 34 23.09 -30.50 25.22
N ARG B 35 22.16 -31.30 25.74
CA ARG B 35 21.69 -31.16 27.09
C ARG B 35 22.75 -30.66 28.06
N ASN B 36 24.02 -31.05 27.92
CA ASN B 36 25.00 -30.66 28.97
C ASN B 36 26.31 -30.12 28.44
N LYS B 37 26.26 -29.22 27.47
CA LYS B 37 27.50 -28.70 26.87
C LYS B 37 27.46 -27.19 26.89
N ARG B 38 28.64 -26.61 26.72
CA ARG B 38 28.93 -25.21 26.86
C ARG B 38 29.25 -24.59 25.48
N SER B 39 28.68 -23.44 25.14
CA SER B 39 29.15 -22.72 23.97
C SER B 39 30.50 -21.99 24.22
N SER B 40 31.24 -21.58 23.17
CA SER B 40 32.41 -20.68 23.32
C SER B 40 31.97 -19.32 22.88
N ALA B 41 32.47 -18.27 23.52
CA ALA B 41 32.10 -16.87 23.15
C ALA B 41 32.23 -16.66 21.64
N ILE B 42 31.24 -15.95 21.08
CA ILE B 42 31.37 -15.26 19.80
C ILE B 42 30.90 -13.79 19.91
N LYS B 43 31.62 -12.89 19.28
CA LYS B 43 31.24 -11.46 19.30
C LYS B 43 31.87 -10.61 18.21
N GLY B 44 31.03 -9.76 17.64
CA GLY B 44 31.38 -8.82 16.59
C GLY B 44 30.53 -9.05 15.36
N LYS B 45 31.04 -8.56 14.22
CA LYS B 45 30.47 -8.76 12.90
C LYS B 45 31.14 -9.98 12.20
N LEU B 46 30.36 -11.01 11.90
CA LEU B 46 30.92 -12.30 11.41
C LEU B 46 30.08 -13.06 10.41
N GLU B 47 30.76 -13.76 9.50
CA GLU B 47 30.11 -14.69 8.60
C GLU B 47 29.33 -15.71 9.44
N PRO B 48 28.09 -16.05 9.04
CA PRO B 48 27.33 -17.03 9.82
C PRO B 48 28.01 -18.42 9.95
N ASN B 49 28.60 -18.95 8.88
CA ASN B 49 29.31 -20.23 8.99
C ASN B 49 30.50 -20.15 9.98
N GLN B 50 31.30 -19.09 9.89
CA GLN B 50 32.36 -18.88 10.85
C GLN B 50 31.78 -18.84 12.28
N ALA B 51 30.71 -18.07 12.49
CA ALA B 51 30.15 -17.84 13.82
C ALA B 51 29.66 -19.12 14.52
N ILE B 52 28.82 -19.87 13.81
CA ILE B 52 28.25 -21.15 14.31
C ILE B 52 29.37 -22.16 14.59
N THR B 53 30.39 -22.12 13.76
CA THR B 53 31.50 -23.00 13.85
C THR B 53 32.35 -22.74 15.08
N GLU B 54 32.40 -21.49 15.50
CA GLU B 54 33.24 -21.08 16.62
C GLU B 54 32.45 -21.15 17.90
N LEU B 55 31.13 -21.08 17.77
CA LEU B 55 30.29 -21.15 18.94
C LEU B 55 30.36 -22.54 19.47
N LEU B 56 30.65 -23.52 18.60
CA LEU B 56 30.65 -24.93 18.95
C LEU B 56 32.01 -25.46 19.39
N ARG B 57 33.00 -24.56 19.48
CA ARG B 57 34.40 -24.94 19.77
C ARG B 57 34.54 -25.77 21.05
N GLY B 58 34.99 -27.02 20.91
CA GLY B 58 35.10 -27.94 22.05
C GLY B 58 33.75 -28.25 22.67
N THR B 59 32.71 -28.37 21.87
CA THR B 59 31.52 -29.10 22.28
C THR B 59 31.59 -30.54 21.74
N GLY B 60 32.39 -30.72 20.69
CA GLY B 60 32.51 -31.94 19.91
C GLY B 60 31.45 -32.04 18.81
N ALA B 61 30.76 -30.95 18.52
CA ALA B 61 29.60 -31.00 17.64
C ALA B 61 29.82 -30.52 16.18
N SER B 62 29.19 -31.22 15.23
CA SER B 62 29.21 -30.87 13.78
C SER B 62 28.01 -30.08 13.28
N VAL B 63 28.11 -29.49 12.07
CA VAL B 63 27.05 -28.61 11.56
C VAL B 63 26.81 -28.92 10.11
N ASP B 64 25.59 -29.32 9.71
CA ASP B 64 25.29 -29.40 8.29
C ASP B 64 24.61 -28.12 7.86
N PHE B 65 24.84 -27.72 6.62
CA PHE B 65 24.15 -26.56 6.06
C PHE B 65 23.10 -26.98 5.03
N GLN B 66 22.55 -28.19 5.18
CA GLN B 66 21.49 -28.66 4.27
C GLN B 66 20.06 -28.42 4.83
N GLY B 67 19.04 -28.61 3.95
CA GLY B 67 17.70 -27.95 4.03
C GLY B 67 17.97 -26.46 3.91
N ASN B 68 17.10 -25.61 4.44
CA ASN B 68 17.50 -24.20 4.63
C ASN B 68 17.79 -23.88 6.09
N ALA B 69 18.07 -24.91 6.89
CA ALA B 69 18.42 -24.77 8.32
C ALA B 69 19.83 -25.28 8.63
N ILE B 70 20.38 -24.86 9.75
CA ILE B 70 21.62 -25.47 10.18
C ILE B 70 21.34 -26.58 11.22
N THR B 71 21.78 -27.79 10.90
CA THR B 71 21.47 -28.89 11.79
C THR B 71 22.73 -29.32 12.54
N ILE B 72 22.60 -29.36 13.86
CA ILE B 72 23.68 -29.69 14.79
C ILE B 72 23.60 -31.12 15.29
N SER B 73 24.69 -31.85 15.26
CA SER B 73 24.71 -33.16 15.86
C SER B 73 26.00 -33.46 16.62
N VAL B 74 26.07 -34.67 17.17
CA VAL B 74 27.14 -35.08 18.07
C VAL B 74 27.86 -36.40 17.69
N GLN B 93 10.53 -36.13 -4.12
CA GLN B 93 9.82 -37.22 -4.78
C GLN B 93 8.83 -36.78 -5.89
N LEU B 94 8.09 -35.69 -5.68
CA LEU B 94 7.12 -35.16 -6.69
C LEU B 94 7.78 -34.13 -7.66
N GLY B 95 9.13 -34.05 -7.51
CA GLY B 95 10.01 -33.11 -8.22
C GLY B 95 10.83 -32.30 -7.23
N THR B 96 11.54 -31.28 -7.73
CA THR B 96 12.16 -30.29 -6.85
C THR B 96 11.20 -29.10 -6.64
N ILE B 97 11.00 -28.77 -5.37
CA ILE B 97 10.23 -27.62 -4.93
C ILE B 97 10.75 -26.36 -5.64
N THR B 98 9.83 -25.49 -6.07
CA THR B 98 10.15 -24.33 -6.94
C THR B 98 10.14 -23.00 -6.17
N GLU B 99 9.37 -23.00 -5.09
CA GLU B 99 9.48 -22.03 -4.00
C GLU B 99 10.95 -21.74 -3.74
N ASP B 100 11.25 -20.48 -3.42
CA ASP B 100 12.60 -20.03 -2.96
C ASP B 100 13.78 -20.06 -4.00
N SER B 101 13.81 -21.03 -4.92
CA SER B 101 14.78 -21.02 -6.06
C SER B 101 14.63 -19.75 -6.93
N GLY B 102 13.48 -19.09 -6.84
CA GLY B 102 13.23 -17.84 -7.56
C GLY B 102 13.20 -17.98 -9.07
N SER B 103 13.03 -19.23 -9.55
CA SER B 103 13.10 -19.59 -10.99
C SER B 103 11.75 -19.97 -11.66
N TYR B 104 11.68 -19.73 -12.95
CA TYR B 104 10.50 -20.00 -13.69
C TYR B 104 10.55 -21.37 -14.35
N THR B 105 11.72 -22.02 -14.32
CA THR B 105 11.83 -23.39 -14.86
C THR B 105 11.96 -24.43 -13.75
N PRO B 106 11.32 -25.58 -13.94
CA PRO B 106 11.38 -26.72 -13.05
C PRO B 106 12.73 -27.42 -12.99
N GLY B 107 12.93 -28.20 -11.95
CA GLY B 107 14.20 -28.87 -11.74
C GLY B 107 13.95 -30.27 -12.19
N THR B 108 13.08 -30.98 -11.48
CA THR B 108 12.74 -32.32 -11.92
C THR B 108 11.26 -32.54 -11.72
N ILE B 109 10.70 -33.50 -12.44
CA ILE B 109 9.27 -33.79 -12.35
C ILE B 109 9.02 -35.27 -12.44
N ALA B 110 8.00 -35.71 -11.72
CA ALA B 110 7.65 -37.13 -11.69
C ALA B 110 6.24 -37.36 -12.25
N THR B 111 5.73 -36.36 -12.97
CA THR B 111 4.34 -36.33 -13.49
C THR B 111 4.03 -37.50 -14.44
N ALA B 112 4.93 -37.65 -15.42
CA ALA B 112 4.86 -38.53 -16.56
C ALA B 112 4.78 -40.00 -16.22
N THR B 113 5.80 -40.53 -15.51
CA THR B 113 5.92 -41.98 -15.29
C THR B 113 5.92 -42.39 -13.84
N ARG B 114 5.98 -41.40 -12.95
CA ARG B 114 6.34 -41.63 -11.56
C ARG B 114 7.88 -41.62 -11.30
N LEU B 115 8.70 -41.81 -12.33
CA LEU B 115 10.17 -41.65 -12.18
C LEU B 115 10.58 -40.18 -12.02
N VAL B 116 11.60 -39.92 -11.21
CA VAL B 116 12.07 -38.55 -10.97
C VAL B 116 13.12 -38.14 -12.00
N LEU B 117 12.65 -37.34 -12.97
CA LEU B 117 13.43 -36.96 -14.16
C LEU B 117 13.38 -35.46 -14.43
N THR B 118 14.44 -34.93 -15.06
CA THR B 118 14.48 -33.55 -15.57
C THR B 118 13.60 -33.46 -16.84
N PRO B 119 13.21 -32.25 -17.28
CA PRO B 119 12.39 -32.22 -18.50
C PRO B 119 13.09 -32.89 -19.71
N ARG B 120 14.33 -32.48 -19.99
CA ARG B 120 15.15 -33.05 -21.04
C ARG B 120 15.01 -34.55 -21.05
N GLU B 121 14.97 -35.13 -19.85
CA GLU B 121 14.87 -36.58 -19.65
C GLU B 121 13.45 -37.17 -19.79
N THR B 122 12.42 -36.32 -19.68
CA THR B 122 11.02 -36.73 -19.88
C THR B 122 10.62 -36.71 -21.36
N PRO B 123 10.23 -37.87 -21.95
CA PRO B 123 9.85 -37.94 -23.39
C PRO B 123 8.44 -37.41 -23.76
N GLN B 124 8.00 -36.35 -23.12
CA GLN B 124 6.62 -35.95 -23.23
C GLN B 124 6.62 -34.45 -23.15
N SER B 125 5.69 -33.80 -23.82
CA SER B 125 5.64 -32.35 -23.71
C SER B 125 5.19 -32.08 -22.29
N ILE B 126 5.87 -31.19 -21.56
CA ILE B 126 5.41 -30.85 -20.19
C ILE B 126 5.75 -29.42 -19.79
N THR B 127 4.72 -28.59 -19.62
CA THR B 127 4.83 -27.19 -19.19
C THR B 127 4.51 -26.99 -17.69
N VAL B 128 5.23 -26.10 -17.02
CA VAL B 128 4.98 -25.89 -15.61
C VAL B 128 4.94 -24.42 -15.21
N VAL B 129 3.92 -24.00 -14.49
CA VAL B 129 4.00 -22.70 -13.79
C VAL B 129 4.52 -22.83 -12.34
N THR B 130 5.74 -22.33 -12.10
CA THR B 130 6.38 -22.36 -10.77
C THR B 130 5.84 -21.28 -9.86
N ARG B 131 5.95 -21.54 -8.55
CA ARG B 131 5.75 -20.55 -7.47
C ARG B 131 6.20 -19.11 -7.75
N GLN B 132 7.43 -18.94 -8.23
CA GLN B 132 7.88 -17.57 -8.52
C GLN B 132 7.07 -16.83 -9.61
N ASN B 133 6.59 -17.62 -10.54
CA ASN B 133 5.77 -17.07 -11.60
C ASN B 133 4.42 -16.65 -11.00
N MET B 134 3.78 -17.58 -10.29
CA MET B 134 2.56 -17.31 -9.59
C MET B 134 2.67 -16.01 -8.76
N ASP B 135 3.71 -15.90 -7.94
CA ASP B 135 3.95 -14.69 -7.10
C ASP B 135 4.16 -13.40 -7.89
N ASP B 136 5.10 -13.43 -8.83
CA ASP B 136 5.42 -12.28 -9.63
C ASP B 136 4.21 -11.74 -10.36
N PHE B 137 3.34 -12.61 -10.82
CA PHE B 137 2.20 -12.16 -11.57
C PHE B 137 0.87 -12.22 -10.87
N GLY B 138 0.86 -12.52 -9.57
CA GLY B 138 -0.37 -12.53 -8.76
C GLY B 138 -1.36 -13.52 -9.32
N LEU B 139 -0.84 -14.66 -9.75
CA LEU B 139 -1.68 -15.74 -10.23
C LEU B 139 -2.35 -16.33 -9.03
N ASN B 140 -3.59 -15.96 -8.81
CA ASN B 140 -4.19 -16.26 -7.54
C ASN B 140 -5.06 -17.51 -7.50
N ASN B 141 -5.58 -17.89 -8.66
CA ASN B 141 -6.31 -19.17 -8.80
C ASN B 141 -5.94 -19.93 -10.08
N ILE B 142 -6.52 -21.14 -10.20
CA ILE B 142 -6.13 -22.05 -11.27
C ILE B 142 -6.41 -21.47 -12.66
N ASP B 143 -7.48 -20.67 -12.77
CA ASP B 143 -7.76 -19.87 -13.98
C ASP B 143 -6.65 -18.89 -14.33
N ASP B 144 -6.19 -18.10 -13.36
CA ASP B 144 -5.10 -17.16 -13.65
C ASP B 144 -3.86 -17.95 -14.04
N VAL B 145 -3.65 -19.11 -13.42
CA VAL B 145 -2.52 -19.88 -13.85
C VAL B 145 -2.71 -20.32 -15.31
N MET B 146 -3.93 -20.77 -15.65
CA MET B 146 -4.19 -21.32 -16.97
C MET B 146 -4.03 -20.25 -18.08
N ARG B 147 -4.65 -19.08 -17.86
CA ARG B 147 -4.38 -17.94 -18.73
C ARG B 147 -2.86 -17.72 -19.01
N HIS B 148 -2.00 -17.99 -18.03
CA HIS B 148 -0.53 -17.79 -18.19
C HIS B 148 0.25 -19.06 -18.59
N THR B 149 -0.45 -20.15 -18.84
CA THR B 149 0.26 -21.36 -19.25
C THR B 149 0.40 -21.31 -20.75
N PRO B 150 1.64 -21.34 -21.22
CA PRO B 150 1.74 -21.36 -22.63
C PRO B 150 1.28 -22.72 -23.16
N GLY B 151 0.38 -22.64 -24.14
CA GLY B 151 -0.15 -23.80 -24.83
C GLY B 151 -1.63 -23.95 -24.62
N ILE B 152 -2.16 -23.18 -23.68
CA ILE B 152 -3.49 -23.41 -23.14
C ILE B 152 -4.33 -22.19 -23.34
N THR B 153 -5.58 -22.43 -23.72
CA THR B 153 -6.46 -21.35 -24.09
C THR B 153 -7.61 -21.39 -23.18
N VAL B 154 -7.88 -20.30 -22.47
CA VAL B 154 -9.02 -20.31 -21.57
C VAL B 154 -10.25 -19.64 -22.18
N SER B 155 -11.39 -20.32 -22.13
CA SER B 155 -12.64 -19.81 -22.69
C SER B 155 -13.73 -19.94 -21.65
N ALA B 156 -14.75 -19.09 -21.77
CA ALA B 156 -15.79 -18.98 -20.74
C ALA B 156 -17.03 -19.83 -21.01
N TYR B 157 -17.64 -20.27 -19.90
CA TYR B 157 -18.99 -20.81 -19.82
C TYR B 157 -19.84 -19.73 -19.20
N ASP B 158 -19.58 -19.40 -17.95
CA ASP B 158 -20.27 -18.33 -17.23
C ASP B 158 -19.48 -17.77 -16.03
N THR B 159 -19.92 -16.66 -15.44
CA THR B 159 -19.07 -15.97 -14.46
C THR B 159 -18.27 -16.91 -13.57
N ASP B 160 -18.67 -18.19 -13.46
CA ASP B 160 -18.18 -19.03 -12.39
C ASP B 160 -17.79 -20.39 -12.88
N ARG B 161 -17.62 -20.49 -14.19
CA ARG B 161 -17.17 -21.70 -14.77
C ARG B 161 -16.35 -21.31 -15.97
N ASN B 162 -15.36 -22.16 -16.27
CA ASN B 162 -14.43 -21.93 -17.36
C ASN B 162 -13.98 -23.23 -18.07
N ASN B 163 -13.38 -23.08 -19.24
CA ASN B 163 -12.94 -24.22 -20.00
C ASN B 163 -11.51 -24.10 -20.35
N TYR B 164 -10.82 -25.22 -20.36
CA TYR B 164 -9.43 -25.18 -20.78
C TYR B 164 -9.24 -26.08 -22.01
N TYR B 165 -8.61 -25.53 -23.04
CA TYR B 165 -8.22 -26.35 -24.19
C TYR B 165 -6.72 -26.58 -24.28
N ALA B 166 -6.39 -27.78 -24.70
CA ALA B 166 -5.05 -28.15 -25.18
C ALA B 166 -5.20 -29.01 -26.46
N ARG B 167 -4.49 -28.62 -27.52
CA ARG B 167 -4.31 -29.49 -28.65
C ARG B 167 -5.66 -30.01 -29.10
N GLY B 168 -6.65 -29.14 -29.14
CA GLY B 168 -7.93 -29.50 -29.74
C GLY B 168 -8.87 -30.20 -28.78
N PHE B 169 -8.47 -30.31 -27.54
CA PHE B 169 -9.33 -30.97 -26.59
C PHE B 169 -9.63 -30.09 -25.42
N SER B 170 -10.82 -30.16 -24.87
CA SER B 170 -11.05 -29.62 -23.55
C SER B 170 -10.27 -30.39 -22.52
N ILE B 171 -9.56 -29.67 -21.66
CA ILE B 171 -8.93 -30.32 -20.52
C ILE B 171 -10.00 -30.76 -19.51
N ASN B 172 -10.02 -32.06 -19.22
CA ASN B 172 -10.90 -32.62 -18.21
C ASN B 172 -10.23 -33.70 -17.33
N ASN B 173 -8.92 -33.58 -17.08
CA ASN B 173 -8.22 -34.36 -16.05
C ASN B 173 -7.51 -33.39 -15.07
N PHE B 174 -7.84 -33.50 -13.78
CA PHE B 174 -7.26 -32.63 -12.75
C PHE B 174 -6.72 -33.56 -11.71
N GLN B 175 -5.46 -33.38 -11.32
CA GLN B 175 -4.88 -34.18 -10.29
C GLN B 175 -4.44 -33.29 -9.15
N TYR B 176 -4.55 -33.86 -7.94
CA TYR B 176 -4.06 -33.24 -6.72
C TYR B 176 -3.05 -34.16 -6.12
N ASP B 177 -1.78 -33.80 -6.30
CA ASP B 177 -0.66 -34.53 -5.70
C ASP B 177 -0.68 -35.95 -6.20
N GLY B 178 -0.93 -36.06 -7.51
CA GLY B 178 -0.98 -37.34 -8.19
C GLY B 178 -2.35 -37.94 -8.19
N ILE B 179 -3.17 -37.60 -7.21
CA ILE B 179 -4.49 -38.20 -7.14
C ILE B 179 -5.44 -37.57 -8.19
N PRO B 180 -5.93 -38.37 -9.17
CA PRO B 180 -6.97 -37.98 -10.14
C PRO B 180 -8.33 -37.59 -9.52
N SER B 181 -8.91 -36.48 -9.94
CA SER B 181 -10.22 -36.00 -9.50
C SER B 181 -11.30 -36.81 -10.20
N THR B 182 -12.42 -37.05 -9.53
CA THR B 182 -13.54 -37.67 -10.23
C THR B 182 -14.80 -36.80 -10.36
N ALA B 183 -14.72 -35.54 -9.92
CA ALA B 183 -15.65 -34.51 -10.40
C ALA B 183 -15.26 -34.05 -11.85
N ARG B 184 -16.07 -34.47 -12.82
CA ARG B 184 -15.63 -34.53 -14.22
C ARG B 184 -16.70 -33.98 -15.10
N ASN B 185 -17.79 -33.56 -14.48
CA ASN B 185 -18.89 -32.95 -15.18
C ASN B 185 -19.05 -31.45 -14.86
N VAL B 186 -18.68 -30.59 -15.81
CA VAL B 186 -18.79 -29.11 -15.65
C VAL B 186 -20.21 -28.58 -15.63
N GLY B 187 -21.15 -29.42 -16.01
CA GLY B 187 -22.54 -29.03 -15.89
C GLY B 187 -22.90 -28.86 -14.42
N TYR B 188 -22.19 -29.58 -13.58
CA TYR B 188 -22.36 -29.45 -12.18
C TYR B 188 -21.04 -29.05 -11.55
N SER B 189 -20.42 -27.99 -12.08
CA SER B 189 -19.14 -27.49 -11.59
C SER B 189 -19.02 -27.59 -10.11
N ALA B 190 -17.89 -28.13 -9.66
CA ALA B 190 -17.66 -28.35 -8.25
C ALA B 190 -16.29 -27.85 -7.80
N GLY B 191 -15.89 -26.70 -8.33
CA GLY B 191 -14.62 -26.10 -7.92
C GLY B 191 -13.28 -26.43 -8.57
N ASN B 192 -13.22 -27.43 -9.45
CA ASN B 192 -11.93 -27.77 -10.14
C ASN B 192 -11.25 -26.66 -10.94
N THR B 193 -12.05 -25.66 -11.22
CA THR B 193 -11.81 -24.56 -12.12
C THR B 193 -11.49 -23.29 -11.26
N LEU B 194 -11.56 -23.40 -9.91
CA LEU B 194 -11.44 -22.26 -8.95
C LEU B 194 -10.39 -22.42 -7.79
N SER B 195 -9.60 -23.52 -7.81
CA SER B 195 -8.67 -23.79 -6.74
C SER B 195 -7.81 -22.56 -6.63
N ASP B 196 -7.58 -22.13 -5.40
CA ASP B 196 -6.83 -20.95 -5.09
C ASP B 196 -5.38 -21.34 -5.01
N MET B 197 -4.51 -20.48 -5.52
CA MET B 197 -3.08 -20.79 -5.52
C MET B 197 -2.38 -20.83 -4.15
N ALA B 198 -3.02 -20.25 -3.14
CA ALA B 198 -2.37 -20.13 -1.87
C ALA B 198 -1.74 -21.40 -1.32
N ILE B 199 -2.26 -22.57 -1.67
CA ILE B 199 -1.80 -23.78 -1.02
C ILE B 199 -0.82 -24.58 -1.86
N TYR B 200 -0.43 -24.03 -3.00
CA TYR B 200 0.23 -24.83 -4.00
C TYR B 200 1.61 -24.32 -4.35
N ASP B 201 2.47 -25.24 -4.74
CA ASP B 201 3.84 -24.92 -5.03
C ASP B 201 4.05 -24.61 -6.49
N ARG B 202 3.43 -25.42 -7.34
CA ARG B 202 3.45 -25.25 -8.78
C ARG B 202 2.27 -25.99 -9.39
N VAL B 203 2.07 -25.78 -10.69
CA VAL B 203 1.07 -26.49 -11.47
C VAL B 203 1.78 -27.14 -12.66
N GLU B 204 1.68 -28.46 -12.77
CA GLU B 204 2.31 -29.16 -13.89
C GLU B 204 1.22 -29.54 -14.86
N VAL B 205 1.35 -29.04 -16.09
CA VAL B 205 0.44 -29.36 -17.19
C VAL B 205 1.18 -30.24 -18.16
N LEU B 206 0.74 -31.49 -18.24
CA LEU B 206 1.39 -32.46 -19.07
C LEU B 206 0.51 -32.76 -20.28
N LYS B 207 1.09 -32.57 -21.45
CA LYS B 207 0.28 -32.35 -22.63
C LYS B 207 0.34 -33.58 -23.45
N GLY B 208 -0.79 -33.97 -24.03
CA GLY B 208 -0.83 -35.08 -24.96
C GLY B 208 -1.87 -36.08 -24.53
N ALA B 209 -1.50 -37.36 -24.47
CA ALA B 209 -2.38 -38.41 -23.91
C ALA B 209 -1.72 -38.87 -22.61
N THR B 210 -2.42 -38.71 -21.48
CA THR B 210 -1.80 -38.96 -20.18
C THR B 210 -2.34 -40.19 -19.41
N GLY B 211 -2.71 -41.23 -20.13
CA GLY B 211 -3.41 -42.35 -19.54
C GLY B 211 -2.57 -43.16 -18.59
N LEU B 212 -1.25 -43.16 -18.77
CA LEU B 212 -0.40 -44.05 -17.99
C LEU B 212 -0.61 -43.89 -16.49
N LEU B 213 -0.54 -42.65 -16.01
CA LEU B 213 -0.80 -42.39 -14.60
C LEU B 213 -2.21 -41.87 -14.32
N THR B 214 -2.87 -41.34 -15.35
CA THR B 214 -4.22 -40.83 -15.18
C THR B 214 -5.26 -41.96 -15.10
N GLY B 215 -5.14 -42.99 -15.90
CA GLY B 215 -6.20 -44.00 -15.97
C GLY B 215 -7.20 -43.49 -16.97
N ALA B 216 -8.46 -43.90 -16.89
CA ALA B 216 -9.49 -43.34 -17.81
C ALA B 216 -9.54 -41.80 -17.73
N GLY B 217 -9.86 -41.13 -18.84
CA GLY B 217 -9.92 -39.67 -18.83
C GLY B 217 -9.83 -39.03 -20.20
N SER B 218 -9.94 -37.69 -20.21
CA SER B 218 -10.09 -36.88 -21.44
C SER B 218 -8.79 -36.88 -22.27
N LEU B 219 -8.79 -36.44 -23.52
CA LEU B 219 -7.50 -36.27 -24.22
C LEU B 219 -6.93 -34.88 -23.96
N GLY B 220 -5.84 -34.52 -24.62
CA GLY B 220 -5.33 -33.18 -24.58
C GLY B 220 -4.29 -32.94 -23.51
N ALA B 221 -4.75 -32.87 -22.25
CA ALA B 221 -3.87 -32.53 -21.10
C ALA B 221 -4.30 -33.09 -19.73
N THR B 222 -3.37 -33.07 -18.78
CA THR B 222 -3.74 -33.24 -17.40
C THR B 222 -3.15 -32.09 -16.62
N ILE B 223 -3.94 -31.58 -15.69
CA ILE B 223 -3.46 -30.51 -14.88
C ILE B 223 -3.22 -31.19 -13.53
N ASN B 224 -1.99 -31.09 -13.02
CA ASN B 224 -1.62 -31.69 -11.74
C ASN B 224 -1.07 -30.59 -10.86
N LEU B 225 -1.81 -30.29 -9.79
CA LEU B 225 -1.41 -29.32 -8.78
C LEU B 225 -0.73 -30.06 -7.65
N ILE B 226 0.36 -29.47 -7.16
CA ILE B 226 1.23 -29.98 -6.09
C ILE B 226 1.14 -29.05 -4.87
N ARG B 227 0.75 -29.62 -3.73
CA ARG B 227 0.58 -28.82 -2.52
C ARG B 227 1.90 -28.35 -1.93
N LYS B 228 1.88 -27.22 -1.21
CA LYS B 228 3.03 -26.77 -0.40
C LYS B 228 3.27 -27.81 0.70
N LYS B 229 4.54 -28.02 1.03
CA LYS B 229 4.93 -29.00 2.03
C LYS B 229 5.52 -28.25 3.23
N PRO B 230 5.68 -28.94 4.37
CA PRO B 230 6.33 -28.27 5.49
C PRO B 230 7.80 -28.11 5.20
N THR B 231 8.44 -27.25 5.96
CA THR B 231 9.82 -26.91 5.72
C THR B 231 10.58 -27.13 7.00
N HIS B 232 11.84 -27.52 6.87
CA HIS B 232 12.68 -27.72 8.04
C HIS B 232 12.96 -26.40 8.74
N GLU B 233 13.14 -25.32 7.99
CA GLU B 233 13.28 -23.98 8.60
C GLU B 233 11.92 -23.27 8.75
N PHE B 234 11.82 -22.32 9.68
CA PHE B 234 10.60 -21.55 9.90
C PHE B 234 10.52 -20.45 8.88
N LYS B 235 9.52 -20.51 8.00
CA LYS B 235 9.29 -19.44 7.05
C LYS B 235 7.83 -19.06 6.98
N GLY B 236 7.56 -17.80 6.73
CA GLY B 236 6.23 -17.41 6.30
C GLY B 236 6.00 -15.96 5.97
N HIS B 237 4.83 -15.71 5.36
CA HIS B 237 4.39 -14.39 4.97
C HIS B 237 2.90 -14.09 5.21
N VAL B 238 2.62 -12.81 5.24
CA VAL B 238 1.28 -12.30 5.26
C VAL B 238 1.29 -11.47 4.00
N GLU B 239 0.19 -11.49 3.25
CA GLU B 239 0.10 -10.73 2.02
C GLU B 239 -1.26 -10.12 1.92
N LEU B 240 -1.33 -8.80 1.83
CA LEU B 240 -2.59 -8.11 1.72
C LEU B 240 -2.65 -7.45 0.34
N GLY B 241 -3.73 -7.67 -0.38
CA GLY B 241 -3.86 -7.17 -1.76
C GLY B 241 -5.16 -6.44 -2.00
N ALA B 242 -5.14 -5.44 -2.89
CA ALA B 242 -6.32 -4.65 -3.21
C ALA B 242 -6.19 -4.35 -4.67
N GLY B 243 -7.30 -4.53 -5.41
CA GLY B 243 -7.34 -4.55 -6.89
C GLY B 243 -8.67 -4.01 -7.44
N SER B 244 -8.72 -3.77 -8.75
CA SER B 244 -9.92 -3.32 -9.47
C SER B 244 -11.21 -4.04 -9.10
N TRP B 245 -12.27 -3.23 -8.98
CA TRP B 245 -13.67 -3.66 -8.72
C TRP B 245 -13.76 -4.34 -7.38
N ASP B 246 -13.26 -3.62 -6.39
CA ASP B 246 -13.28 -4.04 -5.02
C ASP B 246 -12.69 -5.43 -4.83
N ASN B 247 -11.49 -5.67 -5.36
CA ASN B 247 -10.88 -6.98 -5.24
C ASN B 247 -9.94 -7.02 -4.03
N TYR B 248 -10.43 -7.55 -2.90
CA TYR B 248 -9.68 -7.53 -1.63
C TYR B 248 -9.26 -8.91 -1.22
N ARG B 249 -8.01 -9.07 -0.77
CA ARG B 249 -7.48 -10.41 -0.45
C ARG B 249 -6.38 -10.40 0.59
N SER B 250 -6.41 -11.46 1.40
CA SER B 250 -5.47 -11.68 2.51
C SER B 250 -5.08 -13.14 2.58
N GLU B 251 -3.80 -13.36 2.84
CA GLU B 251 -3.25 -14.69 2.83
C GLU B 251 -2.20 -14.80 3.92
N LEU B 252 -2.20 -15.94 4.62
CA LEU B 252 -1.32 -16.26 5.76
C LEU B 252 -0.74 -17.64 5.56
N ASP B 253 0.60 -17.73 5.53
CA ASP B 253 1.32 -18.99 5.26
C ASP B 253 2.40 -19.10 6.33
N VAL B 254 2.34 -20.10 7.19
CA VAL B 254 3.39 -20.31 8.21
C VAL B 254 3.90 -21.76 8.12
N SER B 255 5.22 -21.94 8.17
CA SER B 255 5.76 -23.30 8.08
C SER B 255 7.06 -23.54 8.88
N GLY B 256 7.24 -24.75 9.39
CA GLY B 256 8.44 -25.01 10.16
C GLY B 256 8.44 -26.26 11.01
N PRO B 257 9.52 -26.46 11.77
CA PRO B 257 9.59 -27.55 12.73
C PRO B 257 8.72 -27.30 13.97
N LEU B 258 8.15 -28.38 14.52
CA LEU B 258 7.32 -28.33 15.72
C LEU B 258 8.11 -28.95 16.85
N THR B 259 9.22 -29.61 16.53
CA THR B 259 10.20 -30.04 17.57
C THR B 259 11.56 -29.40 17.36
N GLU B 260 12.32 -29.17 18.43
CA GLU B 260 13.60 -28.49 18.21
C GLU B 260 14.58 -29.31 17.34
N SER B 261 14.27 -30.58 17.07
CA SER B 261 15.15 -31.41 16.24
C SER B 261 14.66 -31.46 14.81
N GLY B 262 13.46 -30.95 14.60
CA GLY B 262 12.87 -30.95 13.26
C GLY B 262 12.15 -32.23 12.83
N ASN B 263 12.17 -33.28 13.65
CA ASN B 263 11.49 -34.56 13.28
C ASN B 263 9.95 -34.51 13.06
N VAL B 264 9.36 -33.35 13.34
CA VAL B 264 7.93 -33.11 13.16
C VAL B 264 7.96 -31.66 12.71
N ARG B 265 7.22 -31.38 11.65
CA ARG B 265 7.20 -30.12 10.98
C ARG B 265 5.74 -29.88 10.47
N GLY B 266 5.31 -28.62 10.38
CA GLY B 266 3.98 -28.38 9.90
C GLY B 266 3.86 -27.12 9.05
N ARG B 267 2.76 -27.05 8.31
CA ARG B 267 2.47 -25.88 7.51
C ARG B 267 0.98 -25.56 7.54
N ALA B 268 0.63 -24.27 7.48
CA ALA B 268 -0.78 -23.89 7.57
C ALA B 268 -0.96 -22.72 6.70
N VAL B 269 -2.04 -22.72 5.92
CA VAL B 269 -2.34 -21.55 5.11
C VAL B 269 -3.78 -21.19 5.24
N ALA B 270 -3.98 -19.89 5.33
CA ALA B 270 -5.30 -19.31 5.35
C ALA B 270 -5.36 -18.21 4.32
N ALA B 271 -6.48 -18.18 3.60
CA ALA B 271 -6.62 -17.14 2.64
C ALA B 271 -8.06 -16.80 2.49
N TYR B 272 -8.31 -15.53 2.28
CA TYR B 272 -9.67 -15.04 2.14
C TYR B 272 -9.69 -14.01 1.02
N GLN B 273 -10.71 -14.08 0.18
CA GLN B 273 -10.83 -13.11 -0.94
C GLN B 273 -12.25 -12.67 -1.09
N ASP B 274 -12.44 -11.38 -1.33
CA ASP B 274 -13.78 -10.82 -1.50
C ASP B 274 -13.66 -9.84 -2.63
N LYS B 275 -14.34 -10.15 -3.73
CA LYS B 275 -14.21 -9.30 -4.91
C LYS B 275 -15.54 -9.07 -5.56
N HIS B 276 -15.78 -7.84 -6.04
CA HIS B 276 -16.81 -7.60 -7.05
C HIS B 276 -16.21 -7.86 -8.44
N SER B 277 -16.83 -7.33 -9.50
CA SER B 277 -16.14 -7.29 -10.80
C SER B 277 -16.65 -6.19 -11.74
N PHE B 278 -16.01 -6.13 -12.92
CA PHE B 278 -16.36 -5.22 -13.96
C PHE B 278 -17.79 -5.49 -14.39
N MET B 279 -18.26 -6.72 -14.18
CA MET B 279 -19.65 -7.07 -14.31
C MET B 279 -20.49 -6.64 -13.15
N ASP B 280 -21.61 -6.02 -13.47
CA ASP B 280 -22.60 -5.46 -12.54
C ASP B 280 -23.12 -6.50 -11.56
N HIS B 281 -23.53 -6.07 -10.35
CA HIS B 281 -24.10 -6.94 -9.28
C HIS B 281 -23.52 -8.36 -9.08
N TYR B 282 -22.19 -8.48 -9.13
CA TYR B 282 -21.58 -9.77 -8.96
C TYR B 282 -20.54 -9.63 -7.89
N GLU B 283 -20.59 -10.47 -6.86
CA GLU B 283 -19.44 -10.61 -5.99
C GLU B 283 -19.08 -12.05 -5.62
N ARG B 284 -17.84 -12.28 -5.22
CA ARG B 284 -17.41 -13.60 -4.85
C ARG B 284 -16.53 -13.52 -3.64
N LYS B 285 -16.92 -14.30 -2.62
CA LYS B 285 -16.11 -14.52 -1.44
C LYS B 285 -15.44 -15.91 -1.51
N THR B 286 -14.12 -15.96 -1.44
CA THR B 286 -13.51 -17.28 -1.40
C THR B 286 -12.70 -17.44 -0.13
N SER B 287 -12.77 -18.62 0.45
CA SER B 287 -12.13 -18.91 1.71
C SER B 287 -11.34 -20.16 1.59
N VAL B 288 -10.06 -20.10 1.96
CA VAL B 288 -9.27 -21.32 2.00
C VAL B 288 -8.48 -21.58 3.26
N TYR B 289 -8.49 -22.84 3.67
CA TYR B 289 -7.76 -23.31 4.85
C TYR B 289 -6.97 -24.50 4.44
N TYR B 290 -5.78 -24.59 5.03
CA TYR B 290 -4.93 -25.71 4.76
C TYR B 290 -3.92 -25.87 5.86
N GLY B 291 -3.75 -27.13 6.26
CA GLY B 291 -2.78 -27.53 7.28
C GLY B 291 -2.24 -28.94 7.02
N ILE B 292 -0.96 -29.09 7.34
CA ILE B 292 -0.25 -30.33 7.06
C ILE B 292 0.92 -30.53 8.02
N LEU B 293 1.19 -31.81 8.28
CA LEU B 293 2.11 -32.29 9.30
C LEU B 293 2.99 -33.39 8.70
N GLU B 294 4.26 -33.40 9.11
CA GLU B 294 5.23 -34.41 8.63
C GLU B 294 5.95 -34.98 9.80
N PHE B 295 5.76 -36.27 10.05
CA PHE B 295 6.45 -36.94 11.14
C PHE B 295 7.50 -37.87 10.56
N ASP B 296 8.73 -37.81 11.08
CA ASP B 296 9.76 -38.81 10.72
C ASP B 296 9.75 -39.92 11.76
N LEU B 297 9.19 -41.05 11.36
CA LEU B 297 9.09 -42.19 12.25
C LEU B 297 10.49 -42.79 12.57
N ASN B 298 11.40 -42.72 11.60
CA ASN B 298 12.84 -42.96 11.79
C ASN B 298 13.57 -42.37 10.58
N PRO B 299 14.91 -42.45 10.54
CA PRO B 299 15.57 -41.74 9.41
C PRO B 299 15.12 -42.17 7.99
N ASP B 300 14.30 -43.22 7.90
CA ASP B 300 13.91 -43.87 6.63
C ASP B 300 12.39 -43.90 6.37
N THR B 301 11.61 -43.30 7.27
CA THR B 301 10.17 -43.52 7.24
C THR B 301 9.51 -42.22 7.61
N MET B 302 8.67 -41.70 6.70
CA MET B 302 7.93 -40.45 6.94
C MET B 302 6.41 -40.65 6.84
N LEU B 303 5.65 -40.14 7.81
CA LEU B 303 4.20 -40.16 7.78
C LEU B 303 3.70 -38.73 7.65
N THR B 304 2.86 -38.42 6.63
CA THR B 304 2.20 -37.10 6.47
C THR B 304 0.67 -37.18 6.57
N VAL B 305 0.07 -36.38 7.45
CA VAL B 305 -1.39 -36.17 7.45
C VAL B 305 -1.63 -34.76 6.99
N GLY B 306 -2.80 -34.49 6.40
CA GLY B 306 -3.15 -33.15 5.96
C GLY B 306 -4.59 -32.93 5.53
N ALA B 307 -5.01 -31.66 5.52
CA ALA B 307 -6.40 -31.25 5.25
C ALA B 307 -6.48 -29.92 4.55
N ASP B 308 -7.34 -29.81 3.54
CA ASP B 308 -7.63 -28.50 2.97
C ASP B 308 -9.08 -28.31 2.74
N TYR B 309 -9.50 -27.07 2.64
CA TYR B 309 -10.89 -26.75 2.54
C TYR B 309 -10.87 -25.52 1.67
N GLN B 310 -11.84 -25.35 0.78
CA GLN B 310 -11.99 -24.12 -0.03
C GLN B 310 -13.42 -23.83 -0.39
N ASP B 311 -13.82 -22.57 -0.25
CA ASP B 311 -15.22 -22.18 -0.44
C ASP B 311 -15.36 -21.05 -1.45
N ASN B 312 -16.03 -21.32 -2.56
CA ASN B 312 -16.28 -20.31 -3.56
C ASN B 312 -17.74 -19.92 -3.50
N ASP B 313 -17.98 -18.71 -3.01
CA ASP B 313 -19.33 -18.29 -2.72
C ASP B 313 -19.68 -17.00 -3.47
N PRO B 314 -20.31 -17.09 -4.66
CA PRO B 314 -20.66 -15.88 -5.39
C PRO B 314 -22.11 -15.41 -5.18
N LYS B 315 -22.45 -14.25 -5.75
CA LYS B 315 -23.82 -13.71 -5.80
C LYS B 315 -23.87 -12.97 -7.09
N GLY B 316 -25.01 -13.12 -7.80
CA GLY B 316 -25.19 -12.54 -9.15
C GLY B 316 -24.51 -13.36 -10.22
N SER B 317 -24.38 -14.66 -9.96
CA SER B 317 -23.74 -15.57 -10.87
C SER B 317 -24.54 -15.53 -12.14
N GLY B 318 -23.84 -15.52 -13.27
CA GLY B 318 -24.52 -15.65 -14.55
C GLY B 318 -24.65 -17.09 -14.95
N TRP B 319 -25.41 -17.36 -16.02
CA TRP B 319 -25.58 -18.71 -16.49
C TRP B 319 -25.85 -18.57 -18.00
N SER B 320 -25.38 -19.55 -18.81
CA SER B 320 -25.20 -19.47 -20.26
C SER B 320 -24.59 -18.15 -20.71
N GLY B 321 -23.30 -17.98 -20.44
CA GLY B 321 -22.57 -16.79 -20.87
C GLY B 321 -23.11 -15.56 -20.21
N SER B 322 -22.74 -14.39 -20.74
CA SER B 322 -22.98 -13.13 -20.04
C SER B 322 -24.21 -12.42 -20.56
N PHE B 323 -24.56 -12.64 -21.82
CA PHE B 323 -25.76 -12.05 -22.42
C PHE B 323 -26.11 -12.78 -23.70
N PRO B 324 -27.41 -12.83 -24.01
CA PRO B 324 -27.86 -13.48 -25.22
C PRO B 324 -27.38 -12.70 -26.44
N LEU B 325 -26.84 -13.43 -27.43
CA LEU B 325 -26.46 -12.85 -28.73
C LEU B 325 -27.61 -12.13 -29.45
N PHE B 326 -28.81 -12.71 -29.45
CA PHE B 326 -29.90 -12.19 -30.25
C PHE B 326 -31.12 -11.72 -29.43
N ASP B 327 -31.76 -10.67 -29.93
CA ASP B 327 -33.00 -10.22 -29.36
C ASP B 327 -34.18 -11.06 -29.91
N SER B 328 -35.39 -10.75 -29.48
CA SER B 328 -36.59 -11.48 -29.93
C SER B 328 -36.64 -11.59 -31.42
N GLN B 329 -36.10 -10.59 -32.10
CA GLN B 329 -36.23 -10.47 -33.58
C GLN B 329 -35.07 -10.99 -34.40
N GLY B 330 -34.08 -11.62 -33.76
CA GLY B 330 -32.89 -12.09 -34.42
C GLY B 330 -31.84 -11.03 -34.67
N ASN B 331 -31.94 -9.86 -34.06
CA ASN B 331 -30.82 -8.91 -34.15
C ASN B 331 -29.72 -9.19 -33.14
N ARG B 332 -28.47 -8.93 -33.53
CA ARG B 332 -27.35 -9.00 -32.56
C ARG B 332 -27.60 -8.03 -31.42
N ASN B 333 -27.68 -8.52 -30.20
CA ASN B 333 -27.74 -7.62 -29.10
C ASN B 333 -26.39 -6.97 -28.96
N ASP B 334 -26.42 -5.74 -28.46
CA ASP B 334 -25.24 -4.90 -28.28
C ASP B 334 -25.22 -4.34 -26.84
N VAL B 335 -24.33 -4.84 -25.98
CA VAL B 335 -24.38 -4.49 -24.53
C VAL B 335 -23.03 -4.12 -24.00
N SER B 336 -23.00 -3.44 -22.85
CA SER B 336 -21.71 -3.08 -22.23
C SER B 336 -21.01 -4.32 -21.76
N ARG B 337 -19.72 -4.14 -21.55
CA ARG B 337 -18.91 -5.17 -21.00
C ARG B 337 -19.43 -5.54 -19.62
N SER B 338 -19.98 -4.54 -18.92
CA SER B 338 -20.42 -4.72 -17.54
C SER B 338 -21.80 -5.31 -17.35
N PHE B 339 -22.53 -5.59 -18.44
CA PHE B 339 -23.82 -6.27 -18.38
C PHE B 339 -23.69 -7.68 -17.80
N ASN B 340 -24.63 -8.03 -16.91
CA ASN B 340 -24.69 -9.33 -16.22
C ASN B 340 -26.07 -9.97 -16.29
N ASN B 341 -26.27 -10.93 -17.19
CA ASN B 341 -27.55 -11.69 -17.26
C ASN B 341 -28.09 -12.40 -15.98
N GLY B 342 -27.28 -12.62 -14.96
CA GLY B 342 -27.82 -13.34 -13.80
C GLY B 342 -28.63 -12.49 -12.86
N ALA B 343 -29.47 -13.17 -12.06
CA ALA B 343 -30.30 -12.55 -11.02
C ALA B 343 -29.46 -12.18 -9.80
N LYS B 344 -29.86 -11.16 -9.05
CA LYS B 344 -29.06 -10.69 -7.90
C LYS B 344 -28.72 -11.84 -6.95
N TRP B 345 -29.69 -12.76 -6.87
CA TRP B 345 -29.72 -13.84 -5.92
C TRP B 345 -29.19 -15.13 -6.51
N SER B 346 -28.85 -15.11 -7.78
CA SER B 346 -28.24 -16.25 -8.38
C SER B 346 -26.84 -16.47 -7.82
N SER B 347 -26.56 -17.73 -7.50
CA SER B 347 -25.28 -18.06 -6.97
C SER B 347 -24.86 -19.46 -7.40
N TRP B 348 -23.68 -19.62 -8.02
CA TRP B 348 -23.13 -20.95 -8.28
C TRP B 348 -22.03 -21.30 -7.27
N GLU B 349 -22.44 -21.49 -6.02
CA GLU B 349 -21.52 -21.85 -4.96
C GLU B 349 -20.77 -23.15 -5.27
N GLN B 350 -19.46 -23.19 -5.07
CA GLN B 350 -18.76 -24.44 -5.27
C GLN B 350 -17.74 -24.62 -4.17
N TYR B 351 -17.73 -25.80 -3.54
CA TYR B 351 -16.81 -26.00 -2.43
C TYR B 351 -16.02 -27.28 -2.57
N THR B 352 -14.80 -27.27 -2.04
CA THR B 352 -13.95 -28.45 -2.02
C THR B 352 -13.34 -28.66 -0.62
N ARG B 353 -13.04 -29.92 -0.31
CA ARG B 353 -12.30 -30.25 0.89
C ARG B 353 -11.62 -31.65 0.81
N THR B 354 -10.52 -31.84 1.53
CA THR B 354 -9.66 -33.02 1.37
C THR B 354 -9.06 -33.47 2.70
N VAL B 355 -8.98 -34.77 2.94
CA VAL B 355 -8.27 -35.27 4.11
C VAL B 355 -7.42 -36.38 3.54
N PHE B 356 -6.10 -36.33 3.80
CA PHE B 356 -5.17 -37.25 3.15
C PHE B 356 -4.04 -37.73 4.04
N ALA B 357 -3.40 -38.84 3.63
CA ALA B 357 -2.33 -39.45 4.41
C ALA B 357 -1.26 -40.17 3.53
N ASN B 358 0.01 -40.11 3.98
CA ASN B 358 1.18 -40.45 3.18
C ASN B 358 2.20 -41.12 4.06
N LEU B 359 2.58 -42.34 3.71
CA LEU B 359 3.70 -43.01 4.33
C LEU B 359 4.59 -43.35 3.14
N GLU B 360 5.79 -42.76 3.08
CA GLU B 360 6.78 -43.21 2.10
C GLU B 360 7.90 -43.84 2.86
N HIS B 361 8.59 -44.79 2.24
CA HIS B 361 9.66 -45.54 2.90
C HIS B 361 10.89 -45.66 1.97
N ASN B 362 12.04 -45.19 2.46
CA ASN B 362 13.34 -45.55 1.85
C ASN B 362 13.78 -46.97 2.28
N PHE B 363 13.85 -47.92 1.34
CA PHE B 363 14.39 -49.26 1.62
C PHE B 363 15.92 -49.17 1.48
N ALA B 364 16.67 -49.54 2.53
CA ALA B 364 18.16 -49.45 2.49
C ALA B 364 18.79 -50.45 1.47
N ASN B 365 18.65 -50.09 0.19
CA ASN B 365 18.49 -51.01 -0.91
C ASN B 365 18.46 -50.22 -2.23
N GLY B 366 18.12 -48.94 -2.15
CA GLY B 366 18.04 -48.09 -3.32
C GLY B 366 16.61 -47.82 -3.79
N TRP B 367 15.66 -48.67 -3.36
CA TRP B 367 14.23 -48.53 -3.75
C TRP B 367 13.45 -47.66 -2.74
N VAL B 368 12.33 -47.10 -3.18
CA VAL B 368 11.41 -46.38 -2.29
C VAL B 368 9.97 -46.86 -2.50
N GLY B 369 9.13 -46.74 -1.48
CA GLY B 369 7.71 -47.13 -1.56
C GLY B 369 6.79 -46.11 -0.92
N LYS B 370 5.81 -45.62 -1.67
CA LYS B 370 4.86 -44.63 -1.15
C LYS B 370 3.45 -45.22 -1.08
N VAL B 371 2.71 -44.87 -0.02
CA VAL B 371 1.28 -45.18 0.06
C VAL B 371 0.54 -43.89 0.30
N GLN B 372 -0.42 -43.54 -0.58
CA GLN B 372 -1.33 -42.41 -0.35
C GLN B 372 -2.77 -42.83 -0.18
N LEU B 373 -3.44 -42.22 0.78
CA LEU B 373 -4.91 -42.27 0.93
C LEU B 373 -5.56 -40.88 0.78
N ASP B 374 -6.62 -40.78 -0.01
CA ASP B 374 -7.35 -39.53 -0.16
C ASP B 374 -8.81 -39.63 0.10
N HIS B 375 -9.34 -38.60 0.73
CA HIS B 375 -10.76 -38.47 0.91
C HIS B 375 -11.18 -37.09 0.37
N LYS B 376 -11.88 -37.05 -0.77
CA LYS B 376 -12.14 -35.75 -1.42
C LYS B 376 -13.59 -35.34 -1.53
N ILE B 377 -13.88 -34.09 -1.18
CA ILE B 377 -15.23 -33.64 -1.31
C ILE B 377 -15.32 -32.51 -2.29
N ASN B 378 -16.10 -32.75 -3.34
CA ASN B 378 -16.40 -31.71 -4.33
C ASN B 378 -17.88 -31.48 -4.30
N GLY B 379 -18.28 -30.29 -3.84
CA GLY B 379 -19.68 -29.94 -3.69
C GLY B 379 -20.02 -28.66 -4.46
N TYR B 380 -21.32 -28.58 -4.85
CA TYR B 380 -21.93 -27.35 -5.39
C TYR B 380 -23.29 -27.08 -4.78
N HIS B 381 -23.63 -25.81 -4.66
CA HIS B 381 -24.94 -25.40 -4.22
C HIS B 381 -25.38 -24.25 -5.13
N ALA B 382 -26.21 -24.55 -6.11
CA ALA B 382 -26.38 -23.63 -7.21
C ALA B 382 -27.82 -23.34 -7.50
N PRO B 383 -28.38 -22.34 -6.79
CA PRO B 383 -29.67 -21.81 -7.28
C PRO B 383 -29.38 -20.77 -8.36
N LEU B 384 -29.45 -21.20 -9.62
CA LEU B 384 -29.18 -20.34 -10.74
C LEU B 384 -30.42 -19.64 -11.23
N GLY B 385 -30.25 -18.40 -11.68
CA GLY B 385 -31.34 -17.67 -12.34
C GLY B 385 -30.64 -16.66 -13.23
N ALA B 386 -30.73 -16.84 -14.55
CA ALA B 386 -30.19 -15.84 -15.47
C ALA B 386 -31.11 -15.55 -16.69
N ILE B 387 -30.78 -14.51 -17.47
CA ILE B 387 -31.60 -14.12 -18.59
C ILE B 387 -31.08 -14.92 -19.75
N MET B 388 -31.95 -15.77 -20.28
CA MET B 388 -31.60 -16.48 -21.47
C MET B 388 -32.78 -16.73 -22.42
N GLY B 389 -32.38 -16.93 -23.68
CA GLY B 389 -33.29 -16.91 -24.80
C GLY B 389 -33.16 -15.62 -25.58
N ASP B 390 -34.09 -15.43 -26.50
CA ASP B 390 -33.96 -14.40 -27.47
C ASP B 390 -34.64 -13.16 -26.97
N TRP B 391 -33.93 -12.39 -26.15
CA TRP B 391 -34.41 -11.16 -25.50
C TRP B 391 -33.44 -10.03 -25.83
N PRO B 392 -33.88 -8.72 -25.70
CA PRO B 392 -35.23 -8.26 -25.28
C PRO B 392 -36.22 -8.58 -26.34
N ALA B 393 -37.50 -8.46 -25.98
CA ALA B 393 -38.58 -8.36 -26.96
C ALA B 393 -38.71 -6.89 -27.31
N PRO B 394 -39.54 -6.56 -28.29
CA PRO B 394 -39.47 -5.18 -28.73
C PRO B 394 -39.93 -4.12 -27.70
N ASP B 395 -40.63 -4.53 -26.63
CA ASP B 395 -41.04 -3.63 -25.52
C ASP B 395 -40.07 -3.60 -24.33
N ASN B 396 -38.80 -4.02 -24.54
CA ASN B 396 -37.76 -4.03 -23.51
C ASN B 396 -37.89 -5.07 -22.34
N SER B 397 -38.93 -5.90 -22.38
CA SER B 397 -39.05 -7.04 -21.47
C SER B 397 -38.11 -8.18 -21.80
N ALA B 398 -37.93 -9.07 -20.83
CA ALA B 398 -37.12 -10.28 -21.01
C ALA B 398 -37.60 -11.32 -20.02
N LYS B 399 -37.05 -12.53 -20.18
CA LYS B 399 -37.42 -13.67 -19.37
C LYS B 399 -36.20 -14.35 -18.80
N ILE B 400 -36.33 -14.78 -17.55
CA ILE B 400 -35.29 -15.44 -16.74
C ILE B 400 -35.52 -16.93 -16.94
N VAL B 401 -34.43 -17.67 -16.96
CA VAL B 401 -34.48 -19.12 -16.78
C VAL B 401 -33.84 -19.39 -15.41
N ALA B 402 -34.63 -19.98 -14.53
CA ALA B 402 -34.15 -20.29 -13.18
C ALA B 402 -34.18 -21.80 -12.86
N GLN B 403 -33.09 -22.33 -12.30
CA GLN B 403 -33.05 -23.70 -11.79
C GLN B 403 -32.08 -23.91 -10.66
N LYS B 404 -32.31 -24.91 -9.82
CA LYS B 404 -31.45 -25.10 -8.64
C LYS B 404 -30.78 -26.46 -8.65
N TYR B 405 -29.46 -26.48 -8.45
CA TYR B 405 -28.65 -27.75 -8.48
C TYR B 405 -27.78 -27.84 -7.25
N THR B 406 -27.99 -28.87 -6.44
CA THR B 406 -27.14 -29.13 -5.30
C THR B 406 -26.65 -30.57 -5.33
N GLY B 407 -25.39 -30.77 -5.00
CA GLY B 407 -24.88 -32.08 -4.76
C GLY B 407 -23.49 -32.12 -4.15
N GLU B 408 -23.09 -33.31 -3.74
CA GLU B 408 -21.75 -33.53 -3.23
C GLU B 408 -21.22 -34.79 -3.86
N THR B 409 -19.89 -34.88 -3.90
CA THR B 409 -19.18 -36.04 -4.40
C THR B 409 -18.00 -36.34 -3.48
N LYS B 410 -17.96 -37.57 -2.98
CA LYS B 410 -16.94 -38.01 -2.06
C LYS B 410 -16.18 -39.08 -2.80
N SER B 411 -14.84 -39.05 -2.75
CA SER B 411 -14.00 -40.12 -3.32
C SER B 411 -12.87 -40.46 -2.43
N ASN B 412 -12.75 -41.76 -2.19
CA ASN B 412 -11.68 -42.30 -1.43
C ASN B 412 -10.75 -43.02 -2.38
N SER B 413 -9.49 -42.64 -2.41
CA SER B 413 -8.52 -43.28 -3.32
C SER B 413 -7.40 -43.94 -2.57
N LEU B 414 -6.85 -45.00 -3.13
CA LEU B 414 -5.65 -45.63 -2.65
C LEU B 414 -4.68 -45.72 -3.83
N ASP B 415 -3.46 -45.21 -3.68
CA ASP B 415 -2.41 -45.49 -4.67
C ASP B 415 -1.16 -45.98 -3.93
N ILE B 416 -0.54 -47.05 -4.43
CA ILE B 416 0.73 -47.50 -3.88
C ILE B 416 1.79 -47.75 -4.97
N TYR B 417 2.99 -47.22 -4.81
CA TYR B 417 4.07 -47.61 -5.72
C TYR B 417 5.42 -47.98 -5.14
N LEU B 418 6.23 -48.63 -5.95
CA LEU B 418 7.60 -48.96 -5.60
C LEU B 418 8.42 -48.64 -6.83
N THR B 419 9.55 -47.98 -6.62
CA THR B 419 10.43 -47.57 -7.70
C THR B 419 11.88 -47.76 -7.27
N GLY B 420 12.69 -48.31 -8.16
CA GLY B 420 14.09 -48.52 -7.87
C GLY B 420 14.89 -48.98 -9.07
N PRO B 421 16.23 -49.01 -8.92
CA PRO B 421 17.16 -49.61 -9.88
C PRO B 421 17.12 -51.13 -9.92
N PHE B 422 17.52 -51.65 -11.06
CA PHE B 422 17.84 -53.07 -11.26
C PHE B 422 18.82 -53.15 -12.42
N GLN B 423 19.62 -54.20 -12.44
CA GLN B 423 20.53 -54.37 -13.59
C GLN B 423 20.13 -55.51 -14.47
N PHE B 424 20.45 -55.39 -15.76
CA PHE B 424 20.09 -56.42 -16.73
C PHE B 424 21.31 -57.01 -17.46
N LEU B 425 21.96 -56.19 -18.28
CA LEU B 425 23.08 -56.68 -19.05
C LEU B 425 24.36 -55.91 -18.68
N GLY B 426 24.68 -55.89 -17.39
CA GLY B 426 25.78 -55.06 -16.90
C GLY B 426 25.52 -53.54 -16.88
N ARG B 427 24.32 -53.13 -17.28
CA ARG B 427 23.97 -51.72 -17.20
C ARG B 427 22.84 -51.53 -16.20
N GLU B 428 22.66 -50.28 -15.72
CA GLU B 428 21.75 -49.95 -14.59
C GLU B 428 20.46 -49.19 -14.97
N HIS B 429 19.34 -49.88 -14.80
CA HIS B 429 18.04 -49.35 -15.20
C HIS B 429 17.16 -49.15 -13.99
N GLU B 430 16.01 -48.51 -14.18
CA GLU B 430 15.06 -48.31 -13.09
C GLU B 430 13.58 -48.54 -13.47
N LEU B 431 12.75 -48.75 -12.45
CA LEU B 431 11.45 -49.37 -12.65
C LEU B 431 10.47 -48.80 -11.66
N VAL B 432 9.20 -48.79 -12.06
CA VAL B 432 8.10 -48.45 -11.18
C VAL B 432 7.07 -49.59 -11.31
N VAL B 433 6.60 -50.11 -10.18
CA VAL B 433 5.36 -50.91 -10.14
C VAL B 433 4.44 -50.27 -9.14
N GLY B 434 3.16 -50.20 -9.50
CA GLY B 434 2.18 -49.43 -8.75
C GLY B 434 0.75 -49.91 -9.02
N THR B 435 -0.12 -49.64 -8.06
CA THR B 435 -1.47 -50.09 -8.09
C THR B 435 -2.32 -48.99 -7.52
N SER B 436 -3.58 -48.89 -7.94
CA SER B 436 -4.46 -47.86 -7.42
C SER B 436 -5.97 -48.23 -7.47
N ALA B 437 -6.70 -47.76 -6.46
CA ALA B 437 -8.14 -47.94 -6.36
C ALA B 437 -8.85 -46.61 -6.08
N SER B 438 -9.86 -46.29 -6.88
CA SER B 438 -10.70 -45.13 -6.61
C SER B 438 -12.16 -45.53 -6.36
N PHE B 439 -12.76 -45.11 -5.24
CA PHE B 439 -14.21 -45.20 -5.07
C PHE B 439 -14.87 -43.82 -4.88
N SER B 440 -15.67 -43.38 -5.84
CA SER B 440 -16.48 -42.19 -5.65
C SER B 440 -18.02 -42.34 -5.79
N HIS B 441 -18.75 -41.40 -5.20
CA HIS B 441 -20.19 -41.41 -5.02
C HIS B 441 -20.63 -39.98 -5.26
N TRP B 442 -21.50 -39.75 -6.23
CA TRP B 442 -22.01 -38.43 -6.46
C TRP B 442 -23.47 -38.53 -6.11
N GLU B 443 -23.94 -37.65 -5.24
CA GLU B 443 -25.38 -37.54 -4.97
C GLU B 443 -25.81 -36.12 -5.22
N GLY B 444 -27.02 -35.97 -5.73
CA GLY B 444 -27.47 -34.66 -6.15
C GLY B 444 -28.96 -34.59 -6.31
N LYS B 445 -29.45 -33.37 -6.06
CA LYS B 445 -30.88 -33.03 -6.21
C LYS B 445 -30.96 -31.91 -7.28
N SER B 446 -31.94 -32.01 -8.19
CA SER B 446 -32.17 -30.91 -9.12
C SER B 446 -33.60 -30.47 -8.97
N TYR B 447 -33.79 -29.16 -9.11
CA TYR B 447 -35.09 -28.57 -8.89
C TYR B 447 -35.49 -27.93 -10.20
N TRP B 448 -36.59 -28.37 -10.82
CA TRP B 448 -37.01 -27.64 -12.00
C TRP B 448 -38.42 -27.16 -12.21
N ASN B 449 -39.35 -27.61 -11.39
CA ASN B 449 -40.69 -27.07 -11.48
C ASN B 449 -40.93 -26.03 -10.41
N LEU B 450 -40.88 -24.76 -10.75
CA LEU B 450 -40.92 -23.71 -9.75
C LEU B 450 -42.34 -23.30 -9.45
N ARG B 451 -42.68 -23.20 -8.16
CA ARG B 451 -44.08 -22.94 -7.77
C ARG B 451 -44.46 -21.52 -8.19
N ASN B 452 -45.66 -21.37 -8.75
CA ASN B 452 -46.00 -20.27 -9.67
C ASN B 452 -45.16 -19.03 -9.55
N TYR B 453 -44.26 -18.87 -10.52
CA TYR B 453 -43.23 -17.87 -10.43
C TYR B 453 -43.26 -16.92 -11.61
N ASP B 454 -43.34 -15.61 -11.35
CA ASP B 454 -43.20 -14.66 -12.46
C ASP B 454 -41.73 -14.51 -12.90
N ASN B 455 -41.39 -15.03 -14.09
CA ASN B 455 -40.02 -14.98 -14.58
C ASN B 455 -39.75 -13.91 -15.63
N THR B 456 -40.70 -12.99 -15.83
CA THR B 456 -40.50 -11.83 -16.72
C THR B 456 -39.94 -10.59 -16.01
N THR B 457 -39.12 -9.83 -16.73
CA THR B 457 -38.61 -8.55 -16.20
C THR B 457 -38.98 -7.38 -17.12
N ASP B 458 -39.34 -6.23 -16.54
CA ASP B 458 -39.89 -5.04 -17.26
C ASP B 458 -38.88 -4.21 -18.02
N ASP B 459 -37.58 -4.47 -17.84
CA ASP B 459 -36.53 -3.64 -18.43
C ASP B 459 -35.26 -4.46 -18.68
N PHE B 460 -34.99 -4.78 -19.94
CA PHE B 460 -33.72 -5.35 -20.32
C PHE B 460 -32.59 -4.33 -20.30
N ILE B 461 -32.72 -3.17 -20.97
CA ILE B 461 -31.58 -2.22 -21.10
C ILE B 461 -30.86 -1.85 -19.76
N ASN B 462 -31.64 -1.80 -18.68
CA ASN B 462 -31.23 -1.31 -17.37
C ASN B 462 -31.19 -2.42 -16.35
N TRP B 463 -30.92 -3.66 -16.78
CA TRP B 463 -31.06 -4.85 -15.96
C TRP B 463 -29.96 -4.84 -14.89
N ASP B 464 -30.41 -4.85 -13.65
CA ASP B 464 -29.54 -4.77 -12.54
C ASP B 464 -29.56 -6.10 -11.78
N GLY B 465 -30.26 -7.08 -12.38
CA GLY B 465 -30.48 -8.38 -11.77
C GLY B 465 -31.60 -8.37 -10.73
N ASP B 466 -32.46 -7.35 -10.76
CA ASP B 466 -33.47 -7.19 -9.75
C ASP B 466 -34.75 -7.91 -10.08
N ILE B 467 -34.79 -9.19 -9.75
CA ILE B 467 -36.02 -9.99 -9.93
C ILE B 467 -36.24 -10.88 -8.70
N GLY B 468 -37.49 -11.13 -8.36
CA GLY B 468 -37.80 -12.03 -7.23
C GLY B 468 -37.11 -13.39 -7.29
N LYS B 469 -36.79 -13.91 -6.10
CA LYS B 469 -36.28 -15.29 -5.92
C LYS B 469 -37.42 -16.34 -6.00
N PRO B 470 -37.25 -17.39 -6.80
CA PRO B 470 -38.37 -18.34 -6.91
C PRO B 470 -38.49 -19.26 -5.73
N ASP B 471 -39.70 -19.75 -5.52
CA ASP B 471 -39.92 -20.90 -4.65
C ASP B 471 -39.57 -22.10 -5.53
N TRP B 472 -38.48 -22.79 -5.20
CA TRP B 472 -37.97 -23.95 -5.97
C TRP B 472 -38.82 -25.24 -5.96
N GLY B 473 -39.67 -25.45 -4.95
CA GLY B 473 -40.51 -26.65 -4.91
C GLY B 473 -39.75 -27.87 -4.42
N THR B 474 -40.20 -29.07 -4.81
CA THR B 474 -39.55 -30.32 -4.38
C THR B 474 -38.54 -30.81 -5.39
N PRO B 475 -37.56 -31.64 -5.00
CA PRO B 475 -36.56 -31.94 -6.03
C PRO B 475 -37.16 -32.68 -7.23
N SER B 476 -36.82 -32.22 -8.43
CA SER B 476 -37.35 -32.83 -9.65
C SER B 476 -36.59 -34.07 -10.06
N GLN B 477 -35.40 -34.20 -9.48
CA GLN B 477 -34.38 -35.13 -9.94
C GLN B 477 -33.45 -35.53 -8.81
N TYR B 478 -33.20 -36.83 -8.69
CA TYR B 478 -32.27 -37.36 -7.73
C TYR B 478 -31.13 -38.02 -8.45
N ILE B 479 -29.92 -37.52 -8.32
CA ILE B 479 -28.80 -38.24 -8.87
C ILE B 479 -28.16 -39.11 -7.78
N ASP B 480 -27.77 -40.34 -8.13
CA ASP B 480 -27.02 -41.21 -7.22
C ASP B 480 -26.12 -42.09 -8.10
N ASP B 481 -24.92 -41.60 -8.41
CA ASP B 481 -23.98 -42.33 -9.24
C ASP B 481 -22.80 -42.85 -8.41
N LYS B 482 -22.34 -44.05 -8.74
CA LYS B 482 -21.15 -44.65 -8.09
C LYS B 482 -20.17 -45.07 -9.16
N THR B 483 -18.97 -44.51 -9.09
CA THR B 483 -17.89 -44.82 -10.02
C THR B 483 -16.77 -45.51 -9.28
N ARG B 484 -16.18 -46.53 -9.91
CA ARG B 484 -15.15 -47.35 -9.27
C ARG B 484 -14.03 -47.69 -10.25
N GLN B 485 -12.80 -47.31 -9.91
CA GLN B 485 -11.70 -47.51 -10.85
C GLN B 485 -10.50 -48.22 -10.27
N LEU B 486 -10.09 -49.32 -10.88
CA LEU B 486 -8.90 -50.00 -10.46
C LEU B 486 -7.80 -49.86 -11.52
N GLY B 487 -6.55 -49.80 -11.08
CA GLY B 487 -5.41 -49.73 -12.00
C GLY B 487 -4.10 -50.31 -11.49
N SER B 488 -3.29 -50.81 -12.44
CA SER B 488 -1.95 -51.31 -12.16
C SER B 488 -1.06 -50.88 -13.30
N TYR B 489 0.14 -50.40 -12.97
CA TYR B 489 1.13 -49.91 -13.94
C TYR B 489 2.54 -50.46 -13.68
N MET B 490 3.31 -50.65 -14.77
CA MET B 490 4.76 -50.95 -14.80
C MET B 490 5.46 -50.02 -15.79
N THR B 491 6.51 -49.31 -15.35
CA THR B 491 7.36 -48.54 -16.29
C THR B 491 8.86 -48.86 -16.14
N ALA B 492 9.46 -49.33 -17.22
CA ALA B 492 10.89 -49.51 -17.22
C ALA B 492 11.47 -48.32 -17.98
N ARG B 493 12.53 -47.74 -17.42
CA ARG B 493 13.43 -46.86 -18.17
C ARG B 493 14.72 -47.60 -18.29
N PHE B 494 15.01 -48.15 -19.46
CA PHE B 494 16.23 -48.89 -19.71
C PHE B 494 17.36 -47.94 -20.11
N ASN B 495 18.55 -48.21 -19.56
CA ASN B 495 19.78 -47.54 -19.95
C ASN B 495 20.55 -48.36 -21.01
N VAL B 496 20.18 -48.26 -22.28
CA VAL B 496 20.83 -49.07 -23.31
C VAL B 496 22.22 -48.56 -23.65
N THR B 497 22.34 -47.26 -23.94
CA THR B 497 23.67 -46.65 -24.16
C THR B 497 23.91 -45.59 -23.07
N ASP B 498 24.81 -44.64 -23.30
CA ASP B 498 24.95 -43.46 -22.44
C ASP B 498 24.23 -42.28 -23.08
N ASP B 499 23.55 -42.56 -24.19
CA ASP B 499 22.91 -41.54 -24.97
C ASP B 499 21.47 -42.01 -25.20
N LEU B 500 21.24 -43.32 -25.03
CA LEU B 500 19.92 -43.90 -25.32
C LEU B 500 19.23 -44.51 -24.11
N ASN B 501 18.06 -43.95 -23.78
CA ASN B 501 17.13 -44.55 -22.81
C ASN B 501 15.82 -44.95 -23.47
N LEU B 502 15.43 -46.21 -23.26
CA LEU B 502 14.19 -46.75 -23.82
C LEU B 502 13.12 -46.91 -22.70
N PHE B 503 11.96 -46.26 -22.90
CA PHE B 503 10.79 -46.34 -21.99
C PHE B 503 9.74 -47.28 -22.57
N LEU B 504 9.50 -48.37 -21.86
CA LEU B 504 8.43 -49.34 -22.10
C LEU B 504 7.60 -49.44 -20.83
N GLY B 505 6.30 -49.20 -20.93
CA GLY B 505 5.40 -49.48 -19.80
C GLY B 505 3.91 -49.57 -20.16
N GLY B 506 3.06 -49.73 -19.14
CA GLY B 506 1.60 -49.79 -19.35
C GLY B 506 0.70 -49.69 -18.11
N ARG B 507 -0.59 -49.51 -18.34
CA ARG B 507 -1.55 -49.50 -17.25
C ARG B 507 -2.77 -50.35 -17.62
N VAL B 508 -3.06 -51.41 -16.84
CA VAL B 508 -4.42 -52.01 -17.01
C VAL B 508 -5.55 -51.33 -16.18
N VAL B 509 -6.63 -51.01 -16.87
CA VAL B 509 -7.71 -50.21 -16.33
C VAL B 509 -8.99 -51.01 -16.25
N ASP B 510 -9.69 -50.79 -15.16
CA ASP B 510 -10.96 -51.44 -14.84
C ASP B 510 -11.84 -50.27 -14.44
N TYR B 511 -12.93 -50.05 -15.16
CA TYR B 511 -13.79 -48.90 -14.88
C TYR B 511 -15.23 -49.41 -14.77
N ARG B 512 -15.94 -48.96 -13.72
CA ARG B 512 -17.32 -49.39 -13.45
C ARG B 512 -18.08 -48.19 -12.90
N VAL B 513 -19.17 -47.79 -13.53
CA VAL B 513 -20.09 -46.83 -12.91
C VAL B 513 -21.52 -47.35 -12.88
N THR B 514 -22.11 -47.39 -11.69
CA THR B 514 -23.52 -47.70 -11.54
C THR B 514 -24.32 -46.41 -11.30
N GLY B 515 -25.55 -46.36 -11.79
CA GLY B 515 -26.33 -45.15 -11.62
C GLY B 515 -27.77 -45.39 -11.98
N LEU B 516 -28.49 -44.34 -12.34
CA LEU B 516 -29.84 -44.52 -12.84
C LEU B 516 -29.85 -45.32 -14.17
N ASN B 517 -28.87 -44.97 -15.03
CA ASN B 517 -28.66 -45.60 -16.35
C ASN B 517 -28.03 -46.98 -16.26
N PRO B 518 -28.24 -47.83 -17.29
CA PRO B 518 -27.54 -49.12 -17.33
C PRO B 518 -26.03 -48.98 -17.14
N THR B 519 -25.50 -49.94 -16.37
CA THR B 519 -24.10 -50.01 -15.93
C THR B 519 -23.09 -49.85 -17.08
N ILE B 520 -22.11 -48.97 -16.91
CA ILE B 520 -20.96 -48.92 -17.80
C ILE B 520 -19.84 -49.76 -17.14
N ARG B 521 -19.09 -50.54 -17.92
CA ARG B 521 -18.29 -51.64 -17.36
C ARG B 521 -17.09 -51.98 -18.26
N GLU B 522 -16.00 -51.23 -18.16
CA GLU B 522 -14.75 -51.57 -18.88
C GLU B 522 -13.81 -52.35 -17.98
N SER B 523 -13.37 -53.51 -18.44
CA SER B 523 -12.51 -54.40 -17.64
C SER B 523 -11.24 -54.81 -18.36
N GLY B 524 -10.10 -54.72 -17.67
CA GLY B 524 -8.80 -55.09 -18.24
C GLY B 524 -8.34 -54.36 -19.49
N ARG B 525 -8.70 -53.09 -19.66
CA ARG B 525 -8.25 -52.35 -20.84
C ARG B 525 -6.82 -51.92 -20.68
N PHE B 526 -6.03 -52.03 -21.75
CA PHE B 526 -4.60 -51.73 -21.75
C PHE B 526 -4.24 -50.40 -22.41
N ILE B 527 -3.38 -49.61 -21.73
CA ILE B 527 -2.92 -48.27 -22.16
C ILE B 527 -1.40 -48.39 -22.27
N PRO B 528 -0.83 -48.48 -23.51
CA PRO B 528 0.64 -48.51 -23.65
C PRO B 528 1.36 -47.17 -23.47
N TYR B 529 2.59 -47.22 -22.94
CA TYR B 529 3.54 -46.10 -22.95
C TYR B 529 4.81 -46.56 -23.66
N VAL B 530 5.15 -45.89 -24.76
CA VAL B 530 6.42 -46.18 -25.43
C VAL B 530 7.08 -44.87 -25.81
N GLY B 531 8.35 -44.74 -25.42
CA GLY B 531 9.12 -43.53 -25.69
C GLY B 531 10.60 -43.76 -25.54
N ALA B 532 11.41 -42.98 -26.26
CA ALA B 532 12.88 -43.07 -26.14
C ALA B 532 13.48 -41.67 -26.08
N VAL B 533 14.66 -41.54 -25.50
CA VAL B 533 15.36 -40.26 -25.53
C VAL B 533 16.82 -40.49 -25.75
N TYR B 534 17.32 -39.89 -26.83
CA TYR B 534 18.69 -40.00 -27.31
C TYR B 534 19.45 -38.65 -27.26
N ASP B 535 20.50 -38.56 -26.44
CA ASP B 535 21.39 -37.37 -26.36
C ASP B 535 22.34 -37.17 -27.57
N LEU B 536 22.29 -35.98 -28.19
CA LEU B 536 23.14 -35.69 -29.37
C LEU B 536 24.51 -35.19 -28.95
N ASN B 537 24.51 -34.38 -27.88
CA ASN B 537 25.70 -33.92 -27.17
C ASN B 537 25.29 -33.54 -25.77
N ASP B 538 26.21 -32.83 -25.08
CA ASP B 538 25.98 -32.26 -23.73
C ASP B 538 24.68 -31.49 -23.54
N THR B 539 24.30 -30.68 -24.51
CA THR B 539 23.22 -29.70 -24.35
C THR B 539 21.86 -30.24 -24.77
N TYR B 540 21.82 -30.98 -25.86
CA TYR B 540 20.54 -31.37 -26.46
C TYR B 540 20.27 -32.87 -26.43
N SER B 541 18.97 -33.21 -26.49
CA SER B 541 18.50 -34.58 -26.73
C SER B 541 17.30 -34.62 -27.65
N VAL B 542 17.24 -35.62 -28.53
CA VAL B 542 15.99 -35.91 -29.26
C VAL B 542 15.22 -36.93 -28.47
N TYR B 543 13.89 -36.82 -28.56
CA TYR B 543 12.95 -37.76 -28.00
C TYR B 543 11.75 -38.05 -28.91
N ALA B 544 11.25 -39.28 -28.81
CA ALA B 544 10.02 -39.73 -29.48
C ALA B 544 9.14 -40.49 -28.50
N SER B 545 7.84 -40.54 -28.77
CA SER B 545 6.94 -41.30 -27.91
C SER B 545 5.50 -41.51 -28.43
N TYR B 546 4.89 -42.54 -27.83
CA TYR B 546 3.54 -43.06 -28.09
C TYR B 546 2.74 -43.22 -26.78
N THR B 547 1.73 -42.39 -26.60
CA THR B 547 0.95 -42.36 -25.35
C THR B 547 -0.50 -42.54 -25.75
N ASP B 548 -1.31 -42.89 -24.75
CA ASP B 548 -2.70 -43.27 -24.98
C ASP B 548 -3.55 -42.78 -23.78
N ILE B 549 -4.84 -42.57 -24.01
CA ILE B 549 -5.79 -42.53 -22.92
C ILE B 549 -7.09 -43.10 -23.50
N PHE B 550 -8.03 -43.46 -22.63
CA PHE B 550 -9.39 -43.72 -23.07
C PHE B 550 -10.36 -43.26 -21.98
N MET B 551 -11.63 -43.15 -22.37
CA MET B 551 -12.69 -42.70 -21.49
C MET B 551 -14.05 -43.27 -21.95
N PRO B 552 -14.72 -44.08 -21.10
CA PRO B 552 -15.98 -44.67 -21.50
C PRO B 552 -17.04 -43.59 -21.58
N GLN B 553 -17.99 -43.73 -22.50
CA GLN B 553 -18.80 -42.58 -22.92
C GLN B 553 -19.97 -42.32 -21.99
N ASP B 554 -20.28 -41.04 -21.73
CA ASP B 554 -21.53 -40.63 -21.03
C ASP B 554 -22.70 -41.45 -21.53
N SER B 555 -23.59 -41.83 -20.64
CA SER B 555 -24.59 -42.82 -20.98
C SER B 555 -25.53 -42.50 -22.17
N TRP B 556 -25.67 -41.24 -22.57
CA TRP B 556 -26.64 -40.93 -23.63
C TRP B 556 -26.14 -41.05 -25.07
N TYR B 557 -24.85 -41.30 -25.22
CA TYR B 557 -24.23 -41.39 -26.54
C TYR B 557 -24.30 -42.80 -27.04
N ARG B 558 -25.44 -43.11 -27.65
CA ARG B 558 -25.70 -44.44 -28.12
C ARG B 558 -25.83 -44.43 -29.63
N ASP B 559 -25.56 -45.56 -30.27
CA ASP B 559 -25.82 -45.73 -31.72
C ASP B 559 -27.27 -46.03 -32.15
N SER B 560 -27.44 -46.26 -33.46
CA SER B 560 -28.69 -46.76 -34.10
C SER B 560 -29.29 -47.92 -33.35
N SER B 561 -28.44 -48.86 -32.94
CA SER B 561 -28.92 -50.13 -32.44
C SER B 561 -29.28 -50.02 -30.98
N ASN B 562 -29.11 -48.81 -30.46
CA ASN B 562 -29.26 -48.51 -29.04
C ASN B 562 -28.13 -48.97 -28.09
N LYS B 563 -27.03 -49.52 -28.62
CA LYS B 563 -25.83 -49.82 -27.82
C LYS B 563 -25.01 -48.56 -27.59
N LEU B 564 -24.31 -48.51 -26.45
CA LEU B 564 -23.48 -47.35 -26.08
C LEU B 564 -22.27 -47.26 -27.02
N LEU B 565 -21.69 -46.09 -27.24
CA LEU B 565 -20.50 -46.05 -28.13
C LEU B 565 -19.36 -46.68 -27.40
N GLU B 566 -18.39 -47.16 -28.15
CA GLU B 566 -17.11 -47.55 -27.61
C GLU B 566 -16.40 -46.32 -26.93
N PRO B 567 -15.72 -46.53 -25.79
CA PRO B 567 -14.95 -45.51 -25.09
C PRO B 567 -14.18 -44.51 -25.98
N ASP B 568 -14.38 -43.21 -25.71
CA ASP B 568 -13.67 -42.10 -26.38
C ASP B 568 -12.16 -42.20 -26.02
N GLU B 569 -11.34 -42.11 -27.07
CA GLU B 569 -10.01 -42.72 -27.07
C GLU B 569 -9.09 -41.95 -28.03
N GLY B 570 -7.79 -41.97 -27.73
CA GLY B 570 -6.81 -41.42 -28.65
C GLY B 570 -5.37 -41.65 -28.25
N GLN B 571 -4.51 -41.79 -29.27
CA GLN B 571 -3.07 -41.89 -29.08
C GLN B 571 -2.44 -40.56 -29.47
N ASN B 572 -1.39 -40.18 -28.75
CA ASN B 572 -0.62 -38.98 -29.04
C ASN B 572 0.73 -39.43 -29.59
N TYR B 573 1.09 -39.08 -30.82
CA TYR B 573 2.44 -39.42 -31.35
C TYR B 573 3.36 -38.21 -31.35
N GLU B 574 4.52 -38.31 -30.69
CA GLU B 574 5.39 -37.14 -30.52
C GLU B 574 6.85 -37.35 -30.84
N ILE B 575 7.39 -36.39 -31.58
CA ILE B 575 8.80 -36.40 -31.88
C ILE B 575 9.31 -35.01 -31.49
N GLY B 576 10.43 -34.96 -30.76
CA GLY B 576 10.94 -33.70 -30.24
C GLY B 576 12.42 -33.59 -29.89
N ILE B 577 12.81 -32.35 -29.64
CA ILE B 577 14.20 -32.01 -29.32
C ILE B 577 14.12 -31.16 -28.09
N LYS B 578 14.94 -31.49 -27.11
CA LYS B 578 14.95 -30.72 -25.87
C LYS B 578 16.38 -30.29 -25.52
N GLY B 579 16.51 -29.00 -25.21
CA GLY B 579 17.80 -28.42 -24.82
C GLY B 579 17.83 -27.97 -23.37
N GLU B 580 19.05 -28.00 -22.82
CA GLU B 580 19.29 -27.67 -21.41
C GLU B 580 20.59 -26.89 -21.30
N TYR B 581 20.53 -25.80 -20.52
CA TYR B 581 21.65 -24.85 -20.42
C TYR B 581 21.92 -24.53 -18.93
N LEU B 582 23.12 -23.97 -18.64
CA LEU B 582 23.41 -23.39 -17.33
C LEU B 582 22.98 -24.33 -16.17
N ASP B 583 23.42 -25.60 -16.22
CA ASP B 583 23.18 -26.61 -15.14
C ASP B 583 21.73 -27.00 -14.84
N GLY B 584 20.77 -26.60 -15.67
CA GLY B 584 19.38 -26.88 -15.34
C GLY B 584 18.63 -25.61 -14.98
N ARG B 585 19.33 -24.49 -15.02
CA ARG B 585 18.74 -23.18 -14.77
C ARG B 585 17.92 -22.60 -15.97
N LEU B 586 18.18 -23.13 -17.18
CA LEU B 586 17.41 -22.77 -18.38
C LEU B 586 16.97 -24.01 -19.19
N ASN B 587 15.69 -24.06 -19.61
CA ASN B 587 15.21 -25.16 -20.49
C ASN B 587 14.59 -24.69 -21.79
N THR B 588 14.81 -25.48 -22.86
CA THR B 588 14.15 -25.28 -24.16
C THR B 588 13.61 -26.59 -24.74
N SER B 589 12.57 -26.47 -25.58
CA SER B 589 11.99 -27.62 -26.33
C SER B 589 11.36 -27.24 -27.69
N LEU B 590 11.44 -28.13 -28.68
CA LEU B 590 10.64 -28.02 -29.92
C LEU B 590 10.02 -29.39 -30.22
N ALA B 591 8.71 -29.42 -30.49
CA ALA B 591 8.03 -30.70 -30.72
C ALA B 591 6.96 -30.64 -31.78
N TYR B 592 6.98 -31.66 -32.65
CA TYR B 592 5.86 -31.97 -33.54
C TYR B 592 5.06 -33.10 -32.90
N PHE B 593 3.74 -32.98 -32.95
CA PHE B 593 2.86 -33.97 -32.32
C PHE B 593 1.59 -34.19 -33.17
N GLU B 594 0.95 -35.31 -32.92
CA GLU B 594 -0.21 -35.68 -33.68
C GLU B 594 -1.10 -36.53 -32.81
N ILE B 595 -2.36 -36.10 -32.60
CA ILE B 595 -3.31 -36.85 -31.76
C ILE B 595 -4.38 -37.53 -32.64
N HIS B 596 -4.49 -38.84 -32.50
CA HIS B 596 -5.43 -39.63 -33.29
C HIS B 596 -6.55 -40.10 -32.36
N GLU B 597 -7.68 -39.40 -32.40
CA GLU B 597 -8.89 -39.80 -31.67
C GLU B 597 -9.61 -40.89 -32.46
N GLU B 598 -10.34 -41.76 -31.75
CA GLU B 598 -11.28 -42.72 -32.36
C GLU B 598 -12.44 -42.96 -31.37
N ASN B 599 -13.66 -43.28 -31.88
CA ASN B 599 -14.95 -43.12 -31.14
C ASN B 599 -15.39 -41.75 -30.53
N ARG B 600 -15.12 -40.63 -31.23
CA ARG B 600 -15.66 -39.33 -30.84
C ARG B 600 -17.09 -39.29 -31.31
N ALA B 601 -18.01 -39.07 -30.38
CA ALA B 601 -19.42 -39.11 -30.68
C ALA B 601 -19.82 -37.84 -31.39
N GLU B 602 -20.32 -38.00 -32.62
CA GLU B 602 -20.97 -36.98 -33.42
C GLU B 602 -22.39 -37.55 -33.64
N GLU B 603 -23.29 -36.74 -34.17
CA GLU B 603 -24.74 -37.01 -34.25
C GLU B 603 -25.32 -38.14 -35.16
N ASP B 604 -24.76 -38.39 -36.35
CA ASP B 604 -25.38 -39.40 -37.28
C ASP B 604 -26.63 -38.84 -37.91
N ALA B 605 -26.43 -37.77 -38.69
CA ALA B 605 -27.52 -37.04 -39.32
C ALA B 605 -28.29 -37.87 -40.34
N LEU B 606 -27.58 -38.79 -41.01
CA LEU B 606 -28.31 -39.66 -41.94
C LEU B 606 -29.40 -40.48 -41.21
N TYR B 607 -29.04 -41.22 -40.15
CA TYR B 607 -30.04 -42.01 -39.42
C TYR B 607 -31.11 -41.07 -38.84
N ASN B 608 -30.63 -40.07 -38.10
CA ASN B 608 -31.48 -39.08 -37.46
C ASN B 608 -32.53 -38.37 -38.35
N SER B 609 -32.32 -38.38 -39.67
CA SER B 609 -33.25 -37.77 -40.65
C SER B 609 -34.35 -38.70 -41.18
N LYS B 610 -34.25 -39.99 -40.82
CA LYS B 610 -35.36 -40.93 -40.82
C LYS B 610 -35.00 -42.29 -40.18
N PRO B 611 -35.19 -42.33 -38.87
CA PRO B 611 -34.85 -43.39 -37.94
C PRO B 611 -35.74 -44.58 -38.15
N THR B 612 -35.22 -45.79 -37.90
CA THR B 612 -35.96 -47.01 -38.14
C THR B 612 -36.07 -47.82 -36.83
N ASN B 613 -35.34 -47.38 -35.79
CA ASN B 613 -35.37 -48.03 -34.48
C ASN B 613 -36.03 -47.10 -33.48
N PRO B 614 -37.36 -47.27 -33.24
CA PRO B 614 -38.08 -46.34 -32.35
C PRO B 614 -37.46 -46.19 -30.96
N ALA B 615 -36.71 -47.18 -30.48
CA ALA B 615 -36.06 -47.12 -29.15
C ALA B 615 -35.12 -45.91 -29.03
N ILE B 616 -34.57 -45.47 -30.17
CA ILE B 616 -33.65 -44.34 -30.24
C ILE B 616 -33.80 -43.56 -31.60
N THR B 617 -34.34 -42.35 -31.49
CA THR B 617 -34.84 -41.57 -32.65
C THR B 617 -33.84 -40.49 -33.01
N TYR B 618 -32.76 -40.49 -32.24
CA TYR B 618 -31.72 -39.52 -32.35
C TYR B 618 -30.40 -40.13 -31.79
N ALA B 619 -29.72 -40.88 -32.66
CA ALA B 619 -28.54 -41.65 -32.30
C ALA B 619 -27.24 -40.97 -32.69
N TYR B 620 -26.14 -41.44 -32.09
CA TYR B 620 -24.78 -41.04 -32.45
C TYR B 620 -23.97 -42.13 -33.19
N LYS B 621 -22.90 -41.73 -33.87
CA LYS B 621 -21.88 -42.64 -34.35
C LYS B 621 -20.53 -42.14 -33.88
N GLY B 622 -19.65 -43.09 -33.56
CA GLY B 622 -18.28 -42.82 -33.14
C GLY B 622 -17.43 -42.73 -34.38
N ILE B 623 -16.69 -41.61 -34.50
CA ILE B 623 -15.90 -41.31 -35.68
C ILE B 623 -14.48 -40.87 -35.26
N LYS B 624 -13.54 -40.88 -36.21
CA LYS B 624 -12.13 -40.53 -35.97
C LYS B 624 -11.93 -39.02 -36.01
N ALA B 625 -10.90 -38.52 -35.33
CA ALA B 625 -10.48 -37.12 -35.41
C ALA B 625 -9.01 -37.05 -35.16
N LYS B 626 -8.33 -36.11 -35.81
CA LYS B 626 -6.87 -35.99 -35.76
C LYS B 626 -6.50 -34.57 -35.37
N THR B 627 -5.56 -34.41 -34.44
CA THR B 627 -4.89 -33.13 -34.25
C THR B 627 -3.53 -33.21 -34.92
N LYS B 628 -3.21 -32.20 -35.73
CA LYS B 628 -1.82 -31.99 -36.18
C LYS B 628 -1.38 -30.63 -35.58
N GLY B 629 -0.09 -30.49 -35.22
CA GLY B 629 0.46 -29.26 -34.61
C GLY B 629 1.88 -29.32 -34.08
N TYR B 630 2.45 -28.19 -33.69
CA TYR B 630 3.82 -28.14 -33.14
C TYR B 630 3.94 -27.14 -32.04
N GLU B 631 4.93 -27.34 -31.16
CA GLU B 631 5.10 -26.51 -29.96
C GLU B 631 6.58 -26.21 -29.68
N ALA B 632 6.91 -24.93 -29.47
CA ALA B 632 8.27 -24.54 -29.04
C ALA B 632 8.14 -23.90 -27.68
N GLU B 633 9.05 -24.21 -26.75
CA GLU B 633 9.04 -23.46 -25.48
C GLU B 633 10.36 -23.22 -24.76
N ILE B 634 10.38 -22.13 -24.01
CA ILE B 634 11.57 -21.68 -23.29
C ILE B 634 11.15 -21.30 -21.87
N SER B 635 12.01 -21.60 -20.90
CA SER B 635 11.77 -21.35 -19.46
C SER B 635 13.04 -21.30 -18.64
N GLY B 636 13.12 -20.34 -17.71
CA GLY B 636 14.27 -20.21 -16.82
C GLY B 636 15.20 -19.07 -17.15
N GLU B 637 16.47 -19.21 -16.80
CA GLU B 637 17.40 -18.06 -16.70
C GLU B 637 17.99 -17.58 -18.04
N LEU B 638 17.56 -16.40 -18.50
CA LEU B 638 18.12 -15.86 -19.74
C LEU B 638 19.48 -15.26 -19.46
N ALA B 639 19.64 -14.65 -18.30
CA ALA B 639 20.89 -13.98 -17.93
C ALA B 639 20.79 -13.84 -16.42
N PRO B 640 21.84 -13.32 -15.74
CA PRO B 640 21.80 -13.51 -14.26
C PRO B 640 20.51 -13.11 -13.49
N GLY B 641 19.95 -11.90 -13.60
CA GLY B 641 18.67 -11.67 -12.86
C GLY B 641 17.35 -11.77 -13.65
N TRP B 642 17.35 -12.59 -14.72
CA TRP B 642 16.37 -12.46 -15.83
C TRP B 642 15.70 -13.78 -16.22
N GLN B 643 14.37 -13.84 -16.05
CA GLN B 643 13.64 -15.08 -16.17
C GLN B 643 12.51 -14.95 -17.19
N VAL B 644 12.28 -16.02 -17.97
CA VAL B 644 11.19 -16.08 -18.95
C VAL B 644 10.43 -17.35 -18.77
N GLN B 645 9.18 -17.31 -19.16
CA GLN B 645 8.50 -18.51 -19.60
C GLN B 645 7.69 -18.13 -20.82
N ALA B 646 8.08 -18.66 -21.96
CA ALA B 646 7.39 -18.41 -23.22
C ALA B 646 7.18 -19.70 -23.99
N GLY B 647 6.13 -19.75 -24.79
CA GLY B 647 6.02 -20.80 -25.78
C GLY B 647 5.22 -20.37 -26.99
N TYR B 648 5.28 -21.19 -28.03
CA TYR B 648 4.45 -21.03 -29.20
C TYR B 648 3.76 -22.37 -29.63
N THR B 649 2.45 -22.39 -29.79
CA THR B 649 1.77 -23.61 -30.19
C THR B 649 1.00 -23.44 -31.51
N HIS B 650 1.08 -24.40 -32.44
CA HIS B 650 0.23 -24.36 -33.60
C HIS B 650 -0.63 -25.63 -33.56
N LYS B 651 -1.88 -25.55 -34.05
CA LYS B 651 -2.72 -26.73 -34.15
C LYS B 651 -3.87 -26.57 -35.13
N ILE B 652 -4.30 -27.71 -35.67
CA ILE B 652 -5.58 -27.85 -36.35
C ILE B 652 -6.14 -29.22 -36.05
N ILE B 653 -7.39 -29.29 -35.57
CA ILE B 653 -8.05 -30.60 -35.42
C ILE B 653 -9.21 -30.78 -36.42
N ARG B 654 -9.12 -31.86 -37.19
CA ARG B 654 -10.09 -32.15 -38.24
C ARG B 654 -10.79 -33.44 -37.88
N ASP B 655 -12.10 -33.50 -38.13
CA ASP B 655 -12.85 -34.76 -38.31
C ASP B 655 -12.29 -35.78 -39.30
N ASP B 656 -12.86 -36.97 -39.22
CA ASP B 656 -13.11 -37.88 -40.34
C ASP B 656 -13.30 -37.19 -41.69
N SER B 657 -14.21 -36.21 -41.75
CA SER B 657 -14.56 -35.58 -43.02
C SER B 657 -13.61 -34.42 -43.38
N GLY B 658 -12.57 -34.21 -42.58
CA GLY B 658 -11.69 -33.07 -42.75
C GLY B 658 -12.33 -31.76 -42.29
N LYS B 659 -13.57 -31.80 -41.78
CA LYS B 659 -14.17 -30.60 -41.17
C LYS B 659 -13.44 -30.20 -39.86
N LYS B 660 -13.05 -28.94 -39.75
CA LYS B 660 -12.43 -28.40 -38.54
C LYS B 660 -13.33 -28.46 -37.32
N VAL B 661 -12.70 -28.36 -36.15
CA VAL B 661 -13.35 -28.70 -34.91
C VAL B 661 -12.61 -27.98 -33.79
N SER B 662 -13.31 -27.63 -32.72
CA SER B 662 -12.73 -26.76 -31.71
C SER B 662 -12.26 -25.44 -32.30
N THR B 663 -13.04 -24.92 -33.21
CA THR B 663 -12.70 -23.70 -33.93
C THR B 663 -12.55 -22.48 -32.99
N TRP B 664 -13.16 -22.52 -31.81
CA TRP B 664 -13.04 -21.45 -30.84
C TRP B 664 -11.62 -21.38 -30.23
N GLU B 665 -10.90 -22.51 -30.22
CA GLU B 665 -9.50 -22.52 -29.77
C GLU B 665 -8.69 -22.18 -30.98
N PRO B 666 -7.79 -21.21 -30.84
CA PRO B 666 -7.02 -20.76 -32.00
C PRO B 666 -6.07 -21.83 -32.50
N GLN B 667 -5.77 -21.74 -33.79
CA GLN B 667 -4.82 -22.57 -34.47
C GLN B 667 -3.40 -22.13 -34.04
N ASP B 668 -3.24 -20.85 -33.70
CA ASP B 668 -1.95 -20.31 -33.31
C ASP B 668 -2.00 -19.47 -32.08
N GLN B 669 -1.02 -19.66 -31.19
CA GLN B 669 -0.91 -18.86 -29.99
C GLN B 669 0.52 -18.77 -29.46
N LEU B 670 0.76 -17.74 -28.66
CA LEU B 670 2.09 -17.28 -28.22
C LEU B 670 2.08 -16.65 -26.82
N SER B 671 3.05 -16.98 -25.97
CA SER B 671 3.08 -16.40 -24.63
C SER B 671 4.47 -16.16 -24.18
N LEU B 672 4.66 -15.00 -23.58
CA LEU B 672 5.96 -14.58 -23.11
C LEU B 672 5.74 -13.74 -21.87
N TYR B 673 6.30 -14.25 -20.80
CA TYR B 673 6.28 -13.63 -19.49
C TYR B 673 7.68 -13.53 -18.95
N THR B 674 8.06 -12.34 -18.54
CA THR B 674 9.41 -12.11 -18.18
C THR B 674 9.44 -11.18 -16.97
N SER B 675 10.47 -11.36 -16.14
CA SER B 675 10.77 -10.45 -15.04
C SER B 675 12.28 -10.27 -14.91
N TYR B 676 12.68 -9.15 -14.31
CA TYR B 676 14.10 -8.74 -14.20
C TYR B 676 14.49 -8.04 -12.88
N LYS B 677 15.42 -8.61 -12.11
CA LYS B 677 16.01 -7.91 -10.95
C LYS B 677 17.09 -7.00 -11.39
N PHE B 678 17.02 -5.72 -11.08
CA PHE B 678 18.20 -4.87 -11.29
C PHE B 678 19.34 -5.17 -10.31
N LYS B 679 20.52 -4.66 -10.64
CA LYS B 679 21.70 -4.95 -9.86
C LYS B 679 22.24 -3.61 -9.33
N GLY B 680 23.20 -3.64 -8.41
CA GLY B 680 23.68 -2.40 -7.76
C GLY B 680 22.58 -1.47 -7.22
N ALA B 681 22.67 -0.18 -7.57
CA ALA B 681 21.82 0.86 -6.97
C ALA B 681 20.28 0.64 -6.99
N LEU B 682 19.76 -0.12 -7.96
CA LEU B 682 18.32 -0.33 -8.06
C LEU B 682 18.06 -1.78 -7.82
N ASP B 683 18.85 -2.40 -6.96
CA ASP B 683 18.81 -3.87 -6.75
C ASP B 683 17.62 -4.38 -5.94
N LYS B 684 16.80 -3.46 -5.47
CA LYS B 684 15.59 -3.80 -4.74
C LYS B 684 14.37 -3.71 -5.65
N LEU B 685 14.58 -3.22 -6.86
CA LEU B 685 13.50 -3.10 -7.83
C LEU B 685 13.46 -4.34 -8.71
N THR B 686 12.24 -4.86 -8.92
CA THR B 686 12.05 -5.97 -9.84
C THR B 686 11.00 -5.55 -10.86
N VAL B 687 11.38 -5.59 -12.13
CA VAL B 687 10.49 -5.13 -13.19
C VAL B 687 10.06 -6.30 -14.11
N GLY B 688 8.86 -6.22 -14.67
CA GLY B 688 8.38 -7.36 -15.42
C GLY B 688 7.15 -7.13 -16.29
N GLY B 689 6.86 -8.10 -17.16
CA GLY B 689 5.73 -7.94 -18.02
C GLY B 689 5.56 -9.15 -18.88
N GLY B 690 4.62 -9.06 -19.81
CA GLY B 690 4.23 -10.21 -20.58
C GLY B 690 3.27 -9.83 -21.68
N ALA B 691 3.19 -10.69 -22.69
CA ALA B 691 2.19 -10.52 -23.71
C ALA B 691 1.65 -11.90 -24.02
N ARG B 692 0.38 -12.00 -24.34
CA ARG B 692 -0.13 -13.20 -25.00
C ARG B 692 -0.72 -12.75 -26.28
N TRP B 693 -0.49 -13.51 -27.36
CA TRP B 693 -1.16 -13.34 -28.64
C TRP B 693 -1.85 -14.61 -29.05
N GLN B 694 -2.98 -14.48 -29.75
CA GLN B 694 -3.60 -15.61 -30.47
C GLN B 694 -4.25 -15.25 -31.80
N GLY B 695 -4.37 -16.21 -32.70
CA GLY B 695 -5.05 -15.98 -33.97
C GLY B 695 -6.57 -15.86 -34.00
N LYS B 696 -7.15 -15.81 -35.21
CA LYS B 696 -8.58 -16.05 -35.44
C LYS B 696 -9.12 -17.25 -34.66
N SER B 697 -10.24 -17.02 -33.98
CA SER B 697 -11.10 -18.10 -33.56
C SER B 697 -12.61 -17.76 -33.79
N TRP B 698 -13.45 -18.78 -33.90
CA TRP B 698 -14.79 -18.63 -34.43
C TRP B 698 -15.76 -19.80 -34.08
N GLN B 699 -17.04 -19.47 -34.06
CA GLN B 699 -18.05 -20.45 -33.72
C GLN B 699 -19.15 -20.18 -34.70
N MET B 700 -19.84 -21.27 -35.00
CA MET B 700 -20.91 -21.30 -35.93
C MET B 700 -22.14 -21.40 -35.00
N VAL B 701 -23.01 -20.40 -35.05
CA VAL B 701 -24.17 -20.37 -34.16
C VAL B 701 -25.49 -20.23 -34.92
N TYR B 702 -26.55 -20.80 -34.35
CA TYR B 702 -27.85 -20.77 -35.00
C TYR B 702 -28.68 -19.62 -34.41
N ASN B 703 -29.07 -18.68 -35.26
CA ASN B 703 -30.01 -17.64 -34.93
C ASN B 703 -31.42 -18.21 -35.14
N ASN B 704 -32.13 -18.48 -34.05
CA ASN B 704 -33.46 -19.06 -34.11
C ASN B 704 -34.55 -18.14 -34.66
N PRO B 705 -34.68 -16.92 -34.12
CA PRO B 705 -35.74 -16.04 -34.67
C PRO B 705 -35.63 -15.89 -36.21
N ARG B 706 -34.40 -15.88 -36.76
CA ARG B 706 -34.15 -15.76 -38.21
C ARG B 706 -33.82 -17.03 -39.01
N SER B 707 -33.81 -18.18 -38.32
CA SER B 707 -33.71 -19.50 -38.96
C SER B 707 -32.48 -19.67 -39.82
N ARG B 708 -31.31 -19.53 -39.23
CA ARG B 708 -30.09 -19.43 -40.03
C ARG B 708 -28.83 -19.54 -39.18
N TRP B 709 -27.80 -20.09 -39.82
CA TRP B 709 -26.53 -20.09 -39.17
C TRP B 709 -25.77 -18.74 -39.31
N GLU B 710 -25.00 -18.36 -38.31
CA GLU B 710 -24.07 -17.29 -38.54
C GLU B 710 -22.67 -17.72 -38.11
N LYS B 711 -21.67 -17.20 -38.79
CA LYS B 711 -20.28 -17.24 -38.27
C LYS B 711 -20.07 -16.11 -37.26
N PHE B 712 -19.46 -16.43 -36.14
CA PHE B 712 -19.06 -15.35 -35.27
C PHE B 712 -17.57 -15.40 -35.19
N SER B 713 -16.94 -14.28 -35.48
CA SER B 713 -15.48 -14.27 -35.39
C SER B 713 -14.94 -13.36 -34.30
N GLN B 714 -13.94 -13.88 -33.61
CA GLN B 714 -13.01 -13.07 -32.81
C GLN B 714 -11.66 -12.98 -33.57
N GLU B 715 -11.23 -11.76 -33.85
CA GLU B 715 -9.93 -11.54 -34.52
C GLU B 715 -8.75 -11.79 -33.59
N ASP B 716 -7.63 -12.21 -34.19
CA ASP B 716 -6.32 -12.21 -33.51
C ASP B 716 -6.14 -10.95 -32.70
N TYR B 717 -5.71 -11.10 -31.45
CA TYR B 717 -5.55 -9.97 -30.53
C TYR B 717 -4.38 -10.21 -29.57
N TRP B 718 -3.80 -9.10 -29.11
CA TRP B 718 -2.74 -9.07 -28.09
C TRP B 718 -3.31 -8.76 -26.67
N LEU B 719 -2.76 -9.45 -25.66
CA LEU B 719 -2.96 -9.07 -24.27
C LEU B 719 -1.64 -8.76 -23.53
N VAL B 720 -1.42 -7.53 -23.09
CA VAL B 720 -0.16 -7.20 -22.43
C VAL B 720 -0.37 -6.99 -20.91
N ASP B 721 0.57 -7.45 -20.06
CA ASP B 721 0.65 -6.92 -18.66
C ASP B 721 1.99 -6.49 -18.15
N LEU B 722 2.00 -5.66 -17.12
CA LEU B 722 3.26 -5.15 -16.61
C LEU B 722 3.22 -5.28 -15.11
N MET B 723 4.41 -5.23 -14.52
CA MET B 723 4.64 -5.77 -13.20
C MET B 723 5.82 -5.00 -12.58
N ALA B 724 5.80 -4.80 -11.26
CA ALA B 724 6.94 -4.16 -10.55
C ALA B 724 6.84 -4.46 -9.07
N ARG B 725 8.00 -4.67 -8.43
CA ARG B 725 8.10 -5.04 -7.04
C ARG B 725 9.25 -4.30 -6.41
N TYR B 726 9.01 -3.72 -5.24
CA TYR B 726 10.09 -3.02 -4.60
C TYR B 726 10.20 -3.49 -3.16
N GLN B 727 11.36 -4.03 -2.85
CA GLN B 727 11.72 -4.66 -1.60
C GLN B 727 12.16 -3.53 -0.63
N ILE B 728 11.17 -2.84 -0.06
CA ILE B 728 11.40 -1.65 0.79
C ILE B 728 12.24 -1.96 1.99
N THR B 729 12.12 -3.16 2.47
CA THR B 729 12.65 -3.55 3.74
C THR B 729 13.15 -4.95 3.46
N ASP B 730 13.93 -5.48 4.38
CA ASP B 730 14.37 -6.84 4.25
C ASP B 730 13.16 -7.82 4.33
N LYS B 731 12.12 -7.43 5.09
CA LYS B 731 10.93 -8.28 5.29
C LYS B 731 9.66 -7.71 4.64
N LEU B 732 9.72 -6.50 4.14
CA LEU B 732 8.54 -5.93 3.51
C LEU B 732 8.78 -5.53 2.07
N SER B 733 7.88 -6.00 1.20
CA SER B 733 7.93 -5.63 -0.21
C SER B 733 6.55 -5.20 -0.66
N ALA B 734 6.50 -4.24 -1.57
CA ALA B 734 5.26 -3.82 -2.25
C ALA B 734 5.33 -4.06 -3.78
N SER B 735 4.20 -4.46 -4.34
CA SER B 735 4.11 -4.85 -5.73
C SER B 735 2.95 -4.15 -6.40
N VAL B 736 2.99 -4.10 -7.73
CA VAL B 736 1.82 -3.79 -8.55
C VAL B 736 1.80 -4.63 -9.83
N ASN B 737 0.58 -5.06 -10.21
CA ASN B 737 0.32 -5.68 -11.50
C ASN B 737 -0.74 -4.93 -12.32
N VAL B 738 -0.38 -4.55 -13.54
CA VAL B 738 -1.43 -4.08 -14.47
C VAL B 738 -1.69 -5.17 -15.53
N ASN B 739 -2.95 -5.47 -15.80
CA ASN B 739 -3.33 -6.57 -16.72
C ASN B 739 -4.19 -6.04 -17.80
N ASN B 740 -3.91 -6.48 -19.02
CA ASN B 740 -4.60 -6.00 -20.22
C ASN B 740 -4.34 -4.48 -20.31
N VAL B 741 -3.06 -4.14 -20.39
CA VAL B 741 -2.64 -2.75 -20.36
C VAL B 741 -3.39 -1.92 -21.42
N PHE B 742 -3.69 -2.53 -22.56
CA PHE B 742 -4.25 -1.71 -23.62
C PHE B 742 -5.78 -1.79 -23.69
N ASP B 743 -6.43 -2.09 -22.56
CA ASP B 743 -7.89 -2.29 -22.48
C ASP B 743 -8.55 -3.00 -23.65
N LYS B 744 -7.83 -3.92 -24.27
CA LYS B 744 -8.43 -4.72 -25.35
C LYS B 744 -9.85 -5.27 -24.98
N THR B 745 -10.86 -4.99 -25.79
CA THR B 745 -12.16 -5.56 -25.50
C THR B 745 -12.27 -6.79 -26.40
N TYR B 746 -12.65 -7.93 -25.83
CA TYR B 746 -12.55 -9.15 -26.57
C TYR B 746 -13.48 -10.25 -26.05
N TYR B 747 -13.72 -11.29 -26.84
CA TYR B 747 -14.58 -12.36 -26.35
C TYR B 747 -13.85 -13.57 -25.77
N THR B 748 -14.39 -14.06 -24.66
CA THR B 748 -13.91 -15.29 -24.07
C THR B 748 -14.92 -16.38 -24.31
N ASN B 749 -16.09 -16.01 -24.88
CA ASN B 749 -17.17 -16.97 -25.23
C ASN B 749 -18.14 -16.46 -26.24
N ILE B 750 -18.39 -17.27 -27.27
CA ILE B 750 -19.47 -16.95 -28.21
C ILE B 750 -20.12 -18.18 -28.80
N GLY B 751 -21.38 -18.38 -28.52
CA GLY B 751 -22.08 -19.52 -29.10
C GLY B 751 -22.54 -20.54 -28.09
N PHE B 752 -22.00 -20.44 -26.87
CA PHE B 752 -22.30 -21.43 -25.84
C PHE B 752 -23.74 -21.18 -25.34
N TYR B 753 -24.70 -22.04 -25.78
CA TYR B 753 -26.12 -21.75 -25.65
C TYR B 753 -26.40 -20.32 -26.12
N THR B 754 -25.91 -19.98 -27.30
CA THR B 754 -26.30 -18.73 -27.98
C THR B 754 -26.10 -17.41 -27.19
N SER B 755 -24.87 -17.21 -26.72
CA SER B 755 -24.53 -16.16 -25.77
C SER B 755 -23.09 -15.74 -25.96
N ALA B 756 -22.70 -14.72 -25.22
CA ALA B 756 -21.32 -14.26 -25.25
C ALA B 756 -20.86 -13.72 -23.92
N SER B 757 -19.54 -13.70 -23.76
CA SER B 757 -18.88 -13.29 -22.55
C SER B 757 -17.63 -12.51 -22.92
N TYR B 758 -17.38 -11.41 -22.19
CA TYR B 758 -16.15 -10.61 -22.34
C TYR B 758 -14.93 -11.03 -21.48
N GLY B 759 -13.75 -10.74 -21.97
CA GLY B 759 -12.50 -10.93 -21.21
C GLY B 759 -12.38 -9.76 -20.26
N ASP B 760 -11.55 -9.92 -19.23
CA ASP B 760 -11.38 -8.83 -18.24
C ASP B 760 -10.84 -7.57 -18.88
N PRO B 761 -11.54 -6.46 -18.66
CA PRO B 761 -11.00 -5.13 -19.00
C PRO B 761 -9.71 -4.92 -18.22
N ARG B 762 -8.94 -3.87 -18.57
CA ARG B 762 -7.69 -3.49 -17.87
C ARG B 762 -7.95 -3.46 -16.39
N ASN B 763 -7.14 -4.17 -15.59
CA ASN B 763 -7.27 -4.15 -14.13
C ASN B 763 -5.93 -4.12 -13.38
N LEU B 764 -5.94 -3.66 -12.13
CA LEU B 764 -4.71 -3.49 -11.39
C LEU B 764 -4.77 -4.35 -10.15
N MET B 765 -3.62 -4.76 -9.65
CA MET B 765 -3.56 -5.37 -8.38
C MET B 765 -2.37 -4.84 -7.53
N PHE B 766 -2.71 -4.18 -6.42
CA PHE B 766 -1.69 -3.72 -5.45
C PHE B 766 -1.49 -4.65 -4.21
N SER B 767 -0.26 -5.09 -3.98
CA SER B 767 0.07 -6.11 -2.99
C SER B 767 1.15 -5.60 -2.05
N THR B 768 1.05 -5.94 -0.76
CA THR B 768 2.21 -5.84 0.14
C THR B 768 2.41 -7.15 0.83
N ARG B 769 3.63 -7.64 0.82
CA ARG B 769 3.94 -8.91 1.43
C ARG B 769 4.96 -8.66 2.52
N TRP B 770 4.69 -9.28 3.67
CA TRP B 770 5.55 -9.22 4.82
C TRP B 770 6.00 -10.62 5.09
N ASP B 771 7.31 -10.89 4.94
CA ASP B 771 7.86 -12.20 5.35
C ASP B 771 8.40 -12.04 6.75
N PHE B 772 7.92 -12.86 7.67
CA PHE B 772 8.68 -13.01 8.92
C PHE B 772 9.81 -14.02 8.73
N DSN C 1 -24.34 -31.60 -23.76
CA DSN C 1 -24.42 -33.08 -23.46
C DSN C 1 -23.98 -33.42 -22.03
O DSN C 1 -23.16 -34.32 -21.81
CB DSN C 1 -25.81 -33.64 -23.77
OG DSN C 1 -26.64 -33.66 -22.62
N LYS C 2 -24.51 -32.67 -21.06
CA LYS C 2 -24.17 -32.94 -19.69
C LYS C 2 -25.28 -33.66 -18.92
N GLY C 3 -26.45 -33.79 -19.56
CA GLY C 3 -27.62 -34.46 -19.00
C GLY C 3 -28.47 -33.54 -18.13
N FHO C 4 -27.99 -32.32 -17.91
CA FHO C 4 -28.58 -31.35 -16.99
CB FHO C 4 -27.59 -30.21 -16.85
CG FHO C 4 -27.49 -29.86 -15.39
CD FHO C 4 -27.30 -28.41 -15.03
NE FHO C 4 -26.43 -27.60 -15.90
OZ FHO C 4 -25.91 -27.93 -16.99
CZ FHO C 4 -26.25 -26.43 -15.43
OH FHO C 4 -25.58 -25.61 -16.02
C FHO C 4 -29.82 -30.67 -17.45
O FHO C 4 -29.78 -29.89 -18.39
N SER C 5 -30.95 -30.92 -16.81
CA SER C 5 -32.24 -30.23 -17.15
C SER C 5 -32.71 -30.29 -18.60
N DSN C 6 -33.05 -29.09 -19.15
CA DSN C 6 -33.42 -28.84 -20.57
C DSN C 6 -32.63 -29.58 -21.68
O DSN C 6 -33.16 -30.39 -22.45
CB DSN C 6 -34.92 -28.95 -20.80
OG DSN C 6 -35.47 -27.65 -20.85
N GLY C 7 -31.33 -29.31 -21.70
CA GLY C 7 -30.49 -29.41 -22.91
C GLY C 7 -30.70 -28.16 -23.78
N ORN C 8 -31.82 -27.45 -23.59
CA ORN C 8 -32.15 -26.34 -24.47
CB ORN C 8 -33.65 -26.30 -24.75
CG ORN C 8 -33.98 -25.38 -25.93
CD ORN C 8 -35.11 -24.37 -25.69
NE ORN C 8 -35.00 -23.68 -24.41
C ORN C 8 -31.72 -24.95 -24.00
O ORN C 8 -31.47 -24.08 -24.82
N FH7 C 9 -31.60 -24.73 -22.70
CA FH7 C 9 -31.29 -23.37 -22.23
CB FH7 C 9 -30.50 -23.31 -20.90
CG FH7 C 9 -29.23 -24.17 -20.80
CD FH7 C 9 -28.73 -24.11 -19.37
NE FH7 C 9 -27.40 -24.68 -19.12
OZ FH7 C 9 -27.25 -25.90 -19.12
CZ FH7 C 9 -26.42 -23.91 -18.88
OH FH7 C 9 -25.32 -24.38 -18.65
C FH7 C 9 -32.67 -22.83 -22.06
O FH7 C 9 -33.35 -23.26 -21.14
N SER C 10 -33.13 -21.94 -22.94
CA SER C 10 -34.57 -21.77 -23.04
C SER C 10 -35.10 -22.42 -24.34
C01 N8E D . -9.65 16.75 31.62
C02 N8E D . -9.06 15.70 30.68
C03 N8E D . -10.02 15.34 29.52
C04 N8E D . -9.41 14.47 28.41
C05 N8E D . -10.37 14.35 27.20
C06 N8E D . -9.92 13.32 26.15
C07 N8E D . -11.01 12.89 25.16
C08 N8E D . -10.75 11.49 24.56
O09 N8E D . -11.96 10.89 24.05
C10 N8E D . -11.93 10.35 22.71
C11 N8E D . -13.29 10.46 22.01
O12 N8E D . -13.20 10.22 20.59
C13 N8E D . -14.45 10.02 19.94
C14 N8E D . -14.14 9.24 18.68
O15 N8E D . -15.25 9.27 17.81
C16 N8E D . -15.70 7.96 17.48
C17 N8E D . -17.15 7.98 17.00
O18 N8E D . -17.54 6.70 16.46
C19 N8E D . -18.33 5.89 17.34
C20 N8E D . -18.76 4.62 16.59
O21 N8E D . -19.77 4.96 15.65
C22 N8E D . -21.09 4.99 16.24
C23 N8E D . -22.20 4.81 15.19
O24 N8E D . -21.92 5.65 14.05
C01 N8E E . 19.40 4.37 -3.35
C01 N8E E . -9.82 1.09 -17.29
C02 N8E E . 17.88 4.34 -3.51
C02 N8E E . -9.06 1.98 -16.33
C03 N8E E . 17.47 4.07 -4.96
C03 N8E E . -7.72 1.38 -15.92
C04 N8E E . 16.05 3.54 -5.16
C04 N8E E . -6.88 2.25 -15.01
C05 N8E E . 15.33 4.08 -6.43
C05 N8E E . -5.46 2.39 -15.56
C06 N8E E . 14.02 3.33 -6.71
C06 N8E E . -4.36 2.78 -14.56
C07 N8E E . 12.97 4.12 -7.52
C07 N8E E . -2.98 2.76 -15.21
C08 N8E E . 11.87 3.22 -8.09
C08 N8E E . -1.89 3.56 -14.47
O09 N8E E . 10.55 3.58 -7.63
O09 N8E E . -1.55 2.97 -13.18
C10 N8E E . 9.45 2.97 -8.33
C10 N8E E . -0.17 3.05 -12.77
C11 N8E E . 8.64 2.04 -7.41
C11 N8E E . 0.00 2.38 -11.40
O12 N8E E . 7.65 1.22 -8.10
O12 N8E E . 0.92 3.15 -10.61
C13 N8E E . 7.37 -0.06 -7.47
C13 N8E E . 0.59 3.30 -9.19
C14 N8E E . 5.89 -0.44 -7.61
C14 N8E E . 1.69 4.05 -8.40
O15 N8E E . 5.31 -0.77 -6.34
O15 N8E E . 1.52 3.94 -6.98
C16 N8E E . 3.90 -0.49 -6.26
C16 N8E E . 2.28 2.86 -6.40
C17 N8E E . 3.41 0.28 -5.02
C17 N8E E . 1.62 2.33 -5.13
O18 N8E E . 2.20 -0.32 -4.50
O18 N8E E . 2.48 1.52 -4.32
C19 N8E E . 1.84 -0.16 -3.09
C19 N8E E . 2.04 1.57 -2.91
C20 N8E E . 1.49 -1.42 -2.24
C20 N8E E . 2.62 0.58 -1.86
O21 N8E E . 0.08 -1.67 -2.09
O21 N8E E . 1.87 0.51 -0.62
C22 N8E E . -0.48 -1.92 -0.80
C22 N8E E . 2.27 -0.50 0.35
C23 N8E E . -1.66 -2.89 -0.92
C23 N8E E . 2.68 0.10 1.72
O24 N8E E . -2.65 -2.83 0.14
O24 N8E E . 2.41 -0.74 2.88
P PO4 F . 20.84 6.95 30.72
O1 PO4 F . 21.45 7.05 29.31
O2 PO4 F . 19.48 7.64 30.91
O3 PO4 F . 21.72 7.76 31.66
O4 PO4 F . 20.70 5.45 31.06
P PO4 G . 13.34 14.71 10.73
O1 PO4 G . 12.37 14.33 9.63
O2 PO4 G . 12.45 15.31 11.79
O3 PO4 G . 14.37 15.67 10.13
O4 PO4 G . 14.04 13.46 11.16
P PO4 H . -7.15 13.84 6.10
O1 PO4 H . -6.07 13.94 5.04
O2 PO4 H . -8.41 14.64 5.84
O3 PO4 H . -6.59 14.50 7.33
O4 PO4 H . -7.50 12.38 6.33
P PO4 I . 0.83 17.81 35.44
O1 PO4 I . 0.33 17.49 34.03
O2 PO4 I . 0.43 19.18 35.90
O3 PO4 I . 2.33 17.71 35.56
O4 PO4 I . 0.19 16.77 36.33
P PO4 J . -11.25 12.59 5.08
O1 PO4 J . -10.13 12.97 4.13
O2 PO4 J . -11.36 13.59 6.21
O3 PO4 J . -10.96 11.21 5.63
O4 PO4 J . -12.59 12.65 4.38
P PO4 K . -3.72 12.06 7.68
O1 PO4 K . -3.47 11.16 6.49
O2 PO4 K . -4.16 13.44 7.28
O3 PO4 K . -2.42 12.18 8.46
O4 PO4 K . -4.83 11.47 8.51
P PO4 L . -31.70 -20.25 -2.19
O1 PO4 L . -31.55 -19.70 -3.58
O2 PO4 L . -32.61 -21.46 -2.24
O3 PO4 L . -32.23 -19.08 -1.37
O4 PO4 L . -30.42 -20.79 -1.59
P PO4 M . -11.72 -16.00 -12.49
O1 PO4 M . -10.43 -15.21 -12.31
O2 PO4 M . -11.60 -17.40 -11.84
O3 PO4 M . -11.96 -16.12 -13.96
O4 PO4 M . -12.85 -15.19 -11.85
P PO4 N . 6.27 -18.68 -1.41
O1 PO4 N . 7.50 -18.97 -2.22
O2 PO4 N . 5.81 -19.94 -0.69
O3 PO4 N . 5.11 -18.17 -2.26
O4 PO4 N . 6.62 -17.66 -0.38
P PO4 O . -17.23 -36.89 5.14
O1 PO4 O . -16.01 -36.04 4.92
O2 PO4 O . -18.36 -36.21 4.40
O3 PO4 O . -17.62 -36.97 6.60
O4 PO4 O . -16.98 -38.29 4.64
O23 PVE P . -18.22 -26.66 -24.66
C22 PVE P . -17.01 -26.85 -24.98
O24 PVE P . -16.46 -26.30 -25.98
C21 PVE P . -16.14 -27.76 -24.13
C20 PVE P . -16.50 -29.24 -24.21
C18 PVE P . -17.57 -29.38 -23.47
O19 PVE P . -17.78 -30.44 -22.88
N17 PVE P . -18.44 -28.35 -23.62
C3 PVE P . -19.77 -28.35 -23.10
C4 PVE P . -20.11 -27.76 -21.86
C10 PVE P . -21.45 -27.78 -21.38
C5 PVE P . -21.76 -27.21 -20.16
C6 PVE P . -23.10 -27.22 -19.68
O25 PVE P . -23.46 -26.65 -18.48
C7 PVE P . -24.13 -27.80 -20.43
O26 PVE P . -25.38 -27.72 -19.87
C8 PVE P . -23.80 -28.39 -21.68
C9 PVE P . -22.47 -28.37 -22.16
N1 PVE P . -22.11 -28.92 -23.36
C14 PVE P . -23.15 -29.55 -24.20
C15 PVE P . -23.21 -30.99 -23.78
O16 PVE P . -22.19 -31.51 -23.30
C2 PVE P . -20.81 -28.92 -23.84
N11 PVE P . -20.46 -29.48 -25.03
C12 PVE P . -21.41 -30.17 -25.91
C13 PVE P . -22.73 -29.47 -25.66
FE FE Q . -25.47 -26.39 -18.27
#